data_7W43
#
_entry.id   7W43
#
_cell.length_a   143.333
_cell.length_b   84.176
_cell.length_c   180.222
_cell.angle_alpha   90.000
_cell.angle_beta   112.290
_cell.angle_gamma   90.000
#
_symmetry.space_group_name_H-M   'C 1 2 1'
#
_entity_poly.entity_id   1
_entity_poly.type   'polypeptide(L)'
_entity_poly.pdbx_seq_one_letter_code
;GSMTNIPFIYQYEEKENERAAAGYGTFGYLITRIEETLYDQYGVFYELYASDDPNTEYWELLVEDVRSGSLEPEHVAYIF
EKLEKKTFAYDEDEKEPDYTVHKSIRNSVYAYPEKGVAFARIPYFQDGSIMSFDCLFAVNDEKMRAFLEGVRPRLWEKSK
R
;
_entity_poly.pdbx_strand_id   A,B,C,D,E,F,G,H,I,J,K,L
#
# COMPACT_ATOMS: atom_id res chain seq x y z
N ILE A 6 -24.54 14.64 -36.65
CA ILE A 6 -24.35 14.84 -38.09
C ILE A 6 -23.06 15.63 -38.39
N PRO A 7 -22.79 16.74 -37.67
CA PRO A 7 -21.55 17.48 -37.95
C PRO A 7 -20.40 17.03 -37.05
N PHE A 8 -19.23 17.63 -37.26
CA PHE A 8 -18.03 17.31 -36.50
C PHE A 8 -17.42 18.59 -35.94
N ILE A 9 -16.95 18.51 -34.69
CA ILE A 9 -16.40 19.68 -34.02
C ILE A 9 -14.95 19.93 -34.46
N TYR A 10 -14.12 18.89 -34.43
CA TYR A 10 -12.69 19.04 -34.71
C TYR A 10 -12.45 18.74 -36.19
N GLN A 11 -11.90 19.73 -36.91
CA GLN A 11 -11.76 19.66 -38.36
C GLN A 11 -10.35 20.09 -38.78
N TYR A 12 -9.33 19.54 -38.14
CA TYR A 12 -7.96 19.83 -38.53
C TYR A 12 -7.58 18.99 -39.75
N GLU A 13 -7.04 19.63 -40.78
CA GLU A 13 -6.52 18.94 -41.94
C GLU A 13 -5.15 18.37 -41.56
N GLU A 14 -5.16 17.18 -40.97
CA GLU A 14 -3.93 16.60 -40.43
C GLU A 14 -2.90 16.43 -41.53
N LYS A 15 -1.66 16.77 -41.22
CA LYS A 15 -0.58 16.57 -42.17
C LYS A 15 -0.09 15.12 -42.09
N GLU A 16 0.56 14.68 -43.17
CA GLU A 16 0.89 13.26 -43.31
C GLU A 16 1.89 12.80 -42.26
N ASN A 17 2.74 13.70 -41.77
CA ASN A 17 3.72 13.33 -40.74
C ASN A 17 3.03 12.88 -39.46
N GLU A 18 1.84 13.39 -39.18
CA GLU A 18 1.12 13.05 -37.95
C GLU A 18 0.61 11.62 -37.97
N ARG A 19 0.66 10.93 -39.11
CA ARG A 19 0.18 9.55 -39.21
C ARG A 19 1.17 8.54 -38.68
N ALA A 20 2.40 8.95 -38.37
CA ALA A 20 3.41 8.03 -37.85
C ALA A 20 3.01 7.50 -36.48
N ALA A 21 3.57 6.35 -36.14
CA ALA A 21 3.31 5.70 -34.87
C ALA A 21 4.58 5.72 -34.02
N ALA A 22 4.40 5.95 -32.72
CA ALA A 22 5.55 6.06 -31.82
C ALA A 22 6.18 4.70 -31.59
N GLY A 23 7.51 4.65 -31.68
CA GLY A 23 8.26 3.44 -31.42
C GLY A 23 8.35 2.47 -32.58
N TYR A 24 7.50 2.62 -33.61
CA TYR A 24 7.52 1.67 -34.72
C TYR A 24 8.76 1.83 -35.59
N GLY A 25 9.24 3.06 -35.76
CA GLY A 25 10.39 3.29 -36.62
C GLY A 25 11.60 2.47 -36.19
N THR A 26 11.88 2.45 -34.89
CA THR A 26 12.98 1.64 -34.38
C THR A 26 12.65 0.16 -34.44
N PHE A 27 11.42 -0.21 -34.07
CA PHE A 27 11.02 -1.62 -34.11
C PHE A 27 11.05 -2.15 -35.53
N GLY A 28 10.45 -1.42 -36.47
CA GLY A 28 10.44 -1.87 -37.86
C GLY A 28 11.84 -2.04 -38.42
N TYR A 29 12.69 -1.04 -38.21
CA TYR A 29 14.08 -1.14 -38.68
C TYR A 29 14.82 -2.29 -38.02
N LEU A 30 14.65 -2.46 -36.71
CA LEU A 30 15.38 -3.48 -35.98
C LEU A 30 14.88 -4.88 -36.33
N ILE A 31 13.56 -5.07 -36.35
CA ILE A 31 13.00 -6.38 -36.70
C ILE A 31 13.34 -6.74 -38.14
N THR A 32 13.26 -5.77 -39.05
CA THR A 32 13.62 -6.05 -40.44
C THR A 32 15.07 -6.49 -40.56
N ARG A 33 15.97 -5.82 -39.83
CA ARG A 33 17.39 -6.13 -39.96
C ARG A 33 17.75 -7.43 -39.24
N ILE A 34 17.08 -7.72 -38.12
CA ILE A 34 17.27 -9.02 -37.49
C ILE A 34 16.83 -10.15 -38.42
N GLU A 35 15.74 -9.93 -39.15
CA GLU A 35 15.29 -10.92 -40.13
C GLU A 35 16.30 -11.06 -41.26
N GLU A 36 16.67 -9.94 -41.88
CA GLU A 36 17.66 -9.96 -42.96
C GLU A 36 18.93 -10.70 -42.55
N THR A 37 19.39 -10.47 -41.32
CA THR A 37 20.63 -11.09 -40.85
C THR A 37 20.47 -12.60 -40.70
N LEU A 38 19.31 -13.05 -40.22
CA LEU A 38 19.10 -14.48 -40.02
C LEU A 38 19.02 -15.23 -41.35
N TYR A 39 18.52 -14.58 -42.40
CA TYR A 39 18.53 -15.21 -43.72
C TYR A 39 19.95 -15.32 -44.28
N ASP A 40 20.75 -14.27 -44.10
CA ASP A 40 22.07 -14.23 -44.72
C ASP A 40 22.95 -15.38 -44.25
N GLN A 41 22.91 -15.70 -42.96
CA GLN A 41 23.79 -16.70 -42.37
C GLN A 41 23.13 -18.05 -42.17
N TYR A 42 21.83 -18.18 -42.48
CA TYR A 42 21.14 -19.45 -42.34
C TYR A 42 20.28 -19.80 -43.55
N GLY A 43 20.16 -18.92 -44.54
CA GLY A 43 19.48 -19.23 -45.77
C GLY A 43 17.98 -19.41 -45.68
N VAL A 44 17.38 -19.12 -44.52
CA VAL A 44 15.95 -19.34 -44.32
C VAL A 44 15.32 -18.06 -43.81
N PHE A 45 14.05 -17.86 -44.17
CA PHE A 45 13.30 -16.70 -43.72
C PHE A 45 12.73 -16.93 -42.33
N TYR A 46 12.88 -15.93 -41.47
CA TYR A 46 12.44 -15.99 -40.08
C TYR A 46 11.37 -14.91 -39.88
N GLU A 47 10.47 -15.13 -38.93
CA GLU A 47 9.42 -14.15 -38.67
C GLU A 47 9.12 -14.08 -37.18
N LEU A 48 8.55 -12.95 -36.78
CA LEU A 48 8.24 -12.70 -35.38
C LEU A 48 7.04 -13.52 -34.94
N TYR A 49 7.16 -14.17 -33.78
CA TYR A 49 6.06 -14.90 -33.17
C TYR A 49 5.63 -14.32 -31.84
N ALA A 50 6.49 -13.54 -31.18
CA ALA A 50 6.12 -12.82 -29.97
C ALA A 50 6.96 -11.55 -29.92
N SER A 51 6.29 -10.40 -29.76
CA SER A 51 7.00 -9.13 -29.79
C SER A 51 7.66 -8.82 -28.45
N ASP A 52 6.94 -9.04 -27.36
CA ASP A 52 7.50 -8.98 -26.01
C ASP A 52 7.01 -10.22 -25.28
N ASP A 53 7.86 -11.24 -25.23
CA ASP A 53 7.46 -12.55 -24.73
C ASP A 53 7.24 -12.52 -23.22
N PRO A 54 6.00 -12.73 -22.74
CA PRO A 54 5.80 -12.85 -21.29
C PRO A 54 6.44 -14.09 -20.71
N ASN A 55 6.72 -15.11 -21.52
CA ASN A 55 7.23 -16.37 -21.00
C ASN A 55 8.69 -16.25 -20.60
N THR A 56 9.08 -17.06 -19.61
CA THR A 56 10.41 -17.03 -19.05
C THR A 56 11.16 -18.35 -19.15
N GLU A 57 10.47 -19.48 -19.30
CA GLU A 57 11.12 -20.77 -19.13
C GLU A 57 12.10 -21.09 -20.27
N TYR A 58 11.67 -20.94 -21.52
CA TYR A 58 12.62 -21.21 -22.59
C TYR A 58 13.61 -20.08 -22.75
N TRP A 59 13.26 -18.86 -22.31
CA TRP A 59 14.23 -17.78 -22.30
C TRP A 59 15.34 -18.05 -21.28
N GLU A 60 14.97 -18.63 -20.13
CA GLU A 60 15.99 -19.02 -19.17
C GLU A 60 16.84 -20.17 -19.69
N LEU A 61 16.25 -21.09 -20.45
CA LEU A 61 17.04 -22.17 -21.04
C LEU A 61 18.11 -21.63 -21.97
N LEU A 62 17.81 -20.55 -22.68
CA LEU A 62 18.82 -19.96 -23.58
C LEU A 62 20.06 -19.56 -22.80
N VAL A 63 19.88 -18.86 -21.68
CA VAL A 63 21.04 -18.32 -20.99
C VAL A 63 21.89 -19.45 -20.42
N GLU A 64 21.27 -20.57 -20.04
CA GLU A 64 22.06 -21.70 -19.56
C GLU A 64 22.82 -22.37 -20.70
N ASP A 65 22.26 -22.34 -21.91
CA ASP A 65 22.96 -22.92 -23.05
C ASP A 65 24.15 -22.06 -23.46
N VAL A 66 24.03 -20.74 -23.37
CA VAL A 66 25.16 -19.86 -23.65
C VAL A 66 26.17 -19.93 -22.51
N ARG A 67 25.68 -20.01 -21.28
CA ARG A 67 26.58 -20.11 -20.12
C ARG A 67 27.36 -21.42 -20.13
N SER A 68 26.79 -22.48 -20.68
CA SER A 68 27.45 -23.79 -20.71
C SER A 68 28.14 -24.09 -22.04
N GLY A 69 28.30 -23.08 -22.90
CA GLY A 69 28.99 -23.27 -24.17
C GLY A 69 28.40 -24.33 -25.06
N SER A 70 27.09 -24.54 -25.00
CA SER A 70 26.47 -25.63 -25.73
C SER A 70 26.44 -25.33 -27.23
N LEU A 71 26.30 -26.39 -28.04
CA LEU A 71 26.09 -26.20 -29.47
C LEU A 71 24.71 -25.63 -29.76
N GLU A 72 23.77 -25.84 -28.86
CA GLU A 72 22.36 -25.54 -29.12
C GLU A 72 22.10 -24.11 -29.57
N PRO A 73 22.64 -23.07 -28.92
CA PRO A 73 22.47 -21.72 -29.45
C PRO A 73 23.66 -21.27 -30.28
N GLU A 74 23.42 -20.21 -31.05
CA GLU A 74 24.45 -19.66 -31.94
C GLU A 74 24.26 -18.16 -32.02
N HIS A 75 25.32 -17.41 -31.70
CA HIS A 75 25.25 -15.96 -31.64
C HIS A 75 25.32 -15.37 -33.05
N VAL A 76 24.18 -14.89 -33.54
CA VAL A 76 24.13 -14.36 -34.90
C VAL A 76 24.85 -13.01 -34.99
N ALA A 77 24.47 -12.08 -34.13
CA ALA A 77 25.07 -10.74 -34.16
C ALA A 77 24.73 -10.02 -32.86
N TYR A 78 25.20 -8.79 -32.76
CA TYR A 78 24.90 -7.90 -31.65
C TYR A 78 23.98 -6.80 -32.18
N ILE A 79 22.96 -6.45 -31.40
CA ILE A 79 21.96 -5.50 -31.88
C ILE A 79 22.52 -4.07 -31.86
N PHE A 80 23.07 -3.63 -30.74
CA PHE A 80 23.62 -2.29 -30.61
C PHE A 80 25.13 -2.38 -30.47
N GLU A 81 25.83 -1.43 -31.09
CA GLU A 81 27.29 -1.45 -31.09
C GLU A 81 27.85 -1.24 -29.69
N LYS A 82 27.44 -0.16 -29.02
CA LYS A 82 28.11 0.32 -27.82
C LYS A 82 27.41 -0.11 -26.53
N LEU A 83 26.50 -1.07 -26.60
CA LEU A 83 25.98 -1.69 -25.39
C LEU A 83 26.73 -3.00 -25.14
N GLU A 84 26.33 -3.72 -24.11
CA GLU A 84 27.09 -4.88 -23.66
C GLU A 84 27.20 -5.93 -24.77
N LYS A 85 28.44 -6.29 -25.08
CA LYS A 85 28.74 -7.41 -25.96
C LYS A 85 29.16 -8.65 -25.19
N LYS A 86 29.24 -8.54 -23.86
CA LYS A 86 29.54 -9.64 -22.97
C LYS A 86 28.76 -9.39 -21.68
N THR A 87 28.80 -10.34 -20.75
CA THR A 87 28.10 -10.20 -19.47
C THR A 87 28.55 -11.32 -18.54
N PHE A 88 28.09 -11.22 -17.30
CA PHE A 88 28.45 -12.17 -16.24
C PHE A 88 27.20 -12.52 -15.45
N ALA A 89 27.30 -13.56 -14.63
CA ALA A 89 26.13 -14.18 -14.02
C ALA A 89 26.13 -14.10 -12.50
N TYR A 90 26.94 -13.21 -11.92
CA TYR A 90 27.03 -13.13 -10.46
C TYR A 90 25.78 -12.50 -9.87
N ASP A 91 25.38 -13.01 -8.71
CA ASP A 91 24.28 -12.44 -7.94
C ASP A 91 24.69 -12.42 -6.48
N GLU A 92 24.72 -11.22 -5.89
CA GLU A 92 25.18 -11.08 -4.50
C GLU A 92 24.28 -11.84 -3.54
N ASP A 93 22.97 -11.88 -3.82
CA ASP A 93 22.02 -12.46 -2.88
C ASP A 93 22.19 -13.97 -2.77
N GLU A 94 22.65 -14.62 -3.83
CA GLU A 94 22.80 -16.07 -3.81
C GLU A 94 24.00 -16.47 -2.96
N LYS A 95 23.81 -17.50 -2.14
CA LYS A 95 24.89 -17.97 -1.27
C LYS A 95 26.00 -18.60 -2.10
N GLU A 96 25.66 -19.55 -2.98
CA GLU A 96 26.65 -20.25 -3.77
C GLU A 96 26.82 -19.53 -5.10
N PRO A 97 27.98 -18.95 -5.38
CA PRO A 97 28.09 -18.05 -6.53
C PRO A 97 28.27 -18.78 -7.85
N ASP A 98 28.06 -18.04 -8.93
CA ASP A 98 28.37 -18.47 -10.30
C ASP A 98 29.15 -17.33 -10.94
N TYR A 99 30.44 -17.57 -11.19
CA TYR A 99 31.33 -16.53 -11.71
C TYR A 99 31.50 -16.60 -13.23
N THR A 100 30.79 -17.50 -13.90
CA THR A 100 30.97 -17.69 -15.33
C THR A 100 30.64 -16.41 -16.09
N VAL A 101 31.60 -15.93 -16.88
CA VAL A 101 31.38 -14.82 -17.78
C VAL A 101 31.16 -15.37 -19.18
N HIS A 102 30.00 -15.07 -19.76
CA HIS A 102 29.69 -15.52 -21.11
C HIS A 102 29.51 -14.31 -22.01
N LYS A 103 28.80 -14.48 -23.12
CA LYS A 103 28.43 -13.37 -23.97
C LYS A 103 27.06 -12.86 -23.54
N SER A 104 26.65 -11.74 -24.14
CA SER A 104 25.48 -11.03 -23.67
C SER A 104 24.19 -11.68 -24.17
N ILE A 105 23.19 -11.76 -23.30
CA ILE A 105 21.85 -12.12 -23.72
C ILE A 105 21.12 -10.90 -24.27
N ARG A 106 20.99 -9.87 -23.45
CA ARG A 106 20.59 -8.56 -23.95
C ARG A 106 21.61 -8.09 -24.98
N ASN A 107 21.11 -7.35 -25.99
CA ASN A 107 21.91 -6.81 -27.10
C ASN A 107 22.37 -7.86 -28.09
N SER A 108 21.82 -9.08 -28.05
CA SER A 108 22.31 -10.17 -28.89
C SER A 108 21.15 -10.89 -29.57
N VAL A 109 21.48 -11.54 -30.67
CA VAL A 109 20.56 -12.39 -31.42
C VAL A 109 21.08 -13.82 -31.32
N TYR A 110 20.26 -14.72 -30.78
CA TYR A 110 20.65 -16.10 -30.54
C TYR A 110 19.68 -17.02 -31.27
N ALA A 111 20.21 -17.86 -32.16
CA ALA A 111 19.40 -18.72 -33.00
C ALA A 111 19.73 -20.17 -32.71
N TYR A 112 18.67 -20.99 -32.56
CA TYR A 112 18.78 -22.44 -32.55
C TYR A 112 18.61 -22.91 -33.98
N PRO A 113 19.70 -23.07 -34.76
CA PRO A 113 19.54 -23.30 -36.20
C PRO A 113 18.88 -24.64 -36.52
N GLU A 114 19.03 -25.65 -35.67
CA GLU A 114 18.40 -26.94 -35.95
C GLU A 114 16.91 -26.88 -35.65
N LYS A 115 16.52 -26.21 -34.57
CA LYS A 115 15.14 -26.10 -34.16
C LYS A 115 14.39 -25.00 -34.91
N GLY A 116 15.08 -24.20 -35.72
CA GLY A 116 14.45 -23.16 -36.49
C GLY A 116 13.86 -22.03 -35.67
N VAL A 117 14.39 -21.79 -34.47
CA VAL A 117 13.85 -20.78 -33.56
C VAL A 117 14.97 -19.82 -33.19
N ALA A 118 14.72 -18.53 -33.36
CA ALA A 118 15.70 -17.49 -33.07
C ALA A 118 15.18 -16.59 -31.97
N PHE A 119 16.04 -16.25 -31.03
CA PHE A 119 15.71 -15.38 -29.91
C PHE A 119 16.40 -14.05 -30.09
N ALA A 120 15.74 -12.97 -29.66
CA ALA A 120 16.35 -11.65 -29.66
C ALA A 120 15.84 -10.88 -28.46
N ARG A 121 16.77 -10.34 -27.66
CA ARG A 121 16.46 -9.52 -26.50
C ARG A 121 16.91 -8.10 -26.83
N ILE A 122 16.00 -7.32 -27.39
CA ILE A 122 16.32 -5.99 -27.89
C ILE A 122 16.34 -4.98 -26.75
N PRO A 123 17.46 -4.30 -26.52
CA PRO A 123 17.50 -3.27 -25.49
C PRO A 123 16.83 -1.98 -25.95
N TYR A 124 16.25 -1.27 -25.00
CA TYR A 124 15.67 0.03 -25.30
C TYR A 124 15.78 0.93 -24.08
N PHE A 125 15.90 2.22 -24.35
CA PHE A 125 15.96 3.25 -23.32
C PHE A 125 14.60 3.91 -23.21
N GLN A 126 13.93 3.71 -22.08
CA GLN A 126 12.82 4.57 -21.71
C GLN A 126 13.31 5.89 -21.15
N ASP A 127 14.60 6.18 -21.38
CA ASP A 127 15.37 7.23 -20.71
C ASP A 127 15.53 6.94 -19.22
N GLY A 128 14.52 6.33 -18.60
CA GLY A 128 14.59 6.02 -17.19
C GLY A 128 15.57 4.91 -16.85
N SER A 129 15.71 3.93 -17.75
CA SER A 129 16.58 2.79 -17.50
C SER A 129 16.86 2.08 -18.82
N ILE A 130 17.65 1.01 -18.73
CA ILE A 130 17.94 0.14 -19.86
C ILE A 130 17.02 -1.07 -19.73
N MET A 131 15.99 -1.13 -20.56
CA MET A 131 15.02 -2.20 -20.55
C MET A 131 15.15 -3.02 -21.83
N SER A 132 14.42 -4.13 -21.88
CA SER A 132 14.64 -5.10 -22.96
C SER A 132 13.32 -5.69 -23.47
N PHE A 133 13.22 -5.79 -24.79
CA PHE A 133 12.14 -6.50 -25.45
C PHE A 133 12.58 -7.94 -25.72
N ASP A 134 11.77 -8.91 -25.31
CA ASP A 134 12.06 -10.32 -25.57
C ASP A 134 11.29 -10.74 -26.82
N CYS A 135 11.95 -10.73 -27.96
CA CYS A 135 11.38 -11.15 -29.22
C CYS A 135 11.74 -12.60 -29.52
N LEU A 136 10.84 -13.29 -30.21
CA LEU A 136 11.02 -14.69 -30.56
C LEU A 136 10.73 -14.87 -32.04
N PHE A 137 11.67 -15.48 -32.75
CA PHE A 137 11.57 -15.68 -34.19
C PHE A 137 11.53 -17.17 -34.51
N ALA A 138 10.92 -17.50 -35.64
CA ALA A 138 10.83 -18.88 -36.10
C ALA A 138 10.57 -18.89 -37.60
N VAL A 139 10.90 -20.01 -38.23
CA VAL A 139 10.73 -20.13 -39.67
C VAL A 139 9.31 -20.53 -40.02
N ASN A 140 8.74 -21.48 -39.29
CA ASN A 140 7.39 -21.98 -39.58
C ASN A 140 6.75 -22.44 -38.28
N ASP A 141 5.49 -22.86 -38.38
CA ASP A 141 4.68 -23.13 -37.20
C ASP A 141 5.00 -24.48 -36.56
N GLU A 142 5.35 -25.49 -37.36
CA GLU A 142 5.68 -26.79 -36.78
C GLU A 142 7.06 -26.78 -36.12
N LYS A 143 8.01 -26.03 -36.68
CA LYS A 143 9.29 -25.83 -36.00
C LYS A 143 9.08 -25.13 -34.66
N MET A 144 8.14 -24.19 -34.61
CA MET A 144 7.81 -23.54 -33.34
C MET A 144 7.14 -24.53 -32.39
N ARG A 145 6.18 -25.30 -32.89
CA ARG A 145 5.48 -26.26 -32.06
C ARG A 145 6.45 -27.31 -31.50
N ALA A 146 7.44 -27.70 -32.29
CA ALA A 146 8.42 -28.68 -31.81
C ALA A 146 9.32 -28.09 -30.73
N PHE A 147 9.63 -26.80 -30.83
CA PHE A 147 10.41 -26.15 -29.78
C PHE A 147 9.63 -26.06 -28.48
N LEU A 148 8.41 -25.51 -28.55
CA LEU A 148 7.58 -25.36 -27.35
C LEU A 148 7.37 -26.68 -26.64
N GLU A 149 7.27 -27.77 -27.39
CA GLU A 149 7.12 -29.09 -26.77
C GLU A 149 8.42 -29.55 -26.15
N GLY A 150 9.55 -29.30 -26.81
CA GLY A 150 10.84 -29.75 -26.32
C GLY A 150 11.35 -29.01 -25.10
N VAL A 151 10.69 -27.92 -24.70
CA VAL A 151 11.20 -27.10 -23.59
C VAL A 151 11.22 -27.91 -22.30
N ARG A 152 10.12 -28.60 -21.99
CA ARG A 152 9.99 -29.27 -20.71
C ARG A 152 10.83 -30.55 -20.63
N PRO A 153 10.94 -31.35 -21.69
CA PRO A 153 11.92 -32.44 -21.64
C PRO A 153 13.35 -31.96 -21.46
N ARG A 154 13.72 -30.85 -22.10
CA ARG A 154 15.03 -30.25 -21.87
C ARG A 154 15.18 -29.79 -20.43
N LEU A 155 14.10 -29.30 -19.83
CA LEU A 155 14.14 -28.86 -18.43
C LEU A 155 14.31 -30.06 -17.49
N TRP A 156 13.63 -31.16 -17.79
CA TRP A 156 13.75 -32.38 -17.00
C TRP A 156 15.17 -32.94 -17.06
N GLU A 157 15.82 -32.82 -18.23
CA GLU A 157 17.20 -33.27 -18.35
C GLU A 157 18.15 -32.40 -17.53
N LYS A 158 17.89 -31.09 -17.49
CA LYS A 158 18.66 -30.20 -16.64
C LYS A 158 18.51 -30.56 -15.16
N SER A 159 17.36 -31.10 -14.77
CA SER A 159 17.14 -31.47 -13.38
C SER A 159 18.04 -32.62 -12.96
N LYS A 160 18.26 -33.59 -13.84
CA LYS A 160 19.13 -34.73 -13.55
C LYS A 160 20.57 -34.27 -13.35
N ILE B 6 -13.73 43.02 -20.76
CA ILE B 6 -12.75 42.40 -19.88
C ILE B 6 -11.62 41.78 -20.70
N PRO B 7 -10.39 42.15 -20.40
CA PRO B 7 -9.25 41.57 -21.10
C PRO B 7 -8.87 40.22 -20.51
N PHE B 8 -8.00 39.51 -21.23
CA PHE B 8 -7.51 38.21 -20.81
C PHE B 8 -6.00 38.26 -20.62
N ILE B 9 -5.52 37.53 -19.62
CA ILE B 9 -4.09 37.50 -19.31
C ILE B 9 -3.31 36.85 -20.44
N TYR B 10 -3.77 35.70 -20.91
CA TYR B 10 -3.09 34.96 -21.97
C TYR B 10 -3.47 35.55 -23.32
N GLN B 11 -2.46 35.82 -24.16
CA GLN B 11 -2.72 36.43 -25.47
C GLN B 11 -1.97 35.75 -26.62
N TYR B 12 -1.43 34.55 -26.42
CA TYR B 12 -0.66 33.95 -27.50
C TYR B 12 -1.57 33.47 -28.62
N GLU B 13 -0.99 33.36 -29.81
CA GLU B 13 -1.71 33.04 -31.03
C GLU B 13 -1.62 31.55 -31.31
N GLU B 14 -2.76 30.85 -31.30
CA GLU B 14 -2.76 29.42 -31.58
C GLU B 14 -2.46 29.19 -33.06
N LYS B 15 -1.44 28.39 -33.34
CA LYS B 15 -1.04 28.08 -34.69
C LYS B 15 -1.78 26.84 -35.21
N GLU B 16 -1.81 26.69 -36.53
CA GLU B 16 -2.55 25.59 -37.13
C GLU B 16 -1.88 24.25 -36.88
N ASN B 17 -0.54 24.23 -36.82
CA ASN B 17 0.11 22.98 -36.44
C ASN B 17 -0.04 22.72 -34.95
N GLU B 18 -0.15 23.78 -34.15
CA GLU B 18 -0.33 23.65 -32.71
C GLU B 18 -1.77 23.35 -32.31
N ARG B 19 -2.72 23.41 -33.25
CA ARG B 19 -4.10 23.08 -32.93
C ARG B 19 -4.35 21.58 -32.98
N ALA B 20 -3.38 20.80 -33.45
CA ALA B 20 -3.57 19.37 -33.66
C ALA B 20 -3.75 18.64 -32.34
N ALA B 21 -4.59 17.62 -32.37
CA ALA B 21 -4.71 16.70 -31.25
C ALA B 21 -3.54 15.72 -31.22
N ALA B 22 -3.20 15.25 -30.03
CA ALA B 22 -2.03 14.42 -29.81
C ALA B 22 -2.41 12.95 -29.90
N GLY B 23 -1.87 12.26 -30.91
CA GLY B 23 -2.11 10.84 -31.09
C GLY B 23 -3.35 10.49 -31.86
N TYR B 24 -4.20 11.47 -32.20
CA TYR B 24 -5.41 11.17 -32.96
C TYR B 24 -5.08 10.85 -34.41
N GLY B 25 -4.04 11.49 -34.96
CA GLY B 25 -3.71 11.27 -36.36
C GLY B 25 -3.41 9.83 -36.69
N THR B 26 -2.77 9.11 -35.77
CA THR B 26 -2.50 7.70 -35.97
C THR B 26 -3.73 6.84 -35.72
N PHE B 27 -4.48 7.15 -34.67
CA PHE B 27 -5.70 6.38 -34.38
C PHE B 27 -6.72 6.57 -35.49
N GLY B 28 -6.92 7.81 -35.94
CA GLY B 28 -7.84 8.05 -37.04
C GLY B 28 -7.39 7.38 -38.33
N TYR B 29 -6.12 7.59 -38.70
CA TYR B 29 -5.56 6.92 -39.88
C TYR B 29 -5.79 5.42 -39.85
N LEU B 30 -5.48 4.79 -38.71
CA LEU B 30 -5.64 3.35 -38.59
C LEU B 30 -7.10 2.94 -38.71
N ILE B 31 -7.99 3.68 -38.02
CA ILE B 31 -9.42 3.35 -38.08
C ILE B 31 -9.94 3.56 -39.50
N THR B 32 -9.56 4.67 -40.15
CA THR B 32 -9.96 4.89 -41.54
C THR B 32 -9.49 3.75 -42.43
N ARG B 33 -8.23 3.34 -42.28
CA ARG B 33 -7.69 2.28 -43.11
C ARG B 33 -8.33 0.93 -42.80
N ILE B 34 -8.78 0.73 -41.56
CA ILE B 34 -9.53 -0.48 -41.23
C ILE B 34 -10.86 -0.48 -41.96
N GLU B 35 -11.60 0.63 -41.88
CA GLU B 35 -12.90 0.72 -42.54
C GLU B 35 -12.75 0.61 -44.06
N GLU B 36 -11.67 1.15 -44.61
CA GLU B 36 -11.42 1.02 -46.04
C GLU B 36 -11.07 -0.42 -46.41
N THR B 37 -10.42 -1.16 -45.51
CA THR B 37 -10.03 -2.52 -45.80
C THR B 37 -11.23 -3.46 -45.83
N LEU B 38 -12.15 -3.29 -44.87
CA LEU B 38 -13.33 -4.16 -44.81
C LEU B 38 -14.23 -3.96 -46.02
N TYR B 39 -14.39 -2.70 -46.45
CA TYR B 39 -15.24 -2.43 -47.61
C TYR B 39 -14.64 -3.01 -48.87
N ASP B 40 -13.32 -2.96 -49.02
CA ASP B 40 -12.65 -3.55 -50.17
C ASP B 40 -12.72 -5.07 -50.17
N GLN B 41 -13.18 -5.69 -49.08
CA GLN B 41 -13.28 -7.13 -48.98
C GLN B 41 -14.69 -7.64 -48.72
N TYR B 42 -15.58 -6.81 -48.16
CA TYR B 42 -16.92 -7.26 -47.84
C TYR B 42 -18.02 -6.37 -48.42
N GLY B 43 -17.68 -5.24 -49.04
CA GLY B 43 -18.65 -4.42 -49.74
C GLY B 43 -19.59 -3.62 -48.87
N VAL B 44 -19.38 -3.59 -47.55
CA VAL B 44 -20.27 -2.90 -46.63
C VAL B 44 -19.44 -2.03 -45.69
N PHE B 45 -20.10 -1.01 -45.12
CA PHE B 45 -19.44 -0.02 -44.28
C PHE B 45 -19.54 -0.44 -42.82
N TYR B 46 -18.40 -0.71 -42.20
CA TYR B 46 -18.33 -0.91 -40.76
C TYR B 46 -18.02 0.41 -40.06
N GLU B 47 -18.47 0.54 -38.82
CA GLU B 47 -18.19 1.73 -38.01
C GLU B 47 -17.64 1.31 -36.66
N LEU B 48 -16.98 2.25 -36.00
CA LEU B 48 -16.38 2.00 -34.70
C LEU B 48 -17.45 2.10 -33.61
N TYR B 49 -17.63 1.02 -32.85
CA TYR B 49 -18.57 1.00 -31.72
C TYR B 49 -17.88 0.86 -30.38
N ALA B 50 -16.58 0.56 -30.36
CA ALA B 50 -15.79 0.53 -29.15
C ALA B 50 -14.36 0.92 -29.50
N SER B 51 -13.75 1.72 -28.63
CA SER B 51 -12.40 2.21 -28.88
C SER B 51 -11.38 1.35 -28.16
N ASP B 52 -11.29 1.49 -26.84
CA ASP B 52 -10.60 0.54 -25.98
C ASP B 52 -11.68 -0.23 -25.24
N ASP B 53 -11.88 -1.50 -25.63
CA ASP B 53 -13.01 -2.27 -25.12
C ASP B 53 -12.66 -2.87 -23.77
N PRO B 54 -13.36 -2.48 -22.69
CA PRO B 54 -13.12 -3.14 -21.39
C PRO B 54 -13.69 -4.53 -21.31
N ASN B 55 -14.65 -4.88 -22.17
CA ASN B 55 -15.29 -6.18 -22.11
C ASN B 55 -14.34 -7.27 -22.61
N THR B 56 -14.41 -8.44 -21.98
CA THR B 56 -13.50 -9.53 -22.25
C THR B 56 -14.17 -10.78 -22.82
N GLU B 57 -15.45 -11.02 -22.51
CA GLU B 57 -16.06 -12.31 -22.81
C GLU B 57 -16.12 -12.57 -24.31
N TYR B 58 -16.61 -11.61 -25.10
CA TYR B 58 -16.68 -11.87 -26.53
C TYR B 58 -15.32 -11.74 -27.20
N TRP B 59 -14.34 -11.12 -26.54
CA TRP B 59 -12.98 -11.15 -27.08
C TRP B 59 -12.34 -12.52 -26.88
N GLU B 60 -12.60 -13.16 -25.73
CA GLU B 60 -12.08 -14.50 -25.51
C GLU B 60 -12.76 -15.53 -26.41
N LEU B 61 -14.04 -15.30 -26.72
CA LEU B 61 -14.70 -16.17 -27.70
C LEU B 61 -14.06 -16.00 -29.08
N LEU B 62 -13.57 -14.80 -29.39
CA LEU B 62 -12.88 -14.60 -30.67
C LEU B 62 -11.58 -15.39 -30.72
N VAL B 63 -10.77 -15.31 -29.65
CA VAL B 63 -9.50 -16.02 -29.65
C VAL B 63 -9.74 -17.53 -29.60
N GLU B 64 -10.78 -17.97 -28.91
CA GLU B 64 -11.14 -19.38 -28.92
C GLU B 64 -11.48 -19.84 -30.33
N ASP B 65 -12.23 -19.03 -31.07
CA ASP B 65 -12.61 -19.40 -32.44
C ASP B 65 -11.40 -19.52 -33.34
N VAL B 66 -10.48 -18.55 -33.26
CA VAL B 66 -9.29 -18.58 -34.11
C VAL B 66 -8.36 -19.71 -33.70
N ARG B 67 -8.22 -19.95 -32.39
CA ARG B 67 -7.41 -21.06 -31.92
C ARG B 67 -8.00 -22.40 -32.36
N SER B 68 -9.32 -22.52 -32.32
CA SER B 68 -9.99 -23.78 -32.61
C SER B 68 -10.15 -24.06 -34.09
N GLY B 69 -9.43 -23.36 -34.96
CA GLY B 69 -9.56 -23.60 -36.38
C GLY B 69 -10.92 -23.30 -36.97
N SER B 70 -11.74 -22.51 -36.28
CA SER B 70 -13.04 -22.12 -36.83
C SER B 70 -12.86 -21.20 -38.04
N LEU B 71 -13.81 -21.29 -38.96
CA LEU B 71 -13.88 -20.36 -40.09
C LEU B 71 -14.79 -19.18 -39.79
N GLU B 72 -15.37 -19.12 -38.60
CA GLU B 72 -16.29 -18.04 -38.26
C GLU B 72 -15.61 -16.68 -38.26
N PRO B 73 -14.49 -16.47 -37.55
CA PRO B 73 -13.74 -15.22 -37.75
C PRO B 73 -12.84 -15.34 -38.97
N GLU B 74 -12.87 -14.32 -39.83
CA GLU B 74 -12.05 -14.28 -41.02
C GLU B 74 -10.99 -13.20 -40.84
N HIS B 75 -9.72 -13.61 -40.91
CA HIS B 75 -8.62 -12.66 -40.85
C HIS B 75 -8.67 -11.74 -42.06
N VAL B 76 -8.80 -10.44 -41.82
CA VAL B 76 -8.94 -9.46 -42.89
C VAL B 76 -7.60 -8.87 -43.29
N ALA B 77 -6.79 -8.44 -42.33
CA ALA B 77 -5.53 -7.78 -42.62
C ALA B 77 -4.68 -7.77 -41.36
N TYR B 78 -3.42 -7.40 -41.54
CA TYR B 78 -2.48 -7.19 -40.45
C TYR B 78 -2.29 -5.69 -40.27
N ILE B 79 -2.31 -5.23 -39.02
CA ILE B 79 -2.24 -3.79 -38.78
C ILE B 79 -0.84 -3.27 -39.07
N PHE B 80 0.17 -3.82 -38.41
CA PHE B 80 1.55 -3.41 -38.61
C PHE B 80 2.33 -4.52 -39.30
N GLU B 81 3.27 -4.14 -40.16
CA GLU B 81 3.92 -5.12 -41.02
C GLU B 81 4.96 -5.95 -40.29
N LYS B 82 5.74 -5.34 -39.41
CA LYS B 82 6.85 -6.01 -38.75
C LYS B 82 6.56 -6.39 -37.30
N LEU B 83 5.31 -6.28 -36.86
CA LEU B 83 4.92 -6.82 -35.57
C LEU B 83 4.52 -8.28 -35.73
N GLU B 84 4.13 -8.90 -34.61
CA GLU B 84 3.77 -10.31 -34.61
C GLU B 84 2.71 -10.60 -35.67
N LYS B 85 2.98 -11.61 -36.50
CA LYS B 85 2.03 -12.05 -37.50
C LYS B 85 1.51 -13.45 -37.22
N LYS B 86 2.04 -14.11 -36.21
CA LYS B 86 1.50 -15.36 -35.68
C LYS B 86 1.80 -15.39 -34.19
N THR B 87 1.13 -16.30 -33.48
CA THR B 87 1.27 -16.39 -32.03
C THR B 87 0.99 -17.82 -31.58
N PHE B 88 1.30 -18.09 -30.31
CA PHE B 88 1.02 -19.37 -29.69
C PHE B 88 0.42 -19.13 -28.30
N ALA B 89 0.06 -20.21 -27.61
CA ALA B 89 -0.69 -20.13 -26.36
C ALA B 89 -0.02 -20.98 -25.28
N TYR B 90 1.22 -20.63 -24.93
CA TYR B 90 2.00 -21.35 -23.94
C TYR B 90 2.09 -20.51 -22.68
N ASP B 91 1.46 -20.98 -21.60
CA ASP B 91 1.58 -20.37 -20.28
C ASP B 91 2.25 -21.38 -19.36
N GLU B 92 3.37 -20.97 -18.76
CA GLU B 92 4.10 -21.87 -17.86
C GLU B 92 3.26 -22.23 -16.64
N ASP B 93 2.44 -21.29 -16.16
CA ASP B 93 1.62 -21.56 -14.98
C ASP B 93 0.52 -22.57 -15.29
N GLU B 94 0.10 -22.66 -16.55
CA GLU B 94 -0.82 -23.71 -16.95
C GLU B 94 -0.17 -25.07 -16.78
N LYS B 95 -0.83 -25.96 -16.04
CA LYS B 95 -0.23 -27.27 -15.76
C LYS B 95 -0.14 -28.12 -17.02
N GLU B 96 -1.16 -28.07 -17.87
CA GLU B 96 -1.15 -28.83 -19.11
C GLU B 96 -1.05 -27.86 -20.30
N PRO B 97 0.04 -27.87 -21.05
CA PRO B 97 0.25 -26.84 -22.07
C PRO B 97 -0.50 -27.15 -23.36
N ASP B 98 -1.07 -26.09 -23.94
CA ASP B 98 -1.58 -26.12 -25.30
C ASP B 98 -0.54 -25.43 -26.19
N TYR B 99 -0.10 -26.13 -27.23
CA TYR B 99 0.96 -25.64 -28.09
C TYR B 99 0.45 -25.13 -29.43
N THR B 100 -0.85 -24.89 -29.54
CA THR B 100 -1.45 -24.49 -30.81
C THR B 100 -0.83 -23.19 -31.31
N VAL B 101 -0.43 -23.19 -32.58
CA VAL B 101 0.13 -22.00 -33.23
C VAL B 101 -0.93 -21.49 -34.20
N HIS B 102 -1.51 -20.34 -33.90
CA HIS B 102 -2.52 -19.72 -34.75
C HIS B 102 -2.00 -18.38 -35.25
N LYS B 103 -2.83 -17.70 -36.04
CA LYS B 103 -2.51 -16.34 -36.46
C LYS B 103 -2.70 -15.39 -35.28
N SER B 104 -2.07 -14.22 -35.40
CA SER B 104 -2.05 -13.27 -34.31
C SER B 104 -3.45 -12.73 -34.02
N ILE B 105 -3.73 -12.48 -32.75
CA ILE B 105 -4.90 -11.71 -32.36
C ILE B 105 -4.55 -10.22 -32.25
N ARG B 106 -3.50 -9.92 -31.50
CA ARG B 106 -2.91 -8.59 -31.54
C ARG B 106 -2.23 -8.38 -32.88
N ASN B 107 -2.37 -7.16 -33.43
CA ASN B 107 -1.88 -6.74 -34.75
C ASN B 107 -2.75 -7.30 -35.87
N SER B 108 -3.93 -7.82 -35.59
CA SER B 108 -4.77 -8.44 -36.61
C SER B 108 -6.19 -7.90 -36.53
N VAL B 109 -6.84 -7.86 -37.69
CA VAL B 109 -8.24 -7.47 -37.81
C VAL B 109 -9.03 -8.71 -38.21
N TYR B 110 -9.99 -9.09 -37.36
CA TYR B 110 -10.83 -10.26 -37.60
C TYR B 110 -12.26 -9.80 -37.84
N ALA B 111 -12.99 -10.57 -38.65
CA ALA B 111 -14.34 -10.18 -39.02
C ALA B 111 -15.28 -11.38 -38.97
N TYR B 112 -16.48 -11.15 -38.41
CA TYR B 112 -17.61 -12.06 -38.49
C TYR B 112 -18.56 -11.51 -39.54
N PRO B 113 -18.50 -11.96 -40.80
CA PRO B 113 -19.29 -11.30 -41.84
C PRO B 113 -20.79 -11.49 -41.68
N GLU B 114 -21.24 -12.69 -41.33
CA GLU B 114 -22.67 -12.92 -41.16
C GLU B 114 -23.20 -12.18 -39.94
N LYS B 115 -22.40 -12.10 -38.88
CA LYS B 115 -22.80 -11.40 -37.67
C LYS B 115 -22.69 -9.89 -37.81
N GLY B 116 -21.95 -9.41 -38.81
CA GLY B 116 -21.82 -7.98 -39.04
C GLY B 116 -20.89 -7.26 -38.10
N VAL B 117 -20.02 -7.98 -37.39
CA VAL B 117 -19.17 -7.42 -36.36
C VAL B 117 -17.71 -7.68 -36.74
N ALA B 118 -16.86 -6.69 -36.52
CA ALA B 118 -15.43 -6.79 -36.81
C ALA B 118 -14.62 -6.52 -35.55
N PHE B 119 -13.47 -7.17 -35.47
CA PHE B 119 -12.58 -7.10 -34.32
C PHE B 119 -11.21 -6.57 -34.73
N ALA B 120 -10.62 -5.72 -33.91
CA ALA B 120 -9.30 -5.19 -34.17
C ALA B 120 -8.56 -4.98 -32.85
N ARG B 121 -7.33 -5.50 -32.78
CA ARG B 121 -6.47 -5.35 -31.61
C ARG B 121 -5.25 -4.53 -32.04
N ILE B 122 -5.34 -3.21 -31.87
CA ILE B 122 -4.34 -2.30 -32.38
C ILE B 122 -3.20 -2.13 -31.38
N PRO B 123 -1.96 -2.38 -31.77
CA PRO B 123 -0.84 -2.27 -30.83
C PRO B 123 -0.26 -0.87 -30.77
N TYR B 124 0.40 -0.58 -29.64
CA TYR B 124 1.05 0.70 -29.44
C TYR B 124 2.15 0.55 -28.41
N PHE B 125 3.07 1.53 -28.41
CA PHE B 125 4.24 1.53 -27.53
C PHE B 125 4.05 2.60 -26.46
N GLN B 126 4.09 2.19 -25.20
CA GLN B 126 3.92 3.13 -24.09
C GLN B 126 4.79 2.69 -22.92
N ASP B 127 5.66 3.59 -22.47
CA ASP B 127 6.56 3.35 -21.34
C ASP B 127 7.26 2.00 -21.47
N GLY B 128 7.76 1.72 -22.67
CA GLY B 128 8.48 0.50 -22.91
C GLY B 128 7.63 -0.60 -23.52
N SER B 129 6.78 -1.22 -22.69
CA SER B 129 6.04 -2.40 -23.09
C SER B 129 5.08 -2.09 -24.24
N ILE B 130 4.75 -3.14 -24.99
CA ILE B 130 3.76 -3.06 -26.07
C ILE B 130 2.40 -3.42 -25.50
N MET B 131 1.42 -2.56 -25.76
CA MET B 131 0.04 -2.77 -25.32
C MET B 131 -0.86 -2.82 -26.54
N SER B 132 -2.17 -2.86 -26.31
CA SER B 132 -3.10 -3.01 -27.42
C SER B 132 -4.45 -2.38 -27.09
N PHE B 133 -4.99 -1.62 -28.05
CA PHE B 133 -6.37 -1.16 -28.01
C PHE B 133 -7.28 -2.21 -28.64
N ASP B 134 -8.25 -2.69 -27.89
CA ASP B 134 -9.26 -3.60 -28.43
C ASP B 134 -10.38 -2.78 -29.06
N CYS B 135 -10.43 -2.77 -30.39
CA CYS B 135 -11.43 -2.03 -31.13
C CYS B 135 -12.51 -2.97 -31.65
N LEU B 136 -13.75 -2.51 -31.63
CA LEU B 136 -14.89 -3.29 -32.08
C LEU B 136 -15.66 -2.51 -33.14
N PHE B 137 -15.92 -3.16 -34.27
CA PHE B 137 -16.57 -2.52 -35.41
C PHE B 137 -17.90 -3.22 -35.70
N ALA B 138 -18.76 -2.52 -36.43
CA ALA B 138 -20.09 -3.05 -36.75
C ALA B 138 -20.65 -2.35 -37.98
N VAL B 139 -21.44 -3.11 -38.74
CA VAL B 139 -22.11 -2.55 -39.91
C VAL B 139 -23.23 -1.60 -39.48
N ASN B 140 -24.09 -2.06 -38.57
CA ASN B 140 -25.23 -1.28 -38.12
C ASN B 140 -25.59 -1.71 -36.71
N ASP B 141 -26.53 -0.99 -36.09
CA ASP B 141 -26.80 -1.18 -34.68
C ASP B 141 -27.48 -2.52 -34.40
N GLU B 142 -28.34 -2.98 -35.30
CA GLU B 142 -29.03 -4.25 -35.06
C GLU B 142 -28.06 -5.42 -35.20
N LYS B 143 -27.07 -5.31 -36.09
CA LYS B 143 -25.99 -6.29 -36.12
C LYS B 143 -25.31 -6.39 -34.76
N MET B 144 -25.02 -5.24 -34.14
CA MET B 144 -24.37 -5.23 -32.84
C MET B 144 -25.25 -5.83 -31.76
N ARG B 145 -26.52 -5.42 -31.70
CA ARG B 145 -27.41 -5.92 -30.66
C ARG B 145 -27.56 -7.43 -30.73
N ALA B 146 -27.58 -7.99 -31.94
CA ALA B 146 -27.64 -9.44 -32.08
C ALA B 146 -26.36 -10.10 -31.60
N PHE B 147 -25.21 -9.51 -31.93
CA PHE B 147 -23.94 -10.07 -31.46
C PHE B 147 -23.86 -10.07 -29.94
N LEU B 148 -24.18 -8.94 -29.31
CA LEU B 148 -24.17 -8.86 -27.86
C LEU B 148 -25.14 -9.88 -27.25
N GLU B 149 -26.32 -10.03 -27.85
CA GLU B 149 -27.28 -11.01 -27.38
C GLU B 149 -26.81 -12.44 -27.60
N GLY B 150 -25.91 -12.67 -28.57
CA GLY B 150 -25.41 -14.00 -28.83
C GLY B 150 -24.19 -14.40 -28.04
N VAL B 151 -23.55 -13.46 -27.34
CA VAL B 151 -22.31 -13.76 -26.62
C VAL B 151 -22.55 -14.82 -25.56
N ARG B 152 -23.47 -14.57 -24.65
CA ARG B 152 -23.69 -15.47 -23.52
C ARG B 152 -24.29 -16.80 -23.97
N PRO B 153 -25.20 -16.83 -24.95
CA PRO B 153 -25.59 -18.15 -25.50
C PRO B 153 -24.43 -18.95 -26.07
N ARG B 154 -23.54 -18.31 -26.85
CA ARG B 154 -22.40 -19.03 -27.40
C ARG B 154 -21.49 -19.57 -26.29
N LEU B 155 -21.43 -18.86 -25.15
CA LEU B 155 -20.66 -19.36 -24.02
C LEU B 155 -21.33 -20.57 -23.39
N TRP B 156 -22.66 -20.61 -23.38
CA TRP B 156 -23.38 -21.75 -22.83
C TRP B 156 -23.15 -23.01 -23.67
N GLU B 157 -23.15 -22.87 -25.00
CA GLU B 157 -22.80 -23.99 -25.87
C GLU B 157 -21.36 -24.44 -25.63
N LYS B 158 -20.44 -23.48 -25.48
CA LYS B 158 -19.04 -23.82 -25.28
C LYS B 158 -18.83 -24.62 -24.00
N SER B 159 -19.61 -24.33 -22.96
CA SER B 159 -19.51 -25.08 -21.70
C SER B 159 -20.24 -26.40 -21.76
N LYS B 160 -21.25 -26.53 -22.61
CA LYS B 160 -21.97 -27.79 -22.77
C LYS B 160 -21.11 -28.84 -23.47
N ILE C 6 18.95 41.19 -6.77
CA ILE C 6 18.91 42.03 -7.96
C ILE C 6 19.41 41.28 -9.21
N PRO C 7 20.55 40.57 -9.13
CA PRO C 7 20.96 39.77 -10.28
C PRO C 7 20.11 38.51 -10.44
N PHE C 8 19.96 38.07 -11.68
CA PHE C 8 19.15 36.91 -12.01
C PHE C 8 20.01 35.88 -12.74
N ILE C 9 19.98 34.64 -12.23
CA ILE C 9 20.78 33.57 -12.81
C ILE C 9 20.31 33.26 -14.23
N TYR C 10 19.01 33.07 -14.40
CA TYR C 10 18.44 32.66 -15.68
C TYR C 10 18.26 33.89 -16.56
N GLN C 11 19.02 33.97 -17.65
CA GLN C 11 18.97 35.09 -18.57
C GLN C 11 18.62 34.64 -20.00
N TYR C 12 17.98 33.48 -20.13
CA TYR C 12 17.61 32.97 -21.44
C TYR C 12 16.42 33.74 -22.00
N GLU C 13 16.52 34.11 -23.27
CA GLU C 13 15.45 34.82 -23.97
C GLU C 13 14.56 33.80 -24.67
N GLU C 14 13.34 33.64 -24.18
CA GLU C 14 12.45 32.62 -24.71
C GLU C 14 11.96 33.00 -26.10
N LYS C 15 11.89 32.00 -26.97
CA LYS C 15 11.13 32.13 -28.21
C LYS C 15 9.65 32.26 -27.86
N GLU C 16 8.91 32.97 -28.71
CA GLU C 16 7.49 33.18 -28.40
C GLU C 16 6.70 31.88 -28.41
N ASN C 17 7.11 30.91 -29.24
CA ASN C 17 6.40 29.64 -29.27
C ASN C 17 6.50 28.92 -27.93
N GLU C 18 7.58 29.14 -27.18
CA GLU C 18 7.74 28.51 -25.88
C GLU C 18 6.81 29.12 -24.84
N ARG C 19 6.28 30.31 -25.09
CA ARG C 19 5.27 30.91 -24.23
C ARG C 19 3.89 30.29 -24.42
N ALA C 20 3.76 29.31 -25.32
CA ALA C 20 2.48 28.65 -25.53
C ALA C 20 2.15 27.72 -24.38
N ALA C 21 0.90 27.74 -23.94
CA ALA C 21 0.42 26.81 -22.95
C ALA C 21 0.42 25.39 -23.51
N ALA C 22 0.34 24.42 -22.59
CA ALA C 22 0.40 23.00 -22.94
C ALA C 22 -1.03 22.51 -23.18
N GLY C 23 -1.40 22.35 -24.44
CA GLY C 23 -2.68 21.78 -24.79
C GLY C 23 -3.84 22.75 -24.88
N TYR C 24 -3.63 24.02 -24.54
CA TYR C 24 -4.73 24.98 -24.62
C TYR C 24 -5.20 25.22 -26.04
N GLY C 25 -4.36 24.95 -27.04
CA GLY C 25 -4.80 25.11 -28.42
C GLY C 25 -5.92 24.15 -28.79
N THR C 26 -5.74 22.87 -28.45
CA THR C 26 -6.77 21.87 -28.72
C THR C 26 -8.05 22.19 -27.98
N PHE C 27 -7.95 22.40 -26.67
CA PHE C 27 -9.13 22.71 -25.87
C PHE C 27 -9.82 23.97 -26.40
N GLY C 28 -9.03 24.97 -26.80
CA GLY C 28 -9.62 26.21 -27.27
C GLY C 28 -10.36 26.05 -28.58
N TYR C 29 -9.75 25.38 -29.56
CA TYR C 29 -10.43 25.15 -30.82
C TYR C 29 -11.69 24.32 -30.61
N LEU C 30 -11.62 23.32 -29.74
CA LEU C 30 -12.79 22.47 -29.50
C LEU C 30 -13.90 23.22 -28.80
N ILE C 31 -13.57 24.02 -27.78
CA ILE C 31 -14.59 24.79 -27.08
C ILE C 31 -15.22 25.80 -28.02
N THR C 32 -14.39 26.49 -28.82
CA THR C 32 -14.91 27.46 -29.78
C THR C 32 -15.86 26.81 -30.76
N ARG C 33 -15.48 25.65 -31.30
CA ARG C 33 -16.32 25.00 -32.30
C ARG C 33 -17.59 24.42 -31.68
N ILE C 34 -17.52 23.95 -30.44
CA ILE C 34 -18.71 23.46 -29.76
C ILE C 34 -19.70 24.58 -29.52
N GLU C 35 -19.20 25.73 -29.04
CA GLU C 35 -20.07 26.89 -28.87
C GLU C 35 -20.64 27.36 -30.20
N GLU C 36 -19.78 27.41 -31.23
CA GLU C 36 -20.20 27.83 -32.56
C GLU C 36 -21.29 26.92 -33.11
N THR C 37 -21.16 25.61 -32.91
CA THR C 37 -22.14 24.67 -33.44
C THR C 37 -23.43 24.70 -32.63
N LEU C 38 -23.32 24.90 -31.31
CA LEU C 38 -24.49 25.11 -30.48
C LEU C 38 -25.27 26.32 -30.96
N TYR C 39 -24.56 27.36 -31.42
CA TYR C 39 -25.23 28.52 -32.01
C TYR C 39 -25.75 28.22 -33.40
N ASP C 40 -24.99 27.44 -34.18
CA ASP C 40 -25.44 27.06 -35.52
C ASP C 40 -26.78 26.36 -35.48
N GLN C 41 -26.98 25.51 -34.47
CA GLN C 41 -28.25 24.82 -34.34
C GLN C 41 -29.30 25.68 -33.63
N TYR C 42 -28.92 26.36 -32.55
CA TYR C 42 -29.89 27.07 -31.73
C TYR C 42 -29.79 28.59 -31.81
N GLY C 43 -28.71 29.15 -32.36
CA GLY C 43 -28.60 30.59 -32.45
C GLY C 43 -28.36 31.30 -31.13
N VAL C 44 -27.66 30.65 -30.20
CA VAL C 44 -27.44 31.20 -28.86
C VAL C 44 -25.95 31.17 -28.54
N PHE C 45 -25.57 32.02 -27.59
CA PHE C 45 -24.17 32.18 -27.19
C PHE C 45 -23.92 31.39 -25.92
N TYR C 46 -23.49 30.14 -26.09
CA TYR C 46 -23.21 29.27 -24.96
C TYR C 46 -21.88 29.65 -24.31
N GLU C 47 -21.65 29.12 -23.12
CA GLU C 47 -20.46 29.46 -22.34
C GLU C 47 -20.05 28.27 -21.48
N LEU C 48 -18.75 28.11 -21.28
CA LEU C 48 -18.25 27.03 -20.44
C LEU C 48 -18.49 27.33 -18.97
N TYR C 49 -18.86 26.30 -18.21
CA TYR C 49 -19.14 26.42 -16.79
C TYR C 49 -18.38 25.43 -15.94
N ALA C 50 -17.88 24.33 -16.51
CA ALA C 50 -17.04 23.37 -15.80
C ALA C 50 -16.13 22.72 -16.84
N SER C 51 -14.85 22.61 -16.49
CA SER C 51 -13.84 22.14 -17.44
C SER C 51 -13.71 20.61 -17.42
N ASP C 52 -13.40 20.05 -16.25
CA ASP C 52 -13.41 18.60 -16.03
C ASP C 52 -14.36 18.35 -14.87
N ASP C 53 -15.65 18.28 -15.18
CA ASP C 53 -16.71 18.28 -14.18
C ASP C 53 -16.53 17.13 -13.19
N PRO C 54 -16.44 17.40 -11.89
CA PRO C 54 -16.29 16.31 -10.91
C PRO C 54 -17.61 15.73 -10.43
N ASN C 55 -18.74 16.27 -10.84
CA ASN C 55 -20.05 15.77 -10.44
C ASN C 55 -20.53 14.72 -11.42
N THR C 56 -21.12 13.65 -10.88
CA THR C 56 -21.53 12.50 -11.70
C THR C 56 -23.03 12.40 -11.91
N GLU C 57 -23.84 13.00 -11.03
CA GLU C 57 -25.27 12.71 -11.04
C GLU C 57 -25.94 13.16 -12.34
N TYR C 58 -25.70 14.41 -12.76
CA TYR C 58 -26.31 14.82 -14.02
C TYR C 58 -25.67 14.14 -15.23
N TRP C 59 -24.44 13.63 -15.10
CA TRP C 59 -23.84 12.90 -16.21
C TRP C 59 -24.43 11.50 -16.35
N GLU C 60 -24.57 10.78 -15.23
CA GLU C 60 -25.30 9.52 -15.28
C GLU C 60 -26.74 9.73 -15.74
N LEU C 61 -27.32 10.89 -15.40
CA LEU C 61 -28.65 11.21 -15.91
C LEU C 61 -28.66 11.38 -17.42
N LEU C 62 -27.66 12.07 -17.97
CA LEU C 62 -27.53 12.17 -19.42
C LEU C 62 -27.42 10.78 -20.04
N VAL C 63 -26.62 9.90 -19.44
CA VAL C 63 -26.47 8.55 -19.96
C VAL C 63 -27.83 7.86 -20.02
N GLU C 64 -28.58 7.94 -18.91
CA GLU C 64 -29.91 7.32 -18.88
C GLU C 64 -30.83 7.91 -19.93
N ASP C 65 -30.77 9.22 -20.14
CA ASP C 65 -31.70 9.86 -21.07
C ASP C 65 -31.38 9.51 -22.52
N VAL C 66 -30.09 9.38 -22.86
CA VAL C 66 -29.75 8.94 -24.21
C VAL C 66 -30.12 7.47 -24.40
N ARG C 67 -29.89 6.65 -23.38
CA ARG C 67 -30.22 5.22 -23.49
C ARG C 67 -31.71 5.01 -23.73
N SER C 68 -32.55 5.68 -22.94
CA SER C 68 -33.99 5.53 -23.05
C SER C 68 -34.57 6.20 -24.29
N GLY C 69 -33.75 6.82 -25.13
CA GLY C 69 -34.28 7.54 -26.27
C GLY C 69 -35.20 8.67 -25.88
N SER C 70 -34.90 9.36 -24.78
CA SER C 70 -35.74 10.46 -24.34
C SER C 70 -35.76 11.58 -25.38
N LEU C 71 -36.76 12.45 -25.24
CA LEU C 71 -37.13 13.35 -26.33
C LEU C 71 -36.08 14.43 -26.54
N GLU C 72 -35.81 15.22 -25.51
CA GLU C 72 -35.00 16.42 -25.65
C GLU C 72 -33.48 16.23 -25.56
N PRO C 73 -32.95 15.12 -24.98
CA PRO C 73 -31.49 14.92 -25.06
C PRO C 73 -31.02 14.85 -26.50
N GLU C 74 -30.63 16.00 -27.03
CA GLU C 74 -30.46 16.18 -28.47
C GLU C 74 -28.97 16.17 -28.83
N HIS C 75 -28.57 15.14 -29.57
CA HIS C 75 -27.24 15.07 -30.14
C HIS C 75 -27.02 16.25 -31.09
N VAL C 76 -25.95 16.99 -30.87
CA VAL C 76 -25.62 18.16 -31.69
C VAL C 76 -24.59 17.82 -32.75
N ALA C 77 -23.47 17.21 -32.35
CA ALA C 77 -22.40 16.85 -33.28
C ALA C 77 -21.46 15.88 -32.60
N TYR C 78 -20.54 15.34 -33.39
CA TYR C 78 -19.46 14.48 -32.88
C TYR C 78 -18.18 15.28 -32.82
N ILE C 79 -17.38 15.03 -31.78
CA ILE C 79 -16.14 15.78 -31.61
C ILE C 79 -15.08 15.31 -32.59
N PHE C 80 -14.74 14.02 -32.55
CA PHE C 80 -13.77 13.43 -33.46
C PHE C 80 -14.48 12.46 -34.39
N GLU C 81 -14.12 12.50 -35.68
CA GLU C 81 -14.85 11.72 -36.67
C GLU C 81 -14.63 10.23 -36.48
N LYS C 82 -13.38 9.81 -36.33
CA LYS C 82 -13.03 8.39 -36.36
C LYS C 82 -12.99 7.75 -34.98
N LEU C 83 -13.37 8.47 -33.93
CA LEU C 83 -13.63 7.84 -32.65
C LEU C 83 -15.08 7.35 -32.66
N GLU C 84 -15.48 6.68 -31.58
CA GLU C 84 -16.76 5.99 -31.56
C GLU C 84 -17.92 6.94 -31.81
N LYS C 85 -18.79 6.57 -32.76
CA LYS C 85 -20.01 7.32 -33.04
C LYS C 85 -21.22 6.72 -32.35
N LYS C 86 -21.21 5.43 -32.04
CA LYS C 86 -22.24 4.76 -31.28
C LYS C 86 -21.57 3.89 -30.22
N THR C 87 -22.38 3.39 -29.28
CA THR C 87 -21.86 2.59 -28.19
C THR C 87 -23.00 1.73 -27.65
N PHE C 88 -22.64 0.74 -26.84
CA PHE C 88 -23.60 -0.16 -26.20
C PHE C 88 -23.41 -0.10 -24.70
N ALA C 89 -24.27 -0.83 -23.97
CA ALA C 89 -24.33 -0.77 -22.53
C ALA C 89 -24.16 -2.14 -21.89
N TYR C 90 -23.39 -3.02 -22.51
CA TYR C 90 -23.18 -4.39 -22.03
C TYR C 90 -21.98 -4.40 -21.10
N ASP C 91 -22.24 -4.60 -19.81
CA ASP C 91 -21.19 -4.85 -18.83
C ASP C 91 -21.25 -6.32 -18.46
N GLU C 92 -20.19 -7.06 -18.80
CA GLU C 92 -20.15 -8.49 -18.49
C GLU C 92 -20.28 -8.74 -16.99
N ASP C 93 -19.84 -7.79 -16.18
CA ASP C 93 -19.95 -7.93 -14.73
C ASP C 93 -21.40 -7.87 -14.27
N GLU C 94 -22.24 -7.09 -14.97
CA GLU C 94 -23.61 -6.86 -14.54
C GLU C 94 -24.38 -8.17 -14.47
N LYS C 95 -25.16 -8.32 -13.39
CA LYS C 95 -25.87 -9.57 -13.15
C LYS C 95 -26.86 -9.86 -14.27
N GLU C 96 -27.59 -8.86 -14.73
CA GLU C 96 -28.56 -9.00 -15.80
C GLU C 96 -28.22 -8.03 -16.92
N PRO C 97 -27.79 -8.52 -18.09
CA PRO C 97 -27.24 -7.62 -19.10
C PRO C 97 -28.31 -6.78 -19.78
N ASP C 98 -27.85 -5.64 -20.32
CA ASP C 98 -28.67 -4.75 -21.12
C ASP C 98 -27.99 -4.57 -22.47
N TYR C 99 -28.79 -4.53 -23.54
CA TYR C 99 -28.27 -4.57 -24.90
C TYR C 99 -28.59 -3.30 -25.68
N THR C 100 -28.88 -2.19 -25.01
CA THR C 100 -29.22 -0.96 -25.70
C THR C 100 -28.03 -0.43 -26.46
N VAL C 101 -28.18 -0.27 -27.78
CA VAL C 101 -27.18 0.37 -28.63
C VAL C 101 -27.64 1.79 -28.87
N HIS C 102 -26.98 2.75 -28.25
CA HIS C 102 -27.32 4.15 -28.41
C HIS C 102 -26.14 4.90 -29.02
N LYS C 103 -26.34 6.20 -29.24
CA LYS C 103 -25.24 7.01 -29.74
C LYS C 103 -24.26 7.29 -28.62
N SER C 104 -23.03 7.58 -29.01
CA SER C 104 -21.92 7.64 -28.06
C SER C 104 -22.07 8.82 -27.11
N ILE C 105 -21.90 8.57 -25.82
CA ILE C 105 -21.79 9.66 -24.86
C ILE C 105 -20.45 10.36 -25.01
N ARG C 106 -19.36 9.60 -24.92
CA ARG C 106 -18.05 10.13 -25.23
C ARG C 106 -17.97 10.39 -26.73
N ASN C 107 -17.33 11.52 -27.09
CA ASN C 107 -17.12 11.98 -28.45
C ASN C 107 -18.33 12.71 -29.04
N SER C 108 -19.28 13.09 -28.19
CA SER C 108 -20.50 13.74 -28.67
C SER C 108 -20.82 14.97 -27.84
N VAL C 109 -21.42 15.95 -28.50
CA VAL C 109 -21.97 17.14 -27.85
C VAL C 109 -23.46 16.93 -27.68
N TYR C 110 -23.95 17.01 -26.45
CA TYR C 110 -25.35 16.73 -26.14
C TYR C 110 -25.97 17.94 -25.46
N ALA C 111 -27.00 18.51 -26.07
CA ALA C 111 -27.60 19.74 -25.57
C ALA C 111 -29.05 19.49 -25.16
N TYR C 112 -29.40 19.94 -23.95
CA TYR C 112 -30.78 20.15 -23.53
C TYR C 112 -31.09 21.60 -23.88
N PRO C 113 -31.69 21.87 -25.05
CA PRO C 113 -32.03 23.26 -25.36
C PRO C 113 -33.16 23.79 -24.51
N GLU C 114 -34.02 22.89 -24.00
CA GLU C 114 -35.11 23.30 -23.11
C GLU C 114 -34.55 23.99 -21.87
N LYS C 115 -33.60 23.34 -21.19
CA LYS C 115 -33.02 23.83 -19.96
C LYS C 115 -31.82 24.74 -20.23
N GLY C 116 -31.60 25.09 -21.49
CA GLY C 116 -30.51 25.97 -21.88
C GLY C 116 -29.15 25.46 -21.46
N VAL C 117 -28.93 24.15 -21.52
CA VAL C 117 -27.67 23.59 -21.03
C VAL C 117 -27.13 22.58 -22.04
N ALA C 118 -25.84 22.29 -21.89
CA ALA C 118 -25.16 21.41 -22.82
C ALA C 118 -24.06 20.67 -22.09
N PHE C 119 -23.68 19.53 -22.64
CA PHE C 119 -22.71 18.62 -22.07
C PHE C 119 -21.76 18.19 -23.17
N ALA C 120 -20.51 17.92 -22.80
CA ALA C 120 -19.54 17.42 -23.76
C ALA C 120 -18.61 16.42 -23.06
N ARG C 121 -18.28 15.34 -23.76
CA ARG C 121 -17.32 14.36 -23.28
C ARG C 121 -16.22 14.27 -24.35
N ILE C 122 -15.17 15.06 -24.15
CA ILE C 122 -14.16 15.29 -25.19
C ILE C 122 -13.06 14.28 -25.01
N PRO C 123 -12.73 13.46 -26.02
CA PRO C 123 -11.64 12.51 -25.87
C PRO C 123 -10.27 13.16 -25.98
N TYR C 124 -9.30 12.52 -25.35
CA TYR C 124 -7.89 12.86 -25.53
C TYR C 124 -7.04 11.64 -25.22
N PHE C 125 -5.86 11.58 -25.82
CA PHE C 125 -4.98 10.42 -25.71
C PHE C 125 -3.82 10.72 -24.77
N GLN C 126 -3.62 9.84 -23.79
CA GLN C 126 -2.51 9.95 -22.86
C GLN C 126 -2.43 8.65 -22.07
N ASP C 127 -1.21 8.27 -21.70
CA ASP C 127 -0.93 7.07 -20.91
C ASP C 127 -1.42 5.81 -21.62
N GLY C 128 -1.37 5.81 -22.95
CA GLY C 128 -1.76 4.67 -23.73
C GLY C 128 -3.23 4.29 -23.55
N SER C 129 -4.10 5.29 -23.51
CA SER C 129 -5.52 5.06 -23.34
C SER C 129 -6.26 6.32 -23.78
N ILE C 130 -7.58 6.20 -23.89
CA ILE C 130 -8.45 7.30 -24.27
C ILE C 130 -9.18 7.79 -23.03
N MET C 131 -9.06 9.08 -22.74
CA MET C 131 -9.62 9.70 -21.55
C MET C 131 -10.61 10.78 -21.96
N SER C 132 -11.41 11.23 -20.99
CA SER C 132 -12.56 12.07 -21.26
C SER C 132 -12.54 13.35 -20.43
N PHE C 133 -12.68 14.48 -21.11
CA PHE C 133 -12.96 15.77 -20.49
C PHE C 133 -14.47 15.89 -20.38
N ASP C 134 -14.99 16.06 -19.16
CA ASP C 134 -16.43 16.24 -18.97
C ASP C 134 -16.70 17.73 -18.80
N CYS C 135 -17.14 18.37 -19.90
CA CYS C 135 -17.37 19.80 -19.96
C CYS C 135 -18.87 20.10 -19.90
N LEU C 136 -19.19 21.26 -19.34
CA LEU C 136 -20.57 21.71 -19.16
C LEU C 136 -20.73 23.11 -19.76
N PHE C 137 -21.83 23.32 -20.45
CA PHE C 137 -22.08 24.57 -21.17
C PHE C 137 -23.44 25.12 -20.79
N ALA C 138 -23.56 26.44 -20.83
CA ALA C 138 -24.81 27.14 -20.56
C ALA C 138 -24.78 28.50 -21.24
N VAL C 139 -25.88 28.86 -21.89
CA VAL C 139 -25.94 30.12 -22.61
C VAL C 139 -25.98 31.30 -21.63
N ASN C 140 -26.68 31.14 -20.50
CA ASN C 140 -26.77 32.18 -19.50
C ASN C 140 -26.81 31.55 -18.12
N ASP C 141 -26.49 32.36 -17.12
CA ASP C 141 -26.34 31.83 -15.76
C ASP C 141 -27.66 31.31 -15.21
N GLU C 142 -28.75 32.06 -15.44
CA GLU C 142 -30.03 31.70 -14.83
C GLU C 142 -30.58 30.38 -15.35
N LYS C 143 -30.32 30.06 -16.62
CA LYS C 143 -30.74 28.76 -17.14
C LYS C 143 -29.91 27.64 -16.54
N MET C 144 -28.59 27.84 -16.44
CA MET C 144 -27.74 26.91 -15.70
C MET C 144 -28.23 26.73 -14.27
N ARG C 145 -28.61 27.84 -13.63
CA ARG C 145 -29.16 27.78 -12.28
C ARG C 145 -30.49 27.05 -12.25
N ALA C 146 -31.25 27.09 -13.34
CA ALA C 146 -32.47 26.30 -13.41
C ALA C 146 -32.15 24.81 -13.53
N PHE C 147 -31.16 24.45 -14.34
CA PHE C 147 -30.82 23.05 -14.53
C PHE C 147 -30.28 22.43 -13.25
N LEU C 148 -29.32 23.10 -12.61
CA LEU C 148 -28.76 22.58 -11.36
C LEU C 148 -29.84 22.41 -10.30
N GLU C 149 -30.76 23.37 -10.21
CA GLU C 149 -31.92 23.20 -9.35
C GLU C 149 -32.78 22.03 -9.79
N GLY C 150 -32.94 21.86 -11.10
CA GLY C 150 -33.81 20.82 -11.63
C GLY C 150 -33.23 19.42 -11.63
N VAL C 151 -31.95 19.27 -11.24
CA VAL C 151 -31.33 17.94 -11.25
C VAL C 151 -32.01 17.03 -10.23
N ARG C 152 -32.16 17.51 -9.00
CA ARG C 152 -32.79 16.68 -7.97
C ARG C 152 -34.26 16.37 -8.28
N PRO C 153 -35.07 17.30 -8.81
CA PRO C 153 -36.40 16.89 -9.27
C PRO C 153 -36.37 15.76 -10.30
N ARG C 154 -35.48 15.86 -11.29
CA ARG C 154 -35.42 14.83 -12.32
C ARG C 154 -35.06 13.47 -11.73
N LEU C 155 -34.24 13.45 -10.68
CA LEU C 155 -33.93 12.20 -10.00
C LEU C 155 -35.14 11.68 -9.24
N TRP C 156 -35.90 12.58 -8.59
CA TRP C 156 -37.02 12.17 -7.77
C TRP C 156 -38.10 11.48 -8.61
N GLU C 157 -38.31 11.94 -9.84
CA GLU C 157 -39.27 11.30 -10.72
C GLU C 157 -38.80 9.89 -11.11
N LYS C 158 -37.51 9.76 -11.44
CA LYS C 158 -36.94 8.45 -11.76
C LYS C 158 -36.96 7.52 -10.56
N SER C 159 -36.73 8.07 -9.37
CA SER C 159 -36.69 7.26 -8.15
C SER C 159 -38.04 6.63 -7.83
N ASN D 5 45.45 18.76 -16.19
CA ASN D 5 44.10 19.07 -16.63
C ASN D 5 43.28 17.79 -16.78
N ILE D 6 42.39 17.54 -15.82
CA ILE D 6 41.54 16.35 -15.86
C ILE D 6 40.58 16.47 -17.04
N PRO D 7 40.39 15.43 -17.83
CA PRO D 7 39.55 15.54 -19.03
C PRO D 7 38.09 15.20 -18.75
N PHE D 8 37.25 15.53 -19.73
CA PHE D 8 35.81 15.37 -19.63
C PHE D 8 35.30 14.48 -20.76
N ILE D 9 34.43 13.52 -20.41
CA ILE D 9 33.90 12.60 -21.40
C ILE D 9 32.91 13.31 -22.33
N TYR D 10 31.96 14.02 -21.75
CA TYR D 10 30.90 14.70 -22.51
C TYR D 10 31.46 16.03 -23.01
N GLN D 11 32.01 16.01 -24.22
CA GLN D 11 32.65 17.19 -24.81
C GLN D 11 31.70 18.03 -25.65
N TYR D 12 30.44 17.61 -25.79
CA TYR D 12 29.47 18.38 -26.54
C TYR D 12 29.09 19.65 -25.77
N GLU D 13 29.14 20.79 -26.44
CA GLU D 13 28.76 22.07 -25.83
C GLU D 13 27.28 22.28 -26.10
N GLU D 14 26.45 22.11 -25.06
CA GLU D 14 25.01 22.23 -25.22
C GLU D 14 24.64 23.61 -25.72
N LYS D 15 23.54 23.68 -26.46
CA LYS D 15 23.21 24.85 -27.24
C LYS D 15 22.35 25.80 -26.41
N GLU D 16 22.15 27.02 -26.92
CA GLU D 16 21.28 27.94 -26.18
C GLU D 16 19.83 27.51 -26.27
N ASN D 17 19.40 26.92 -27.39
CA ASN D 17 18.01 26.49 -27.49
C ASN D 17 17.72 25.38 -26.49
N GLU D 18 18.73 24.61 -26.10
CA GLU D 18 18.58 23.47 -25.22
C GLU D 18 18.69 23.83 -23.74
N ARG D 19 18.95 25.10 -23.42
CA ARG D 19 18.97 25.57 -22.05
C ARG D 19 17.60 26.02 -21.56
N ALA D 20 16.56 25.86 -22.38
CA ALA D 20 15.24 26.33 -22.03
C ALA D 20 14.68 25.56 -20.84
N ALA D 21 14.21 26.30 -19.83
CA ALA D 21 13.62 25.70 -18.65
C ALA D 21 12.22 25.19 -18.96
N ALA D 22 11.93 23.96 -18.55
CA ALA D 22 10.66 23.32 -18.82
C ALA D 22 9.54 24.00 -18.06
N GLY D 23 8.59 24.61 -18.78
CA GLY D 23 7.43 25.21 -18.18
C GLY D 23 7.56 26.67 -17.81
N TYR D 24 8.78 27.18 -17.66
CA TYR D 24 8.94 28.56 -17.21
C TYR D 24 8.55 29.57 -18.27
N GLY D 25 8.56 29.21 -19.54
CA GLY D 25 8.09 30.14 -20.56
C GLY D 25 6.65 30.58 -20.30
N THR D 26 5.74 29.62 -20.23
CA THR D 26 4.33 29.93 -19.99
C THR D 26 4.13 30.57 -18.61
N PHE D 27 4.79 30.03 -17.59
CA PHE D 27 4.62 30.56 -16.24
C PHE D 27 5.10 32.01 -16.15
N GLY D 28 6.25 32.30 -16.75
CA GLY D 28 6.76 33.66 -16.74
C GLY D 28 5.90 34.61 -17.54
N TYR D 29 5.44 34.17 -18.72
CA TYR D 29 4.50 34.97 -19.50
C TYR D 29 3.29 35.33 -18.67
N LEU D 30 2.70 34.35 -17.99
CA LEU D 30 1.46 34.58 -17.25
C LEU D 30 1.70 35.45 -16.02
N ILE D 31 2.79 35.23 -15.29
CA ILE D 31 3.05 36.04 -14.10
C ILE D 31 3.36 37.48 -14.46
N THR D 32 4.15 37.69 -15.51
CA THR D 32 4.43 39.05 -15.98
C THR D 32 3.15 39.74 -16.43
N ARG D 33 2.28 39.03 -17.14
CA ARG D 33 1.05 39.63 -17.61
C ARG D 33 0.10 39.94 -16.46
N ILE D 34 0.04 39.06 -15.45
CA ILE D 34 -0.77 39.33 -14.27
C ILE D 34 -0.25 40.56 -13.53
N GLU D 35 1.07 40.67 -13.42
CA GLU D 35 1.67 41.84 -12.78
C GLU D 35 1.30 43.12 -13.53
N GLU D 36 1.46 43.10 -14.86
CA GLU D 36 1.13 44.27 -15.67
C GLU D 36 -0.35 44.63 -15.56
N THR D 37 -1.23 43.62 -15.59
CA THR D 37 -2.66 43.89 -15.55
C THR D 37 -3.10 44.44 -14.19
N LEU D 38 -2.56 43.87 -13.11
CA LEU D 38 -2.83 44.40 -11.79
C LEU D 38 -2.30 45.81 -11.64
N TYR D 39 -1.17 46.12 -12.30
CA TYR D 39 -0.67 47.49 -12.28
C TYR D 39 -1.60 48.43 -13.05
N ASP D 40 -2.13 47.97 -14.18
CA ASP D 40 -3.05 48.80 -14.95
C ASP D 40 -4.36 49.06 -14.20
N GLN D 41 -4.82 48.10 -13.42
CA GLN D 41 -6.09 48.31 -12.71
C GLN D 41 -5.91 49.04 -11.39
N TYR D 42 -4.86 48.73 -10.63
CA TYR D 42 -4.66 49.28 -9.30
C TYR D 42 -3.34 50.03 -9.15
N GLY D 43 -2.81 50.57 -10.26
CA GLY D 43 -1.66 51.46 -10.24
C GLY D 43 -0.55 51.14 -9.27
N VAL D 44 -0.30 49.85 -9.03
CA VAL D 44 0.68 49.42 -8.04
C VAL D 44 1.36 48.16 -8.56
N PHE D 45 2.47 47.79 -7.92
CA PHE D 45 3.29 46.66 -8.35
C PHE D 45 3.09 45.49 -7.39
N TYR D 46 2.50 44.42 -7.89
CA TYR D 46 2.34 43.17 -7.15
C TYR D 46 3.48 42.22 -7.53
N GLU D 47 3.83 41.34 -6.61
CA GLU D 47 4.91 40.38 -6.82
C GLU D 47 4.54 39.06 -6.17
N LEU D 48 5.12 37.99 -6.70
CA LEU D 48 4.78 36.64 -6.26
C LEU D 48 5.31 36.37 -4.86
N TYR D 49 4.45 35.85 -4.00
CA TYR D 49 4.84 35.39 -2.67
C TYR D 49 4.72 33.89 -2.50
N ALA D 50 3.98 33.22 -3.39
CA ALA D 50 3.86 31.77 -3.40
C ALA D 50 3.60 31.32 -4.84
N SER D 51 4.29 30.24 -5.24
CA SER D 51 4.15 29.70 -6.59
C SER D 51 3.04 28.64 -6.67
N ASP D 52 3.09 27.63 -5.81
CA ASP D 52 1.98 26.70 -5.60
C ASP D 52 1.81 26.59 -4.09
N ASP D 53 0.69 27.11 -3.59
CA ASP D 53 0.53 27.33 -2.16
C ASP D 53 0.01 26.08 -1.48
N PRO D 54 0.80 25.43 -0.61
CA PRO D 54 0.27 24.27 0.12
C PRO D 54 -0.88 24.62 1.05
N ASN D 55 -0.92 25.85 1.57
CA ASN D 55 -2.01 26.26 2.43
C ASN D 55 -3.30 26.44 1.64
N THR D 56 -4.43 26.16 2.31
CA THR D 56 -5.74 26.23 1.68
C THR D 56 -6.72 27.17 2.37
N GLU D 57 -6.48 27.53 3.63
CA GLU D 57 -7.52 28.16 4.44
C GLU D 57 -7.95 29.50 3.86
N TYR D 58 -7.00 30.39 3.57
CA TYR D 58 -7.37 31.66 2.97
C TYR D 58 -7.87 31.50 1.54
N TRP D 59 -7.43 30.46 0.85
CA TRP D 59 -7.96 30.16 -0.48
C TRP D 59 -9.44 29.78 -0.37
N GLU D 60 -9.73 28.87 0.57
CA GLU D 60 -11.11 28.54 0.90
C GLU D 60 -11.91 29.80 1.18
N LEU D 61 -11.38 30.71 2.01
CA LEU D 61 -12.11 31.92 2.35
C LEU D 61 -12.38 32.80 1.13
N LEU D 62 -11.42 32.90 0.21
CA LEU D 62 -11.66 33.63 -1.02
C LEU D 62 -12.85 33.04 -1.77
N VAL D 63 -12.88 31.71 -1.89
CA VAL D 63 -14.02 31.06 -2.55
C VAL D 63 -15.32 31.35 -1.81
N GLU D 64 -15.30 31.23 -0.47
CA GLU D 64 -16.50 31.45 0.33
C GLU D 64 -17.02 32.87 0.13
N ASP D 65 -16.12 33.84 0.03
CA ASP D 65 -16.53 35.23 -0.11
C ASP D 65 -17.13 35.49 -1.49
N VAL D 66 -16.51 34.94 -2.54
CA VAL D 66 -17.11 35.11 -3.87
C VAL D 66 -18.46 34.42 -3.94
N ARG D 67 -18.64 33.32 -3.22
CA ARG D 67 -19.93 32.64 -3.18
C ARG D 67 -20.98 33.50 -2.52
N SER D 68 -20.69 34.02 -1.33
CA SER D 68 -21.61 34.85 -0.57
C SER D 68 -21.67 36.30 -1.04
N GLY D 69 -21.27 36.56 -2.28
CA GLY D 69 -21.28 37.92 -2.82
C GLY D 69 -20.55 38.94 -1.99
N SER D 70 -19.59 38.52 -1.17
CA SER D 70 -18.92 39.44 -0.26
C SER D 70 -18.18 40.53 -1.03
N LEU D 71 -18.10 41.71 -0.43
CA LEU D 71 -17.65 42.90 -1.15
C LEU D 71 -16.15 42.87 -1.43
N GLU D 72 -15.36 42.34 -0.49
CA GLU D 72 -13.91 42.51 -0.54
C GLU D 72 -13.26 41.80 -1.72
N PRO D 73 -13.65 40.57 -2.07
CA PRO D 73 -13.12 39.98 -3.31
C PRO D 73 -13.57 40.75 -4.53
N GLU D 74 -12.62 40.97 -5.43
CA GLU D 74 -12.86 41.71 -6.66
C GLU D 74 -12.22 40.93 -7.81
N HIS D 75 -13.00 40.72 -8.87
CA HIS D 75 -12.55 39.91 -10.00
C HIS D 75 -11.76 40.80 -10.95
N VAL D 76 -10.44 40.62 -10.98
CA VAL D 76 -9.59 41.44 -11.82
C VAL D 76 -9.72 41.02 -13.28
N ALA D 77 -9.44 39.76 -13.58
CA ALA D 77 -9.39 39.37 -14.98
C ALA D 77 -9.54 37.86 -15.13
N TYR D 78 -9.54 37.42 -16.38
CA TYR D 78 -9.59 36.02 -16.75
C TYR D 78 -8.26 35.64 -17.40
N ILE D 79 -7.80 34.42 -17.15
CA ILE D 79 -6.50 34.00 -17.66
C ILE D 79 -6.63 33.48 -19.09
N PHE D 80 -7.52 32.52 -19.32
CA PHE D 80 -7.69 31.91 -20.63
C PHE D 80 -9.06 32.27 -21.20
N GLU D 81 -9.08 32.61 -22.50
CA GLU D 81 -10.30 33.09 -23.14
C GLU D 81 -11.36 32.01 -23.19
N LYS D 82 -10.99 30.80 -23.64
CA LYS D 82 -11.95 29.74 -23.92
C LYS D 82 -12.12 28.78 -22.75
N LEU D 83 -11.50 29.05 -21.60
CA LEU D 83 -11.68 28.22 -20.42
C LEU D 83 -12.82 28.76 -19.56
N GLU D 84 -13.02 28.13 -18.41
CA GLU D 84 -14.20 28.42 -17.59
C GLU D 84 -14.22 29.89 -17.17
N LYS D 85 -15.43 30.43 -17.08
CA LYS D 85 -15.65 31.79 -16.58
C LYS D 85 -16.59 31.83 -15.39
N LYS D 86 -17.34 30.77 -15.12
CA LYS D 86 -18.20 30.68 -13.95
C LYS D 86 -18.07 29.27 -13.37
N THR D 87 -18.74 29.05 -12.23
CA THR D 87 -18.73 27.75 -11.57
C THR D 87 -19.86 27.70 -10.56
N PHE D 88 -20.09 26.51 -10.01
CA PHE D 88 -21.16 26.26 -9.07
C PHE D 88 -20.62 25.50 -7.85
N ALA D 89 -21.34 25.63 -6.74
CA ALA D 89 -20.95 25.04 -5.47
C ALA D 89 -21.55 23.66 -5.24
N TYR D 90 -22.35 23.16 -6.17
CA TYR D 90 -23.07 21.91 -5.95
C TYR D 90 -22.11 20.75 -5.80
N ASP D 91 -22.11 20.12 -4.62
CA ASP D 91 -21.31 18.95 -4.33
C ASP D 91 -22.24 17.81 -3.94
N GLU D 92 -22.39 16.83 -4.83
CA GLU D 92 -23.25 15.68 -4.53
C GLU D 92 -22.73 14.89 -3.34
N ASP D 93 -21.42 14.94 -3.08
CA ASP D 93 -20.86 14.27 -1.92
C ASP D 93 -21.45 14.82 -0.63
N GLU D 94 -21.63 16.14 -0.57
CA GLU D 94 -22.14 16.78 0.64
C GLU D 94 -23.65 16.63 0.71
N LYS D 95 -24.14 16.15 1.85
CA LYS D 95 -25.58 16.00 2.04
C LYS D 95 -26.28 17.36 1.97
N GLU D 96 -25.65 18.39 2.52
CA GLU D 96 -26.23 19.72 2.51
C GLU D 96 -26.28 20.25 1.07
N PRO D 97 -27.42 20.80 0.64
CA PRO D 97 -27.53 21.23 -0.77
C PRO D 97 -27.35 22.72 -0.95
N ASP D 98 -26.40 23.10 -1.81
CA ASP D 98 -26.25 24.49 -2.25
C ASP D 98 -26.12 24.49 -3.76
N TYR D 99 -26.78 25.47 -4.40
CA TYR D 99 -26.82 25.55 -5.85
C TYR D 99 -26.36 26.91 -6.35
N THR D 100 -25.61 27.65 -5.53
CA THR D 100 -25.18 28.99 -5.89
C THR D 100 -24.23 28.95 -7.08
N VAL D 101 -24.44 29.87 -8.02
CA VAL D 101 -23.61 30.00 -9.22
C VAL D 101 -22.88 31.32 -9.15
N HIS D 102 -21.56 31.28 -9.25
CA HIS D 102 -20.75 32.49 -9.16
C HIS D 102 -19.68 32.44 -10.23
N LYS D 103 -18.83 33.47 -10.27
CA LYS D 103 -17.73 33.45 -11.21
C LYS D 103 -16.66 32.45 -10.74
N SER D 104 -15.79 32.08 -11.66
CA SER D 104 -14.86 30.99 -11.42
C SER D 104 -13.75 31.41 -10.47
N ILE D 105 -13.21 30.42 -9.77
CA ILE D 105 -11.98 30.59 -9.01
C ILE D 105 -10.76 30.24 -9.86
N ARG D 106 -10.81 29.08 -10.50
CA ARG D 106 -9.85 28.74 -11.54
C ARG D 106 -10.07 29.64 -12.74
N ASN D 107 -8.98 29.94 -13.46
CA ASN D 107 -8.97 30.87 -14.59
C ASN D 107 -9.32 32.30 -14.20
N SER D 108 -9.20 32.65 -12.92
CA SER D 108 -9.60 33.97 -12.44
C SER D 108 -8.45 34.62 -11.68
N VAL D 109 -8.16 35.87 -12.04
CA VAL D 109 -7.23 36.72 -11.30
C VAL D 109 -8.05 37.64 -10.42
N TYR D 110 -7.86 37.53 -9.11
CA TYR D 110 -8.61 38.22 -8.08
C TYR D 110 -7.69 39.13 -7.28
N ALA D 111 -8.27 40.12 -6.61
CA ALA D 111 -7.46 41.01 -5.76
C ALA D 111 -8.29 41.58 -4.63
N TYR D 112 -7.79 41.42 -3.39
CA TYR D 112 -8.23 42.16 -2.22
C TYR D 112 -7.43 43.46 -2.23
N PRO D 113 -8.05 44.59 -2.62
CA PRO D 113 -7.27 45.81 -2.84
C PRO D 113 -6.86 46.51 -1.55
N GLU D 114 -7.79 46.63 -0.59
CA GLU D 114 -7.45 47.24 0.69
C GLU D 114 -6.37 46.44 1.40
N LYS D 115 -6.57 45.12 1.48
CA LYS D 115 -5.59 44.24 2.11
C LYS D 115 -4.30 44.15 1.31
N GLY D 116 -4.29 44.66 0.08
CA GLY D 116 -3.09 44.68 -0.73
C GLY D 116 -2.62 43.34 -1.22
N VAL D 117 -3.52 42.36 -1.36
CA VAL D 117 -3.12 41.02 -1.75
C VAL D 117 -3.91 40.59 -2.98
N ALA D 118 -3.38 39.60 -3.69
CA ALA D 118 -3.98 39.15 -4.93
C ALA D 118 -3.90 37.62 -4.99
N PHE D 119 -4.89 37.03 -5.66
CA PHE D 119 -5.02 35.58 -5.74
C PHE D 119 -5.16 35.17 -7.20
N ALA D 120 -4.69 33.98 -7.52
CA ALA D 120 -4.89 33.46 -8.87
C ALA D 120 -4.79 31.95 -8.86
N ARG D 121 -5.69 31.28 -9.57
CA ARG D 121 -5.64 29.83 -9.74
C ARG D 121 -5.39 29.56 -11.23
N ILE D 122 -4.11 29.51 -11.60
CA ILE D 122 -3.72 29.41 -13.00
C ILE D 122 -3.91 27.97 -13.49
N PRO D 123 -4.74 27.75 -14.51
CA PRO D 123 -4.95 26.38 -15.01
C PRO D 123 -3.84 25.93 -15.93
N TYR D 124 -3.65 24.61 -15.97
CA TYR D 124 -2.69 24.00 -16.87
C TYR D 124 -3.06 22.54 -17.11
N PHE D 125 -2.84 22.08 -18.34
CA PHE D 125 -3.11 20.70 -18.73
C PHE D 125 -1.83 19.88 -18.56
N GLN D 126 -1.86 18.94 -17.61
CA GLN D 126 -0.78 17.98 -17.47
C GLN D 126 -1.36 16.57 -17.46
N ASP D 127 -0.83 15.71 -18.32
CA ASP D 127 -1.35 14.35 -18.52
C ASP D 127 -2.83 14.38 -18.91
N GLY D 128 -3.23 15.45 -19.59
CA GLY D 128 -4.63 15.62 -19.96
C GLY D 128 -5.44 16.32 -18.89
N SER D 129 -5.56 15.70 -17.72
CA SER D 129 -6.36 16.25 -16.63
C SER D 129 -5.98 17.68 -16.33
N ILE D 130 -7.00 18.50 -16.09
CA ILE D 130 -6.79 19.93 -15.80
C ILE D 130 -6.42 20.11 -14.35
N MET D 131 -5.33 20.82 -14.10
CA MET D 131 -4.85 21.10 -12.76
C MET D 131 -4.62 22.60 -12.64
N SER D 132 -4.28 23.06 -11.43
CA SER D 132 -4.10 24.49 -11.23
C SER D 132 -2.98 24.77 -10.25
N PHE D 133 -2.27 25.87 -10.52
CA PHE D 133 -1.29 26.42 -9.59
C PHE D 133 -1.97 27.53 -8.79
N ASP D 134 -1.92 27.42 -7.47
CA ASP D 134 -2.46 28.45 -6.59
C ASP D 134 -1.36 29.48 -6.34
N CYS D 135 -1.44 30.61 -7.03
CA CYS D 135 -0.47 31.69 -6.93
C CYS D 135 -1.00 32.82 -6.07
N LEU D 136 -0.14 33.34 -5.21
CA LEU D 136 -0.47 34.41 -4.27
C LEU D 136 0.47 35.58 -4.54
N PHE D 137 -0.10 36.79 -4.59
CA PHE D 137 0.64 38.00 -4.93
C PHE D 137 0.44 39.04 -3.83
N ALA D 138 1.41 39.94 -3.70
CA ALA D 138 1.28 41.02 -2.73
C ALA D 138 2.18 42.18 -3.13
N VAL D 139 1.86 43.36 -2.61
CA VAL D 139 2.62 44.57 -2.88
C VAL D 139 3.82 44.65 -1.94
N ASN D 140 3.56 44.72 -0.63
CA ASN D 140 4.61 44.82 0.38
C ASN D 140 4.39 43.77 1.45
N ASP D 141 5.48 43.45 2.17
CA ASP D 141 5.47 42.34 3.11
C ASP D 141 4.54 42.61 4.30
N GLU D 142 4.40 43.86 4.71
CA GLU D 142 3.52 44.18 5.83
C GLU D 142 2.06 43.85 5.49
N LYS D 143 1.66 44.11 4.24
CA LYS D 143 0.31 43.77 3.80
C LYS D 143 0.06 42.27 3.91
N MET D 144 0.99 41.48 3.38
CA MET D 144 0.86 40.02 3.44
C MET D 144 0.84 39.52 4.88
N ARG D 145 1.67 40.10 5.73
CA ARG D 145 1.71 39.68 7.13
C ARG D 145 0.39 39.99 7.82
N ALA D 146 -0.19 41.17 7.52
CA ALA D 146 -1.50 41.50 8.07
C ALA D 146 -2.58 40.55 7.57
N PHE D 147 -2.55 40.20 6.28
CA PHE D 147 -3.52 39.26 5.74
C PHE D 147 -3.43 37.91 6.44
N LEU D 148 -2.21 37.38 6.56
CA LEU D 148 -2.02 36.09 7.23
C LEU D 148 -2.42 36.15 8.69
N GLU D 149 -2.18 37.27 9.37
CA GLU D 149 -2.58 37.41 10.76
C GLU D 149 -4.09 37.47 10.92
N GLY D 150 -4.79 38.07 9.95
CA GLY D 150 -6.23 38.18 10.04
C GLY D 150 -6.99 36.98 9.53
N VAL D 151 -6.33 36.11 8.76
CA VAL D 151 -7.01 34.94 8.19
C VAL D 151 -7.59 34.06 9.31
N ARG D 152 -6.80 33.81 10.36
CA ARG D 152 -7.18 32.84 11.38
C ARG D 152 -8.36 33.33 12.24
N PRO D 153 -8.47 34.63 12.55
CA PRO D 153 -9.69 35.11 13.23
C PRO D 153 -10.95 35.09 12.36
N ARG D 154 -10.79 35.21 11.04
CA ARG D 154 -11.96 35.17 10.16
C ARG D 154 -12.66 33.82 10.26
N LEU D 155 -11.88 32.76 10.51
CA LEU D 155 -12.44 31.45 10.80
C LEU D 155 -13.33 31.49 12.03
N TRP D 156 -12.90 32.20 13.09
CA TRP D 156 -13.76 32.41 14.24
C TRP D 156 -15.05 33.12 13.84
N GLU D 157 -14.93 34.14 13.00
CA GLU D 157 -16.11 34.88 12.59
C GLU D 157 -17.13 33.95 11.93
N LYS D 158 -16.65 33.11 11.00
CA LYS D 158 -17.56 32.19 10.31
C LYS D 158 -18.14 31.16 11.27
N SER D 159 -17.34 30.69 12.23
CA SER D 159 -17.81 29.64 13.14
C SER D 159 -18.45 30.23 14.39
N ILE E 6 29.91 -10.82 -35.88
CA ILE E 6 30.67 -9.97 -36.80
C ILE E 6 29.92 -8.69 -37.19
N PRO E 7 28.67 -8.77 -37.65
CA PRO E 7 27.95 -7.58 -38.05
C PRO E 7 27.13 -6.98 -36.91
N PHE E 8 26.53 -5.82 -37.18
CA PHE E 8 25.70 -5.11 -36.24
C PHE E 8 24.32 -4.87 -36.84
N ILE E 9 23.29 -5.07 -36.02
CA ILE E 9 21.92 -4.92 -36.48
C ILE E 9 21.56 -3.44 -36.64
N TYR E 10 22.02 -2.60 -35.71
CA TYR E 10 21.69 -1.18 -35.74
C TYR E 10 22.74 -0.44 -36.55
N GLN E 11 22.30 0.41 -37.48
CA GLN E 11 23.20 1.07 -38.43
C GLN E 11 22.78 2.51 -38.69
N TYR E 12 22.28 3.21 -37.68
CA TYR E 12 21.82 4.58 -37.88
C TYR E 12 22.87 5.57 -37.38
N GLU E 13 23.18 6.56 -38.21
CA GLU E 13 24.16 7.58 -37.86
C GLU E 13 23.64 8.45 -36.73
N GLU E 14 24.51 9.33 -36.23
CA GLU E 14 24.15 10.31 -35.21
C GLU E 14 24.49 11.70 -35.72
N LYS E 15 23.46 12.53 -35.91
CA LYS E 15 23.67 13.93 -36.26
C LYS E 15 24.45 14.67 -35.18
N GLU E 16 24.48 14.11 -33.95
CA GLU E 16 25.05 14.69 -32.74
C GLU E 16 24.11 15.76 -32.17
N ASN E 17 23.25 16.32 -33.00
CA ASN E 17 22.07 17.02 -32.47
C ASN E 17 21.23 16.07 -31.63
N GLU E 18 21.18 14.80 -32.01
CA GLU E 18 20.49 13.77 -31.26
C GLU E 18 21.40 13.07 -30.25
N ARG E 19 22.63 13.56 -30.08
CA ARG E 19 23.57 13.02 -29.11
C ARG E 19 23.60 13.83 -27.83
N ALA E 20 22.83 14.91 -27.76
CA ALA E 20 22.85 15.79 -26.60
C ALA E 20 22.06 15.21 -25.44
N ALA E 21 22.55 15.44 -24.23
CA ALA E 21 21.91 14.94 -23.03
C ALA E 21 20.69 15.79 -22.68
N ALA E 22 19.74 15.17 -21.98
CA ALA E 22 18.48 15.80 -21.62
C ALA E 22 18.57 16.36 -20.21
N GLY E 23 18.34 17.67 -20.08
CA GLY E 23 18.38 18.33 -18.80
C GLY E 23 19.72 18.93 -18.41
N TYR E 24 20.80 18.46 -19.04
CA TYR E 24 22.12 19.03 -18.75
C TYR E 24 22.24 20.46 -19.24
N GLY E 25 21.56 20.80 -20.33
CA GLY E 25 21.63 22.17 -20.83
C GLY E 25 21.04 23.17 -19.86
N THR E 26 19.88 22.85 -19.28
CA THR E 26 19.30 23.71 -18.26
C THR E 26 20.15 23.72 -17.00
N PHE E 27 20.59 22.53 -16.57
CA PHE E 27 21.43 22.44 -15.38
C PHE E 27 22.75 23.18 -15.58
N GLY E 28 23.37 23.00 -16.75
CA GLY E 28 24.66 23.63 -16.98
C GLY E 28 24.59 25.14 -17.00
N TYR E 29 23.59 25.70 -17.68
CA TYR E 29 23.41 27.14 -17.72
C TYR E 29 23.26 27.71 -16.31
N LEU E 30 22.40 27.09 -15.49
CA LEU E 30 22.15 27.59 -14.15
C LEU E 30 23.38 27.43 -13.25
N ILE E 31 24.00 26.23 -13.27
CA ILE E 31 25.17 25.99 -12.44
C ILE E 31 26.31 26.95 -12.82
N THR E 32 26.56 27.10 -14.13
CA THR E 32 27.63 28.00 -14.56
C THR E 32 27.32 29.44 -14.20
N ARG E 33 26.07 29.86 -14.37
CA ARG E 33 25.71 31.24 -14.02
C ARG E 33 25.72 31.45 -12.52
N ILE E 34 25.42 30.41 -11.73
CA ILE E 34 25.53 30.51 -10.29
C ILE E 34 27.00 30.65 -9.89
N GLU E 35 27.87 29.80 -10.44
CA GLU E 35 29.29 29.91 -10.16
C GLU E 35 29.84 31.24 -10.63
N GLU E 36 29.39 31.71 -11.80
CA GLU E 36 29.83 33.01 -12.30
C GLU E 36 29.36 34.14 -11.38
N THR E 37 28.06 34.15 -11.05
CA THR E 37 27.51 35.20 -10.18
C THR E 37 28.22 35.21 -8.83
N LEU E 38 28.56 34.04 -8.31
CA LEU E 38 29.32 33.96 -7.07
C LEU E 38 30.70 34.56 -7.23
N TYR E 39 31.31 34.44 -8.42
CA TYR E 39 32.62 35.02 -8.63
C TYR E 39 32.55 36.54 -8.70
N ASP E 40 31.55 37.09 -9.38
CA ASP E 40 31.44 38.53 -9.49
C ASP E 40 31.27 39.19 -8.12
N GLN E 41 30.50 38.56 -7.23
CA GLN E 41 30.29 39.14 -5.92
C GLN E 41 31.42 38.79 -4.95
N TYR E 42 31.90 37.55 -4.98
CA TYR E 42 32.87 37.08 -3.99
C TYR E 42 34.19 36.61 -4.60
N GLY E 43 34.56 37.14 -5.77
CA GLY E 43 35.88 36.94 -6.37
C GLY E 43 36.61 35.64 -6.17
N VAL E 44 35.91 34.59 -5.72
CA VAL E 44 36.51 33.29 -5.44
C VAL E 44 35.68 32.24 -6.16
N PHE E 45 36.26 31.05 -6.32
CA PHE E 45 35.70 30.00 -7.16
C PHE E 45 34.87 29.03 -6.32
N TYR E 46 33.60 28.87 -6.71
CA TYR E 46 32.68 27.95 -6.04
C TYR E 46 32.43 26.74 -6.94
N GLU E 47 32.24 25.57 -6.32
CA GLU E 47 32.11 24.33 -7.06
C GLU E 47 30.97 23.50 -6.49
N LEU E 48 30.30 22.75 -7.36
CA LEU E 48 29.20 21.90 -6.93
C LEU E 48 29.71 20.72 -6.12
N TYR E 49 29.03 20.44 -5.01
CA TYR E 49 29.36 19.32 -4.14
C TYR E 49 28.20 18.35 -3.94
N ALA E 50 26.97 18.79 -4.10
CA ALA E 50 25.80 17.92 -4.02
C ALA E 50 24.75 18.43 -4.98
N SER E 51 24.39 17.61 -5.98
CA SER E 51 23.47 18.06 -7.01
C SER E 51 22.05 18.15 -6.47
N ASP E 52 21.57 17.10 -5.82
CA ASP E 52 20.29 17.09 -5.12
C ASP E 52 20.55 16.58 -3.72
N ASP E 53 21.00 17.46 -2.84
CA ASP E 53 21.36 17.11 -1.46
C ASP E 53 20.18 16.47 -0.74
N PRO E 54 20.26 15.17 -0.44
CA PRO E 54 19.21 14.54 0.38
C PRO E 54 19.32 14.86 1.85
N ASN E 55 20.39 15.54 2.28
CA ASN E 55 20.58 15.90 3.67
C ASN E 55 19.79 17.15 3.98
N THR E 56 18.83 17.06 4.91
CA THR E 56 17.89 18.13 5.19
C THR E 56 18.28 18.98 6.39
N GLU E 57 19.28 18.58 7.17
CA GLU E 57 19.55 19.27 8.43
C GLU E 57 20.13 20.66 8.18
N TYR E 58 21.22 20.76 7.42
CA TYR E 58 21.80 22.09 7.22
C TYR E 58 20.96 22.95 6.28
N TRP E 59 20.09 22.33 5.48
CA TRP E 59 19.14 23.11 4.71
C TRP E 59 18.07 23.70 5.61
N GLU E 60 17.64 22.95 6.62
CA GLU E 60 16.74 23.50 7.64
C GLU E 60 17.38 24.67 8.35
N LEU E 61 18.69 24.56 8.66
CA LEU E 61 19.37 25.63 9.39
C LEU E 61 19.43 26.90 8.55
N LEU E 62 19.56 26.77 7.24
CA LEU E 62 19.60 27.94 6.36
C LEU E 62 18.28 28.71 6.43
N VAL E 63 17.15 27.99 6.38
CA VAL E 63 15.84 28.63 6.40
C VAL E 63 15.64 29.40 7.69
N GLU E 64 16.03 28.81 8.83
CA GLU E 64 15.85 29.47 10.11
C GLU E 64 16.75 30.71 10.21
N ASP E 65 17.92 30.69 9.57
CA ASP E 65 18.79 31.85 9.58
C ASP E 65 18.19 32.99 8.75
N VAL E 66 17.53 32.66 7.64
CA VAL E 66 16.88 33.70 6.84
C VAL E 66 15.62 34.19 7.55
N ARG E 67 14.94 33.33 8.29
CA ARG E 67 13.83 33.77 9.12
C ARG E 67 14.29 34.74 10.19
N SER E 68 15.37 34.40 10.89
CA SER E 68 15.82 35.18 12.03
C SER E 68 16.34 36.56 11.64
N GLY E 69 16.63 36.78 10.37
CA GLY E 69 17.27 38.01 9.93
C GLY E 69 18.77 38.02 10.08
N SER E 70 19.37 36.88 10.42
CA SER E 70 20.82 36.81 10.59
C SER E 70 21.55 37.27 9.34
N LEU E 71 22.64 38.01 9.53
CA LEU E 71 23.46 38.49 8.44
C LEU E 71 24.50 37.47 7.99
N GLU E 72 24.59 36.33 8.67
CA GLU E 72 25.50 35.28 8.22
C GLU E 72 25.13 34.76 6.82
N PRO E 73 23.89 34.40 6.51
CA PRO E 73 23.55 34.07 5.13
C PRO E 73 23.36 35.32 4.29
N GLU E 74 23.86 35.29 3.06
CA GLU E 74 23.85 36.43 2.17
C GLU E 74 23.15 36.05 0.88
N HIS E 75 22.10 36.79 0.52
CA HIS E 75 21.32 36.52 -0.68
C HIS E 75 22.05 37.07 -1.89
N VAL E 76 22.68 36.18 -2.66
CA VAL E 76 23.51 36.65 -3.76
C VAL E 76 22.68 36.95 -5.00
N ALA E 77 21.62 36.18 -5.24
CA ALA E 77 20.87 36.32 -6.48
C ALA E 77 19.57 35.53 -6.38
N TYR E 78 18.69 35.77 -7.37
CA TYR E 78 17.48 35.02 -7.59
C TYR E 78 17.66 34.16 -8.83
N ILE E 79 17.10 32.96 -8.83
CA ILE E 79 17.33 32.04 -9.94
C ILE E 79 16.44 32.39 -11.13
N PHE E 80 15.13 32.54 -10.91
CA PHE E 80 14.20 32.87 -11.97
C PHE E 80 13.56 34.23 -11.67
N GLU E 81 13.36 35.03 -12.72
CA GLU E 81 12.86 36.38 -12.53
C GLU E 81 11.41 36.39 -12.06
N LYS E 82 10.57 35.51 -12.61
CA LYS E 82 9.13 35.55 -12.36
C LYS E 82 8.64 34.41 -11.47
N LEU E 83 9.54 33.76 -10.73
CA LEU E 83 9.11 32.88 -9.65
C LEU E 83 9.22 33.65 -8.33
N GLU E 84 8.88 32.97 -7.23
CA GLU E 84 8.73 33.65 -5.95
C GLU E 84 10.01 34.36 -5.54
N LYS E 85 9.89 35.65 -5.23
CA LYS E 85 10.99 36.45 -4.71
C LYS E 85 10.96 36.57 -3.20
N LYS E 86 9.87 36.14 -2.56
CA LYS E 86 9.72 36.18 -1.12
C LYS E 86 8.71 35.11 -0.74
N THR E 87 8.68 34.78 0.55
CA THR E 87 7.82 33.71 1.03
C THR E 87 7.47 33.97 2.50
N PHE E 88 6.72 33.05 3.09
CA PHE E 88 6.29 33.15 4.48
C PHE E 88 6.29 31.77 5.11
N ALA E 89 6.30 31.76 6.44
CA ALA E 89 6.38 30.52 7.21
C ALA E 89 5.04 30.10 7.80
N TYR E 90 3.94 30.70 7.35
CA TYR E 90 2.63 30.32 7.85
C TYR E 90 2.22 28.96 7.29
N ASP E 91 1.81 28.07 8.18
CA ASP E 91 1.28 26.77 7.80
C ASP E 91 0.10 26.45 8.70
N GLU E 92 -1.00 25.99 8.08
CA GLU E 92 -2.22 25.70 8.83
C GLU E 92 -1.95 24.76 10.00
N ASP E 93 -1.14 23.72 9.75
CA ASP E 93 -0.99 22.63 10.71
C ASP E 93 -0.31 23.08 11.99
N GLU E 94 0.40 24.20 11.96
CA GLU E 94 1.14 24.66 13.14
C GLU E 94 0.19 25.02 14.27
N LYS E 95 0.44 24.45 15.45
CA LYS E 95 -0.35 24.82 16.62
C LYS E 95 -0.11 26.28 17.00
N GLU E 96 1.14 26.72 16.97
CA GLU E 96 1.48 28.12 17.19
C GLU E 96 1.99 28.70 15.87
N PRO E 97 1.24 29.59 15.24
CA PRO E 97 1.60 30.02 13.88
C PRO E 97 2.74 31.02 13.86
N ASP E 98 3.56 30.91 12.81
CA ASP E 98 4.63 31.85 12.52
C ASP E 98 4.20 32.70 11.33
N TYR E 99 4.30 34.02 11.48
CA TYR E 99 3.86 34.95 10.45
C TYR E 99 5.03 35.69 9.81
N THR E 100 6.26 35.25 10.05
CA THR E 100 7.42 35.94 9.52
C THR E 100 7.47 35.82 8.00
N VAL E 101 7.56 36.96 7.33
CA VAL E 101 7.74 37.02 5.88
C VAL E 101 9.21 37.31 5.61
N HIS E 102 9.88 36.38 4.92
CA HIS E 102 11.29 36.53 4.59
C HIS E 102 11.48 36.32 3.10
N LYS E 103 12.73 36.49 2.65
CA LYS E 103 13.05 36.21 1.25
C LYS E 103 12.99 34.71 0.99
N SER E 104 12.73 34.36 -0.26
CA SER E 104 12.47 32.98 -0.61
C SER E 104 13.72 32.12 -0.47
N ILE E 105 13.50 30.83 -0.21
CA ILE E 105 14.55 29.82 -0.28
C ILE E 105 14.58 29.15 -1.64
N ARG E 106 13.44 28.63 -2.08
CA ARG E 106 13.30 28.23 -3.48
C ARG E 106 13.38 29.48 -4.35
N ASN E 107 14.11 29.37 -5.47
CA ASN E 107 14.37 30.46 -6.41
C ASN E 107 15.42 31.44 -5.90
N SER E 108 16.26 31.03 -4.96
CA SER E 108 17.25 31.93 -4.39
C SER E 108 18.55 31.19 -4.13
N VAL E 109 19.65 31.93 -4.12
CA VAL E 109 20.98 31.39 -3.86
C VAL E 109 21.55 32.12 -2.66
N TYR E 110 21.93 31.37 -1.63
CA TYR E 110 22.45 31.92 -0.39
C TYR E 110 23.86 31.37 -0.17
N ALA E 111 24.80 32.27 0.11
CA ALA E 111 26.19 31.91 0.35
C ALA E 111 26.61 32.42 1.71
N TYR E 112 27.07 31.51 2.57
CA TYR E 112 27.73 31.85 3.83
C TYR E 112 29.15 32.28 3.50
N PRO E 113 29.46 33.59 3.50
CA PRO E 113 30.79 33.99 3.01
C PRO E 113 31.92 33.53 3.90
N GLU E 114 31.72 33.54 5.22
CA GLU E 114 32.77 33.15 6.16
C GLU E 114 33.09 31.67 6.04
N LYS E 115 32.08 30.83 5.86
CA LYS E 115 32.25 29.38 5.80
C LYS E 115 32.55 28.88 4.40
N GLY E 116 32.52 29.76 3.40
CA GLY E 116 32.83 29.36 2.04
C GLY E 116 31.85 28.36 1.46
N VAL E 117 30.58 28.45 1.84
CA VAL E 117 29.56 27.49 1.44
C VAL E 117 28.37 28.25 0.88
N ALA E 118 27.79 27.74 -0.21
CA ALA E 118 26.66 28.37 -0.88
C ALA E 118 25.56 27.35 -1.13
N PHE E 119 24.31 27.82 -1.02
CA PHE E 119 23.13 26.99 -1.19
C PHE E 119 22.31 27.51 -2.36
N ALA E 120 21.79 26.58 -3.17
CA ALA E 120 20.93 26.94 -4.30
C ALA E 120 19.77 25.98 -4.35
N ARG E 121 18.56 26.48 -4.09
CA ARG E 121 17.33 25.71 -4.24
C ARG E 121 16.72 26.07 -5.58
N ILE E 122 16.98 25.24 -6.59
CA ILE E 122 16.69 25.56 -7.98
C ILE E 122 15.29 25.03 -8.31
N PRO E 123 14.35 25.87 -8.73
CA PRO E 123 13.01 25.39 -9.03
C PRO E 123 12.95 24.66 -10.36
N TYR E 124 12.07 23.66 -10.42
CA TYR E 124 11.80 22.98 -11.68
C TYR E 124 10.35 22.54 -11.73
N PHE E 125 9.72 22.73 -12.88
CA PHE E 125 8.31 22.41 -13.11
C PHE E 125 8.25 21.00 -13.69
N GLN E 126 7.70 20.06 -12.93
CA GLN E 126 7.52 18.71 -13.46
C GLN E 126 6.26 18.08 -12.88
N ASP E 127 5.45 17.52 -13.77
CA ASP E 127 4.24 16.79 -13.40
C ASP E 127 3.27 17.64 -12.59
N GLY E 128 3.16 17.36 -11.29
CA GLY E 128 2.07 17.91 -10.51
C GLY E 128 2.27 19.36 -10.13
N SER E 129 3.51 19.76 -9.85
CA SER E 129 3.74 21.06 -9.23
C SER E 129 5.16 21.50 -9.50
N ILE E 130 5.54 22.61 -8.88
CA ILE E 130 6.90 23.11 -8.91
C ILE E 130 7.71 22.39 -7.84
N MET E 131 8.88 21.90 -8.23
CA MET E 131 9.77 21.18 -7.33
C MET E 131 11.14 21.82 -7.36
N SER E 132 12.01 21.44 -6.42
CA SER E 132 13.23 22.18 -6.16
C SER E 132 14.43 21.25 -6.03
N PHE E 133 15.47 21.52 -6.83
CA PHE E 133 16.77 20.93 -6.63
C PHE E 133 17.46 21.59 -5.45
N ASP E 134 18.04 20.79 -4.56
CA ASP E 134 18.87 21.33 -3.48
C ASP E 134 20.34 21.13 -3.84
N CYS E 135 20.96 22.20 -4.34
CA CYS E 135 22.37 22.18 -4.73
C CYS E 135 23.20 22.88 -3.66
N LEU E 136 24.38 22.34 -3.40
CA LEU E 136 25.27 22.85 -2.35
C LEU E 136 26.65 23.07 -2.93
N PHE E 137 27.14 24.31 -2.81
CA PHE E 137 28.43 24.72 -3.36
C PHE E 137 29.41 24.99 -2.24
N ALA E 138 30.70 24.99 -2.60
CA ALA E 138 31.78 25.28 -1.65
C ALA E 138 33.03 25.65 -2.44
N VAL E 139 33.91 26.41 -1.78
CA VAL E 139 35.13 26.87 -2.43
C VAL E 139 36.20 25.78 -2.43
N ASN E 140 36.43 25.15 -1.28
CA ASN E 140 37.45 24.14 -1.15
C ASN E 140 36.93 23.03 -0.24
N ASP E 141 37.63 21.89 -0.28
CA ASP E 141 37.12 20.69 0.39
C ASP E 141 37.09 20.85 1.91
N GLU E 142 38.10 21.52 2.49
CA GLU E 142 38.18 21.59 3.94
C GLU E 142 37.15 22.56 4.53
N LYS E 143 36.75 23.59 3.78
CA LYS E 143 35.65 24.43 4.25
C LYS E 143 34.35 23.64 4.28
N MET E 144 34.16 22.74 3.32
CA MET E 144 32.99 21.86 3.34
C MET E 144 33.01 20.95 4.57
N ARG E 145 34.18 20.39 4.88
CA ARG E 145 34.30 19.54 6.07
C ARG E 145 34.00 20.32 7.35
N ALA E 146 34.49 21.55 7.43
CA ALA E 146 34.23 22.37 8.61
C ALA E 146 32.74 22.68 8.74
N PHE E 147 32.07 22.94 7.62
CA PHE E 147 30.64 23.22 7.66
C PHE E 147 29.87 22.02 8.18
N LEU E 148 30.22 20.81 7.73
CA LEU E 148 29.46 19.62 8.11
C LEU E 148 29.64 19.29 9.59
N GLU E 149 30.87 19.36 10.09
CA GLU E 149 31.08 19.14 11.53
C GLU E 149 30.37 20.19 12.35
N GLY E 150 30.29 21.43 11.86
CA GLY E 150 29.59 22.47 12.59
C GLY E 150 28.08 22.32 12.56
N VAL E 151 27.54 21.55 11.61
CA VAL E 151 26.10 21.45 11.44
C VAL E 151 25.43 20.97 12.74
N ARG E 152 25.87 19.82 13.26
CA ARG E 152 25.20 19.19 14.38
C ARG E 152 25.30 20.01 15.67
N PRO E 153 26.46 20.62 15.97
CA PRO E 153 26.48 21.59 17.08
C PRO E 153 25.48 22.73 16.92
N ARG E 154 25.47 23.38 15.75
CA ARG E 154 24.51 24.45 15.49
C ARG E 154 23.08 23.95 15.67
N LEU E 155 22.84 22.66 15.43
CA LEU E 155 21.49 22.11 15.53
C LEU E 155 20.97 22.16 16.97
N TRP E 156 21.79 21.72 17.93
CA TRP E 156 21.36 21.64 19.32
C TRP E 156 21.63 22.90 20.12
N GLU E 157 22.45 23.82 19.60
CA GLU E 157 22.62 25.11 20.27
C GLU E 157 21.37 25.97 20.10
N LYS E 158 20.77 25.94 18.92
CA LYS E 158 19.65 26.83 18.60
C LYS E 158 18.39 26.42 19.36
N SER E 159 18.14 25.13 19.49
CA SER E 159 16.91 24.61 20.10
C SER E 159 16.71 25.14 21.51
N ASN F 5 -1.45 -13.42 -49.40
CA ASN F 5 -1.34 -12.01 -49.72
C ASN F 5 -2.34 -11.20 -48.90
N ILE F 6 -2.00 -10.98 -47.63
CA ILE F 6 -2.89 -10.33 -46.67
C ILE F 6 -2.60 -8.83 -46.64
N PRO F 7 -3.61 -7.97 -46.62
CA PRO F 7 -3.36 -6.52 -46.63
C PRO F 7 -2.77 -6.04 -45.32
N PHE F 8 -2.28 -4.82 -45.35
CA PHE F 8 -1.72 -4.14 -44.17
C PHE F 8 -2.43 -2.80 -43.97
N ILE F 9 -2.89 -2.58 -42.74
CA ILE F 9 -3.58 -1.33 -42.41
C ILE F 9 -2.61 -0.14 -42.45
N TYR F 10 -1.44 -0.31 -41.84
CA TYR F 10 -0.49 0.79 -41.69
C TYR F 10 0.37 0.88 -42.94
N GLN F 11 0.24 2.00 -43.68
CA GLN F 11 1.01 2.26 -44.90
C GLN F 11 1.66 3.62 -44.76
N TYR F 12 2.78 3.66 -44.04
CA TYR F 12 3.54 4.90 -43.85
C TYR F 12 5.01 4.53 -43.82
N GLU F 13 5.75 4.92 -44.85
CA GLU F 13 7.18 4.67 -44.92
C GLU F 13 7.92 5.89 -44.37
N GLU F 14 8.70 5.66 -43.32
CA GLU F 14 9.26 6.71 -42.49
C GLU F 14 10.57 7.23 -43.06
N LYS F 15 10.81 8.52 -42.84
CA LYS F 15 12.12 9.09 -43.14
C LYS F 15 13.15 8.57 -42.15
N GLU F 16 14.42 8.61 -42.55
CA GLU F 16 15.48 7.99 -41.76
C GLU F 16 15.60 8.62 -40.38
N ASN F 17 15.31 9.91 -40.24
CA ASN F 17 15.52 10.60 -38.98
C ASN F 17 14.71 9.99 -37.85
N GLU F 18 13.59 9.34 -38.17
CA GLU F 18 12.66 8.87 -37.16
C GLU F 18 12.75 7.37 -36.90
N ARG F 19 13.66 6.67 -37.57
CA ARG F 19 14.01 5.31 -37.15
C ARG F 19 14.99 5.31 -35.99
N ALA F 20 15.39 6.48 -35.51
CA ALA F 20 16.41 6.58 -34.46
C ALA F 20 15.91 5.95 -33.18
N ALA F 21 16.87 5.42 -32.41
CA ALA F 21 16.60 4.84 -31.10
C ALA F 21 16.90 5.87 -30.03
N ALA F 22 15.89 6.20 -29.21
CA ALA F 22 16.05 7.23 -28.20
C ALA F 22 16.96 6.74 -27.08
N GLY F 23 17.92 7.58 -26.69
CA GLY F 23 18.82 7.30 -25.60
C GLY F 23 20.13 6.66 -26.01
N TYR F 24 20.13 5.86 -27.08
CA TYR F 24 21.37 5.21 -27.51
C TYR F 24 22.40 6.22 -28.02
N GLY F 25 21.94 7.34 -28.58
CA GLY F 25 22.86 8.34 -29.06
C GLY F 25 23.72 8.92 -27.95
N THR F 26 23.09 9.25 -26.82
CA THR F 26 23.84 9.75 -25.67
C THR F 26 24.71 8.64 -25.08
N PHE F 27 24.15 7.44 -24.93
CA PHE F 27 24.90 6.34 -24.33
C PHE F 27 26.11 5.96 -25.19
N GLY F 28 25.91 5.88 -26.50
CA GLY F 28 27.02 5.49 -27.37
C GLY F 28 28.13 6.50 -27.40
N TYR F 29 27.77 7.79 -27.54
CA TYR F 29 28.75 8.87 -27.47
C TYR F 29 29.56 8.79 -26.17
N LEU F 30 28.89 8.46 -25.07
CA LEU F 30 29.55 8.37 -23.78
C LEU F 30 30.47 7.16 -23.71
N ILE F 31 29.96 5.99 -24.12
CA ILE F 31 30.73 4.76 -24.03
C ILE F 31 31.98 4.83 -24.90
N THR F 32 31.81 5.29 -26.14
CA THR F 32 32.95 5.44 -27.05
C THR F 32 34.05 6.28 -26.42
N ARG F 33 33.68 7.42 -25.84
CA ARG F 33 34.67 8.32 -25.28
C ARG F 33 35.26 7.79 -23.97
N ILE F 34 34.46 7.07 -23.19
CA ILE F 34 35.00 6.41 -21.99
C ILE F 34 36.06 5.39 -22.40
N GLU F 35 35.75 4.55 -23.40
CA GLU F 35 36.73 3.59 -23.89
C GLU F 35 37.92 4.30 -24.54
N GLU F 36 37.65 5.33 -25.34
CA GLU F 36 38.72 6.10 -25.96
C GLU F 36 39.65 6.69 -24.91
N THR F 37 39.07 7.37 -23.92
CA THR F 37 39.88 8.01 -22.88
C THR F 37 40.62 6.98 -22.04
N LEU F 38 39.97 5.86 -21.74
CA LEU F 38 40.62 4.80 -20.98
C LEU F 38 41.79 4.16 -21.72
N TYR F 39 41.85 4.32 -23.04
CA TYR F 39 43.04 3.90 -23.78
C TYR F 39 44.20 4.85 -23.53
N ASP F 40 43.96 6.16 -23.61
CA ASP F 40 45.04 7.12 -23.46
C ASP F 40 45.70 7.05 -22.09
N GLN F 41 44.93 6.70 -21.06
CA GLN F 41 45.51 6.64 -19.72
C GLN F 41 46.26 5.33 -19.48
N TYR F 42 45.75 4.21 -19.99
CA TYR F 42 46.30 2.90 -19.65
C TYR F 42 46.64 2.05 -20.86
N GLY F 43 46.50 2.57 -22.07
CA GLY F 43 47.02 1.89 -23.26
C GLY F 43 46.40 0.54 -23.53
N VAL F 44 45.15 0.32 -23.12
CA VAL F 44 44.48 -0.95 -23.31
C VAL F 44 43.07 -0.70 -23.83
N PHE F 45 42.60 -1.60 -24.69
CA PHE F 45 41.25 -1.53 -25.22
C PHE F 45 40.27 -2.05 -24.17
N TYR F 46 39.17 -1.34 -23.99
CA TYR F 46 38.24 -1.59 -22.90
C TYR F 46 36.86 -1.92 -23.47
N GLU F 47 36.04 -2.58 -22.65
CA GLU F 47 34.78 -3.14 -23.16
C GLU F 47 33.73 -3.13 -22.05
N LEU F 48 32.47 -2.99 -22.47
CA LEU F 48 31.34 -2.98 -21.53
C LEU F 48 30.97 -4.40 -21.13
N TYR F 49 30.83 -4.62 -19.81
CA TYR F 49 30.39 -5.90 -19.28
C TYR F 49 29.10 -5.81 -18.47
N ALA F 50 28.74 -4.62 -17.97
CA ALA F 50 27.45 -4.39 -17.36
C ALA F 50 27.00 -2.98 -17.74
N SER F 51 25.78 -2.88 -18.28
CA SER F 51 25.26 -1.60 -18.74
C SER F 51 24.53 -0.84 -17.64
N ASP F 52 23.76 -1.56 -16.80
CA ASP F 52 23.13 -1.00 -15.60
C ASP F 52 23.33 -2.04 -14.51
N ASP F 53 24.52 -2.02 -13.91
CA ASP F 53 24.93 -3.06 -12.97
C ASP F 53 23.98 -3.12 -11.78
N PRO F 54 23.31 -4.25 -11.54
CA PRO F 54 22.38 -4.34 -10.41
C PRO F 54 23.04 -4.78 -9.11
N ASN F 55 24.23 -5.37 -9.19
CA ASN F 55 24.95 -5.77 -7.99
C ASN F 55 25.56 -4.55 -7.32
N THR F 56 25.54 -4.56 -5.98
CA THR F 56 25.93 -3.40 -5.20
C THR F 56 27.25 -3.56 -4.46
N GLU F 57 27.68 -4.79 -4.19
CA GLU F 57 28.82 -5.01 -3.29
C GLU F 57 30.09 -4.34 -3.82
N TYR F 58 30.49 -4.67 -5.05
CA TYR F 58 31.76 -4.15 -5.55
C TYR F 58 31.67 -2.67 -5.89
N TRP F 59 30.48 -2.16 -6.20
CA TRP F 59 30.34 -0.71 -6.34
C TRP F 59 30.44 -0.02 -4.98
N GLU F 60 29.87 -0.63 -3.95
CA GLU F 60 30.01 -0.09 -2.60
C GLU F 60 31.47 -0.08 -2.16
N LEU F 61 32.21 -1.13 -2.51
CA LEU F 61 33.62 -1.20 -2.13
C LEU F 61 34.43 -0.13 -2.84
N LEU F 62 34.02 0.29 -4.03
CA LEU F 62 34.69 1.38 -4.71
C LEU F 62 34.61 2.68 -3.90
N VAL F 63 33.45 2.95 -3.31
CA VAL F 63 33.27 4.15 -2.50
C VAL F 63 34.19 4.11 -1.28
N GLU F 64 34.26 2.96 -0.63
CA GLU F 64 35.14 2.81 0.54
C GLU F 64 36.59 3.05 0.17
N ASP F 65 37.00 2.59 -1.02
CA ASP F 65 38.38 2.75 -1.44
C ASP F 65 38.70 4.20 -1.76
N VAL F 66 37.79 4.90 -2.45
CA VAL F 66 38.00 6.32 -2.72
C VAL F 66 37.94 7.12 -1.43
N ARG F 67 37.07 6.71 -0.50
CA ARG F 67 37.00 7.36 0.80
C ARG F 67 38.29 7.19 1.60
N SER F 68 39.02 6.10 1.37
CA SER F 68 40.23 5.79 2.12
C SER F 68 41.49 6.35 1.48
N GLY F 69 41.39 6.97 0.31
CA GLY F 69 42.56 7.43 -0.39
C GLY F 69 43.44 6.33 -0.92
N SER F 70 42.88 5.12 -1.09
CA SER F 70 43.67 3.99 -1.58
C SER F 70 44.24 4.29 -2.96
N LEU F 71 45.49 3.85 -3.16
CA LEU F 71 46.21 4.22 -4.38
C LEU F 71 45.62 3.55 -5.62
N GLU F 72 45.01 2.37 -5.46
CA GLU F 72 44.65 1.57 -6.64
C GLU F 72 43.49 2.16 -7.43
N PRO F 73 42.35 2.51 -6.83
CA PRO F 73 41.30 3.18 -7.62
C PRO F 73 41.77 4.54 -8.13
N GLU F 74 41.95 4.65 -9.43
CA GLU F 74 42.57 5.81 -10.06
C GLU F 74 41.54 6.55 -10.89
N HIS F 75 41.48 7.87 -10.72
CA HIS F 75 40.45 8.71 -11.32
C HIS F 75 40.78 8.96 -12.78
N VAL F 76 40.01 8.34 -13.69
CA VAL F 76 40.25 8.52 -15.12
C VAL F 76 39.77 9.89 -15.58
N ALA F 77 38.50 10.20 -15.34
CA ALA F 77 37.94 11.47 -15.81
C ALA F 77 36.59 11.73 -15.14
N TYR F 78 36.07 12.93 -15.39
CA TYR F 78 34.70 13.30 -15.05
C TYR F 78 33.84 13.21 -16.30
N ILE F 79 32.59 12.78 -16.12
CA ILE F 79 31.72 12.55 -17.28
C ILE F 79 31.10 13.86 -17.76
N PHE F 80 30.39 14.55 -16.86
CA PHE F 80 29.79 15.85 -17.18
C PHE F 80 30.54 16.95 -16.44
N GLU F 81 30.84 18.04 -17.15
CA GLU F 81 31.68 19.09 -16.58
C GLU F 81 31.00 19.79 -15.41
N LYS F 82 29.80 20.32 -15.63
CA LYS F 82 29.17 21.20 -14.65
C LYS F 82 28.42 20.44 -13.55
N LEU F 83 28.41 19.12 -13.59
CA LEU F 83 27.85 18.33 -12.49
C LEU F 83 28.90 18.20 -11.39
N GLU F 84 28.60 17.41 -10.36
CA GLU F 84 29.48 17.32 -9.21
C GLU F 84 30.83 16.73 -9.60
N LYS F 85 31.89 17.38 -9.13
CA LYS F 85 33.24 16.85 -9.26
C LYS F 85 33.81 16.44 -7.90
N LYS F 86 33.10 16.73 -6.81
CA LYS F 86 33.42 16.26 -5.47
C LYS F 86 32.12 15.90 -4.76
N THR F 87 32.25 15.18 -3.65
CA THR F 87 31.09 14.81 -2.83
C THR F 87 31.57 14.48 -1.42
N PHE F 88 30.60 14.28 -0.52
CA PHE F 88 30.89 13.97 0.87
C PHE F 88 29.96 12.85 1.33
N ALA F 89 30.19 12.38 2.56
CA ALA F 89 29.52 11.19 3.07
C ALA F 89 28.84 11.43 4.42
N TYR F 90 28.47 12.67 4.70
CA TYR F 90 27.71 12.96 5.91
C TYR F 90 26.30 12.37 5.78
N ASP F 91 25.86 11.66 6.81
CA ASP F 91 24.50 11.14 6.87
C ASP F 91 23.86 11.62 8.16
N GLU F 92 22.83 12.47 8.02
CA GLU F 92 22.09 12.96 9.19
C GLU F 92 21.57 11.81 10.04
N ASP F 93 21.08 10.76 9.40
CA ASP F 93 20.41 9.68 10.11
C ASP F 93 21.40 8.77 10.82
N GLU F 94 22.62 8.66 10.28
CA GLU F 94 23.64 7.85 10.91
C GLU F 94 24.01 8.45 12.27
N LYS F 95 24.03 7.58 13.29
CA LYS F 95 24.19 8.06 14.66
C LYS F 95 25.56 8.72 14.88
N GLU F 96 26.58 8.26 14.16
CA GLU F 96 27.92 8.84 14.26
C GLU F 96 28.43 9.14 12.86
N PRO F 97 28.48 10.40 12.44
CA PRO F 97 28.70 10.72 11.03
C PRO F 97 30.15 10.59 10.60
N ASP F 98 30.33 10.52 9.29
CA ASP F 98 31.63 10.57 8.64
C ASP F 98 31.68 11.81 7.77
N TYR F 99 32.73 12.62 7.95
CA TYR F 99 32.84 13.92 7.30
C TYR F 99 33.85 13.91 6.15
N THR F 100 34.21 12.73 5.65
CA THR F 100 35.19 12.64 4.57
C THR F 100 34.66 13.29 3.30
N VAL F 101 35.50 14.11 2.67
CA VAL F 101 35.17 14.79 1.43
C VAL F 101 36.13 14.27 0.37
N HIS F 102 35.62 13.44 -0.54
CA HIS F 102 36.46 12.85 -1.57
C HIS F 102 36.02 13.36 -2.94
N LYS F 103 36.39 12.64 -3.99
CA LYS F 103 35.94 12.93 -5.33
C LYS F 103 34.62 12.20 -5.60
N SER F 104 33.82 12.78 -6.50
CA SER F 104 32.48 12.27 -6.75
C SER F 104 32.53 10.89 -7.38
N ILE F 105 31.72 9.96 -6.86
CA ILE F 105 31.54 8.67 -7.53
C ILE F 105 30.68 8.84 -8.77
N ARG F 106 29.45 9.32 -8.59
CA ARG F 106 28.65 9.75 -9.72
C ARG F 106 29.40 10.83 -10.49
N ASN F 107 29.27 10.80 -11.82
CA ASN F 107 29.91 11.70 -12.77
C ASN F 107 31.39 11.41 -12.96
N SER F 108 31.88 10.26 -12.52
CA SER F 108 33.31 9.96 -12.60
C SER F 108 33.53 8.57 -13.20
N VAL F 109 34.66 8.44 -13.88
CA VAL F 109 35.15 7.17 -14.40
C VAL F 109 36.35 6.76 -13.55
N TYR F 110 36.22 5.64 -12.85
CA TYR F 110 37.29 5.08 -12.02
C TYR F 110 37.70 3.73 -12.58
N ALA F 111 39.01 3.48 -12.60
CA ALA F 111 39.55 2.25 -13.15
C ALA F 111 40.62 1.68 -12.24
N TYR F 112 40.51 0.38 -11.96
CA TYR F 112 41.57 -0.40 -11.33
C TYR F 112 42.50 -0.89 -12.45
N PRO F 113 43.58 -0.17 -12.75
CA PRO F 113 44.36 -0.52 -13.95
C PRO F 113 45.00 -1.89 -13.92
N GLU F 114 45.49 -2.38 -12.77
CA GLU F 114 46.06 -3.73 -12.75
C GLU F 114 44.98 -4.78 -12.94
N LYS F 115 43.87 -4.66 -12.19
CA LYS F 115 42.79 -5.64 -12.28
C LYS F 115 42.06 -5.59 -13.61
N GLY F 116 42.37 -4.63 -14.47
CA GLY F 116 41.74 -4.54 -15.77
C GLY F 116 40.25 -4.25 -15.73
N VAL F 117 39.80 -3.48 -14.74
CA VAL F 117 38.38 -3.21 -14.54
C VAL F 117 38.20 -1.71 -14.39
N ALA F 118 37.05 -1.22 -14.83
CA ALA F 118 36.72 0.20 -14.74
C ALA F 118 35.27 0.38 -14.33
N PHE F 119 35.01 1.41 -13.53
CA PHE F 119 33.69 1.72 -13.01
C PHE F 119 33.26 3.09 -13.51
N ALA F 120 31.99 3.23 -13.87
CA ALA F 120 31.46 4.49 -14.37
C ALA F 120 30.02 4.64 -13.91
N ARG F 121 29.78 5.57 -12.98
CA ARG F 121 28.45 5.91 -12.52
C ARG F 121 27.99 7.11 -13.33
N ILE F 122 27.29 6.85 -14.43
CA ILE F 122 26.98 7.89 -15.41
C ILE F 122 25.70 8.61 -14.99
N PRO F 123 25.71 9.94 -14.90
CA PRO F 123 24.49 10.66 -14.54
C PRO F 123 23.52 10.77 -15.70
N TYR F 124 22.24 10.91 -15.35
CA TYR F 124 21.19 11.19 -16.31
C TYR F 124 19.97 11.70 -15.57
N PHE F 125 19.13 12.45 -16.29
CA PHE F 125 17.99 13.15 -15.72
C PHE F 125 16.71 12.44 -16.14
N GLN F 126 15.91 12.02 -15.16
CA GLN F 126 14.60 11.43 -15.40
C GLN F 126 13.63 11.91 -14.34
N ASP F 127 12.45 12.35 -14.78
CA ASP F 127 11.41 12.86 -13.89
C ASP F 127 11.97 13.90 -12.93
N GLY F 128 12.76 14.82 -13.48
CA GLY F 128 13.38 15.86 -12.69
C GLY F 128 14.67 15.42 -12.03
N SER F 129 14.57 14.43 -11.14
CA SER F 129 15.71 14.01 -10.33
C SER F 129 16.87 13.53 -11.20
N ILE F 130 18.04 13.45 -10.58
CA ILE F 130 19.27 12.99 -11.23
C ILE F 130 19.50 11.54 -10.86
N MET F 131 19.65 10.69 -11.87
CA MET F 131 19.80 9.26 -11.67
C MET F 131 21.07 8.79 -12.38
N SER F 132 21.54 7.60 -12.02
CA SER F 132 22.90 7.18 -12.37
C SER F 132 22.91 5.78 -12.96
N PHE F 133 23.34 5.67 -14.21
CA PHE F 133 23.69 4.38 -14.80
C PHE F 133 25.02 3.92 -14.20
N ASP F 134 25.02 2.79 -13.50
CA ASP F 134 26.27 2.18 -13.06
C ASP F 134 26.77 1.25 -14.16
N CYS F 135 27.85 1.66 -14.83
CA CYS F 135 28.41 0.93 -15.95
C CYS F 135 29.75 0.32 -15.54
N LEU F 136 29.95 -0.95 -15.90
CA LEU F 136 31.15 -1.69 -15.53
C LEU F 136 31.93 -2.05 -16.80
N PHE F 137 33.22 -1.72 -16.81
CA PHE F 137 34.08 -1.99 -17.95
C PHE F 137 35.18 -2.98 -17.56
N ALA F 138 35.80 -3.56 -18.60
CA ALA F 138 36.92 -4.47 -18.41
C ALA F 138 37.69 -4.57 -19.72
N VAL F 139 38.88 -5.15 -19.65
CA VAL F 139 39.73 -5.28 -20.82
C VAL F 139 39.54 -6.64 -21.51
N ASN F 140 39.33 -7.69 -20.72
CA ASN F 140 39.10 -9.03 -21.26
C ASN F 140 38.36 -9.85 -20.21
N ASP F 141 37.89 -11.03 -20.63
CA ASP F 141 36.98 -11.80 -19.81
C ASP F 141 37.69 -12.42 -18.60
N GLU F 142 38.93 -12.87 -18.77
CA GLU F 142 39.61 -13.56 -17.67
C GLU F 142 39.91 -12.60 -16.53
N LYS F 143 40.33 -11.37 -16.85
CA LYS F 143 40.54 -10.35 -15.82
C LYS F 143 39.23 -10.04 -15.10
N MET F 144 38.13 -9.94 -15.84
CA MET F 144 36.83 -9.62 -15.27
C MET F 144 36.42 -10.67 -14.23
N ARG F 145 36.38 -11.94 -14.64
CA ARG F 145 36.19 -13.05 -13.71
C ARG F 145 37.14 -12.97 -12.53
N ALA F 146 38.43 -12.68 -12.79
CA ALA F 146 39.39 -12.58 -11.70
C ALA F 146 38.98 -11.49 -10.71
N PHE F 147 38.54 -10.35 -11.20
CA PHE F 147 37.99 -9.32 -10.32
C PHE F 147 36.72 -9.82 -9.64
N LEU F 148 35.78 -10.37 -10.42
CA LEU F 148 34.57 -10.95 -9.84
C LEU F 148 34.90 -11.99 -8.78
N GLU F 149 35.97 -12.76 -8.99
CA GLU F 149 36.46 -13.65 -7.96
C GLU F 149 36.91 -12.88 -6.73
N GLY F 150 37.48 -11.68 -6.93
CA GLY F 150 38.10 -10.94 -5.84
C GLY F 150 37.14 -10.17 -4.95
N VAL F 151 35.87 -10.05 -5.34
CA VAL F 151 34.93 -9.22 -4.58
C VAL F 151 34.88 -9.66 -3.12
N ARG F 152 34.55 -10.93 -2.89
CA ARG F 152 34.42 -11.46 -1.54
C ARG F 152 35.76 -11.54 -0.82
N PRO F 153 36.86 -11.90 -1.49
CA PRO F 153 38.18 -11.73 -0.85
C PRO F 153 38.50 -10.29 -0.51
N ARG F 154 38.22 -9.35 -1.41
CA ARG F 154 38.48 -7.94 -1.11
C ARG F 154 37.49 -7.39 -0.09
N LEU F 155 36.29 -7.98 0.01
CA LEU F 155 35.26 -7.41 0.86
C LEU F 155 35.59 -7.59 2.34
N TRP F 156 35.90 -8.81 2.77
CA TRP F 156 36.19 -9.05 4.18
C TRP F 156 37.65 -8.82 4.54
N GLU F 157 38.54 -8.61 3.58
CA GLU F 157 39.89 -8.17 3.92
C GLU F 157 39.85 -6.78 4.53
N LYS F 158 38.99 -5.90 4.00
CA LYS F 158 38.89 -4.54 4.52
C LYS F 158 38.36 -4.53 5.95
N SER F 159 37.47 -5.46 6.29
CA SER F 159 36.92 -5.49 7.64
C SER F 159 38.00 -5.68 8.69
N LYS F 160 39.06 -6.41 8.35
CA LYS F 160 40.21 -6.57 9.24
C LYS F 160 40.91 -5.23 9.46
N ILE G 6 -10.70 -45.83 8.65
CA ILE G 6 -11.45 -46.13 9.86
C ILE G 6 -11.01 -45.28 11.08
N PRO G 7 -9.71 -45.16 11.36
CA PRO G 7 -9.28 -44.42 12.54
C PRO G 7 -9.37 -42.90 12.34
N PHE G 8 -9.40 -42.21 13.48
CA PHE G 8 -9.34 -40.76 13.52
C PHE G 8 -8.27 -40.35 14.52
N ILE G 9 -7.44 -39.38 14.14
CA ILE G 9 -6.33 -38.96 14.99
C ILE G 9 -6.86 -38.32 16.26
N TYR G 10 -7.60 -37.23 16.12
CA TYR G 10 -8.11 -36.48 17.27
C TYR G 10 -9.35 -37.17 17.80
N GLN G 11 -9.24 -37.75 18.99
CA GLN G 11 -10.34 -38.48 19.61
C GLN G 11 -10.88 -37.78 20.84
N TYR G 12 -10.56 -36.49 21.06
CA TYR G 12 -11.03 -35.80 22.25
C TYR G 12 -12.55 -35.72 22.24
N GLU G 13 -13.17 -36.20 23.31
CA GLU G 13 -14.61 -36.05 23.47
C GLU G 13 -14.89 -34.72 24.13
N GLU G 14 -15.91 -34.02 23.65
CA GLU G 14 -16.31 -32.75 24.23
C GLU G 14 -17.82 -32.72 24.42
N LYS G 15 -18.25 -32.29 25.60
CA LYS G 15 -19.65 -32.22 25.94
C LYS G 15 -20.18 -30.82 25.61
N GLU G 16 -21.30 -30.43 26.23
CA GLU G 16 -21.95 -29.17 25.90
C GLU G 16 -21.12 -27.94 26.26
N ASN G 17 -20.10 -28.08 27.11
CA ASN G 17 -19.47 -26.93 27.71
C ASN G 17 -18.57 -26.16 26.76
N GLU G 18 -17.88 -26.84 25.84
CA GLU G 18 -17.08 -26.16 24.83
C GLU G 18 -17.83 -26.00 23.51
N ARG G 19 -19.12 -26.31 23.48
CA ARG G 19 -19.97 -26.11 22.31
C ARG G 19 -20.45 -24.67 22.16
N ALA G 20 -19.92 -23.76 22.97
CA ALA G 20 -20.39 -22.38 22.97
C ALA G 20 -19.82 -21.61 21.78
N ALA G 21 -20.68 -20.85 21.10
CA ALA G 21 -20.25 -19.95 20.06
C ALA G 21 -19.72 -18.66 20.68
N ALA G 22 -18.97 -17.90 19.88
CA ALA G 22 -18.27 -16.72 20.37
C ALA G 22 -19.12 -15.48 20.14
N GLY G 23 -19.46 -14.79 21.23
CA GLY G 23 -20.17 -13.53 21.14
C GLY G 23 -21.66 -13.62 20.94
N TYR G 24 -22.19 -14.79 20.56
CA TYR G 24 -23.63 -14.92 20.36
C TYR G 24 -24.40 -14.71 21.66
N GLY G 25 -23.80 -15.08 22.79
CA GLY G 25 -24.47 -14.88 24.07
C GLY G 25 -24.78 -13.42 24.35
N THR G 26 -23.83 -12.54 24.03
CA THR G 26 -24.09 -11.11 24.19
C THR G 26 -25.10 -10.62 23.16
N PHE G 27 -24.94 -11.05 21.91
CA PHE G 27 -25.87 -10.62 20.86
C PHE G 27 -27.27 -11.16 21.11
N GLY G 28 -27.39 -12.39 21.62
CA GLY G 28 -28.71 -12.96 21.84
C GLY G 28 -29.48 -12.26 22.93
N TYR G 29 -28.83 -12.04 24.09
CA TYR G 29 -29.48 -11.36 25.20
C TYR G 29 -29.99 -9.98 24.79
N LEU G 30 -29.18 -9.22 24.06
CA LEU G 30 -29.59 -7.89 23.63
C LEU G 30 -30.72 -7.96 22.62
N ILE G 31 -30.62 -8.85 21.63
CA ILE G 31 -31.65 -8.97 20.60
C ILE G 31 -32.96 -9.44 21.23
N THR G 32 -32.90 -10.40 22.14
CA THR G 32 -34.12 -10.91 22.78
C THR G 32 -34.81 -9.82 23.58
N ARG G 33 -34.05 -9.01 24.32
CA ARG G 33 -34.65 -7.99 25.17
C ARG G 33 -35.22 -6.84 24.35
N ILE G 34 -34.52 -6.44 23.28
CA ILE G 34 -35.04 -5.39 22.40
C ILE G 34 -36.38 -5.81 21.81
N GLU G 35 -36.45 -7.03 21.29
CA GLU G 35 -37.71 -7.55 20.76
C GLU G 35 -38.79 -7.55 21.83
N GLU G 36 -38.45 -8.03 23.03
CA GLU G 36 -39.43 -8.09 24.11
C GLU G 36 -39.87 -6.70 24.54
N THR G 37 -38.92 -5.75 24.64
CA THR G 37 -39.25 -4.39 25.03
C THR G 37 -40.13 -3.73 23.98
N LEU G 38 -39.86 -4.00 22.69
CA LEU G 38 -40.74 -3.50 21.64
C LEU G 38 -42.13 -4.10 21.73
N TYR G 39 -42.23 -5.36 22.19
CA TYR G 39 -43.54 -5.98 22.33
C TYR G 39 -44.33 -5.35 23.47
N ASP G 40 -43.67 -5.03 24.58
CA ASP G 40 -44.38 -4.43 25.71
C ASP G 40 -44.86 -3.02 25.38
N GLN G 41 -44.09 -2.28 24.57
CA GLN G 41 -44.46 -0.90 24.25
C GLN G 41 -45.54 -0.84 23.16
N TYR G 42 -45.49 -1.73 22.17
CA TYR G 42 -46.41 -1.67 21.05
C TYR G 42 -47.27 -2.93 20.86
N GLY G 43 -47.08 -3.96 21.67
CA GLY G 43 -47.93 -5.13 21.60
C GLY G 43 -47.67 -6.06 20.43
N VAL G 44 -46.75 -5.72 19.54
CA VAL G 44 -46.56 -6.43 18.28
C VAL G 44 -45.18 -7.07 18.29
N PHE G 45 -45.13 -8.37 17.98
CA PHE G 45 -43.84 -9.06 17.89
C PHE G 45 -43.00 -8.50 16.76
N TYR G 46 -41.76 -8.15 17.07
CA TYR G 46 -40.82 -7.60 16.11
C TYR G 46 -39.74 -8.64 15.85
N GLU G 47 -39.03 -8.50 14.74
CA GLU G 47 -38.00 -9.49 14.43
C GLU G 47 -36.84 -8.84 13.67
N LEU G 48 -35.66 -9.41 13.88
CA LEU G 48 -34.43 -8.89 13.27
C LEU G 48 -34.38 -9.22 11.79
N TYR G 49 -34.11 -8.20 10.96
CA TYR G 49 -33.97 -8.38 9.53
C TYR G 49 -32.62 -7.97 8.97
N ALA G 50 -31.85 -7.14 9.68
CA ALA G 50 -30.50 -6.79 9.30
C ALA G 50 -29.64 -6.72 10.55
N SER G 51 -28.45 -7.30 10.48
CA SER G 51 -27.61 -7.45 11.68
C SER G 51 -26.65 -6.27 11.83
N ASP G 52 -25.70 -6.13 10.90
CA ASP G 52 -24.80 -5.00 10.84
C ASP G 52 -24.99 -4.34 9.48
N ASP G 53 -26.06 -3.56 9.35
CA ASP G 53 -26.48 -2.93 8.10
C ASP G 53 -25.33 -2.15 7.47
N PRO G 54 -24.76 -2.64 6.37
CA PRO G 54 -23.70 -1.89 5.69
C PRO G 54 -24.21 -0.67 4.94
N ASN G 55 -25.52 -0.54 4.79
CA ASN G 55 -26.09 0.61 4.11
C ASN G 55 -26.12 1.82 5.04
N THR G 56 -26.09 3.00 4.44
CA THR G 56 -25.92 4.24 5.20
C THR G 56 -27.09 5.20 5.09
N GLU G 57 -27.75 5.28 3.93
CA GLU G 57 -28.61 6.43 3.66
C GLU G 57 -29.87 6.42 4.52
N TYR G 58 -30.47 5.25 4.78
CA TYR G 58 -31.64 5.29 5.66
C TYR G 58 -31.25 5.46 7.13
N TRP G 59 -30.00 5.16 7.48
CA TRP G 59 -29.54 5.43 8.84
C TRP G 59 -29.23 6.90 9.04
N GLU G 60 -28.84 7.60 7.97
CA GLU G 60 -28.73 9.07 8.05
C GLU G 60 -30.09 9.69 8.31
N LEU G 61 -31.15 9.14 7.71
CA LEU G 61 -32.50 9.61 7.96
C LEU G 61 -32.83 9.60 9.45
N LEU G 62 -32.62 8.46 10.10
CA LEU G 62 -32.88 8.38 11.54
C LEU G 62 -32.03 9.38 12.31
N VAL G 63 -30.79 9.60 11.87
CA VAL G 63 -29.93 10.60 12.50
C VAL G 63 -30.57 11.98 12.40
N GLU G 64 -31.00 12.35 11.20
CA GLU G 64 -31.58 13.67 10.98
C GLU G 64 -32.92 13.81 11.68
N ASP G 65 -33.71 12.73 11.75
CA ASP G 65 -35.04 12.83 12.35
C ASP G 65 -34.96 13.15 13.84
N VAL G 66 -34.18 12.37 14.59
CA VAL G 66 -34.07 12.61 16.03
C VAL G 66 -33.43 13.96 16.30
N ARG G 67 -32.42 14.33 15.50
CA ARG G 67 -31.79 15.63 15.67
C ARG G 67 -32.75 16.76 15.35
N SER G 68 -33.50 16.63 14.24
CA SER G 68 -34.43 17.67 13.83
C SER G 68 -35.71 17.68 14.67
N GLY G 69 -35.76 16.90 15.74
CA GLY G 69 -36.95 16.85 16.57
C GLY G 69 -38.18 16.32 15.87
N SER G 70 -38.00 15.56 14.81
CA SER G 70 -39.14 14.91 14.16
C SER G 70 -39.78 13.91 15.12
N LEU G 71 -41.11 13.86 15.09
CA LEU G 71 -41.83 12.88 15.89
C LEU G 71 -41.98 11.55 15.17
N GLU G 72 -41.28 11.36 14.05
CA GLU G 72 -41.25 10.05 13.40
C GLU G 72 -40.60 9.00 14.30
N PRO G 73 -39.43 9.23 14.90
CA PRO G 73 -38.90 8.23 15.83
C PRO G 73 -39.52 8.36 17.21
N GLU G 74 -39.56 7.24 17.91
CA GLU G 74 -40.01 7.17 19.30
C GLU G 74 -38.99 6.38 20.10
N HIS G 75 -38.58 6.92 21.23
CA HIS G 75 -37.52 6.31 22.04
C HIS G 75 -38.09 5.12 22.79
N VAL G 76 -37.77 3.91 22.32
CA VAL G 76 -38.25 2.71 22.97
C VAL G 76 -37.49 2.48 24.28
N ALA G 77 -36.16 2.50 24.22
CA ALA G 77 -35.34 2.25 25.41
C ALA G 77 -33.91 2.68 25.12
N TYR G 78 -33.12 2.75 26.18
CA TYR G 78 -31.67 2.91 26.10
C TYR G 78 -31.05 1.54 26.30
N ILE G 79 -30.02 1.22 25.52
CA ILE G 79 -29.44 -0.11 25.59
C ILE G 79 -28.60 -0.27 26.86
N PHE G 80 -27.59 0.60 27.03
CA PHE G 80 -26.69 0.50 28.17
C PHE G 80 -26.92 1.68 29.12
N GLU G 81 -26.86 1.40 30.42
CA GLU G 81 -27.24 2.42 31.40
C GLU G 81 -26.14 3.47 31.56
N LYS G 82 -24.88 3.06 31.57
CA LYS G 82 -23.78 3.99 31.83
C LYS G 82 -23.15 4.56 30.57
N LEU G 83 -23.65 4.20 29.39
CA LEU G 83 -23.19 4.85 28.17
C LEU G 83 -24.08 6.06 27.86
N GLU G 84 -23.66 6.82 26.84
CA GLU G 84 -24.24 8.13 26.60
C GLU G 84 -25.75 8.05 26.35
N LYS G 85 -26.49 8.94 27.00
CA LYS G 85 -27.93 9.06 26.78
C LYS G 85 -28.29 10.21 25.86
N LYS G 86 -27.38 11.16 25.67
CA LYS G 86 -27.53 12.22 24.69
C LYS G 86 -26.18 12.44 24.02
N THR G 87 -26.18 13.21 22.94
CA THR G 87 -24.95 13.50 22.20
C THR G 87 -25.11 14.89 21.55
N PHE G 88 -24.12 15.28 20.76
CA PHE G 88 -24.12 16.57 20.07
C PHE G 88 -23.38 16.42 18.75
N ALA G 89 -23.49 17.45 17.90
CA ALA G 89 -23.06 17.34 16.51
C ALA G 89 -21.91 18.26 16.13
N TYR G 90 -21.27 18.92 17.09
CA TYR G 90 -20.18 19.83 16.77
C TYR G 90 -19.00 19.06 16.18
N ASP G 91 -18.52 19.53 15.03
CA ASP G 91 -17.43 18.86 14.32
C ASP G 91 -16.52 19.92 13.70
N GLU G 92 -15.22 19.62 13.66
CA GLU G 92 -14.23 20.61 13.26
C GLU G 92 -14.29 20.89 11.76
N ASP G 93 -14.61 19.86 10.95
CA ASP G 93 -14.54 20.00 9.50
C ASP G 93 -15.55 21.03 8.99
N GLU G 94 -16.80 20.89 9.39
CA GLU G 94 -17.86 21.74 8.86
C GLU G 94 -17.84 23.10 9.54
N LYS G 95 -17.85 24.16 8.72
CA LYS G 95 -17.94 25.52 9.25
C LYS G 95 -19.23 25.70 10.05
N GLU G 96 -20.28 25.00 9.67
CA GLU G 96 -21.51 24.98 10.46
C GLU G 96 -21.22 24.37 11.82
N PRO G 97 -21.50 25.06 12.91
CA PRO G 97 -21.26 24.46 14.23
C PRO G 97 -22.19 23.31 14.54
N ASP G 98 -23.49 23.46 14.27
CA ASP G 98 -24.51 22.46 14.55
C ASP G 98 -24.49 22.09 16.03
N TYR G 99 -24.66 23.11 16.87
CA TYR G 99 -24.64 22.93 18.32
C TYR G 99 -25.84 22.16 18.84
N THR G 100 -26.67 21.63 17.94
CA THR G 100 -27.86 20.89 18.34
C THR G 100 -27.50 19.76 19.30
N VAL G 101 -28.17 19.75 20.44
CA VAL G 101 -28.06 18.66 21.40
C VAL G 101 -29.27 17.76 21.19
N HIS G 102 -29.01 16.56 20.67
CA HIS G 102 -30.06 15.59 20.40
C HIS G 102 -29.86 14.37 21.27
N LYS G 103 -30.94 13.59 21.42
CA LYS G 103 -30.83 12.31 22.09
C LYS G 103 -29.92 11.38 21.30
N SER G 104 -29.24 10.49 22.01
CA SER G 104 -28.19 9.69 21.40
C SER G 104 -28.77 8.70 20.39
N ILE G 105 -28.19 8.69 19.20
CA ILE G 105 -28.50 7.64 18.23
C ILE G 105 -27.95 6.31 18.72
N ARG G 106 -26.65 6.26 18.98
CA ARG G 106 -26.05 5.10 19.63
C ARG G 106 -26.63 4.91 21.02
N ASN G 107 -26.61 3.67 21.50
CA ASN G 107 -27.09 3.27 22.82
C ASN G 107 -28.60 3.42 22.98
N SER G 108 -29.34 3.65 21.90
CA SER G 108 -30.78 3.86 21.98
C SER G 108 -31.51 3.03 20.94
N VAL G 109 -32.70 2.58 21.30
CA VAL G 109 -33.57 1.81 20.42
C VAL G 109 -34.71 2.71 19.98
N TYR G 110 -34.81 2.97 18.69
CA TYR G 110 -35.81 3.88 18.14
C TYR G 110 -36.69 3.13 17.15
N ALA G 111 -37.99 3.40 17.19
CA ALA G 111 -38.96 2.67 16.38
C ALA G 111 -39.96 3.62 15.76
N TYR G 112 -40.21 3.44 14.46
CA TYR G 112 -41.32 4.05 13.73
C TYR G 112 -42.53 3.15 13.88
N PRO G 113 -43.40 3.36 14.87
CA PRO G 113 -44.37 2.29 15.19
C PRO G 113 -45.40 2.01 14.10
N GLU G 114 -45.89 3.04 13.40
CA GLU G 114 -46.87 2.79 12.34
C GLU G 114 -46.21 2.12 11.14
N LYS G 115 -45.01 2.55 10.78
CA LYS G 115 -44.26 1.94 9.69
C LYS G 115 -43.72 0.58 10.06
N GLY G 116 -43.83 0.16 11.32
CA GLY G 116 -43.48 -1.18 11.72
C GLY G 116 -42.01 -1.52 11.64
N VAL G 117 -41.13 -0.51 11.72
CA VAL G 117 -39.70 -0.71 11.55
C VAL G 117 -38.98 -0.06 12.72
N ALA G 118 -38.11 -0.83 13.38
CA ALA G 118 -37.38 -0.37 14.55
C ALA G 118 -35.88 -0.36 14.26
N PHE G 119 -35.18 0.60 14.86
CA PHE G 119 -33.74 0.76 14.70
C PHE G 119 -33.04 0.62 16.04
N ALA G 120 -31.79 0.18 16.00
CA ALA G 120 -30.99 0.04 17.22
C ALA G 120 -29.52 0.05 16.84
N ARG G 121 -28.79 1.04 17.33
CA ARG G 121 -27.34 1.15 17.11
C ARG G 121 -26.64 0.63 18.37
N ILE G 122 -26.57 -0.69 18.46
CA ILE G 122 -26.06 -1.37 19.67
C ILE G 122 -24.56 -1.12 19.78
N PRO G 123 -24.04 -0.77 20.97
CA PRO G 123 -22.62 -0.46 21.10
C PRO G 123 -21.76 -1.60 21.67
N TYR G 124 -20.52 -1.72 21.20
CA TYR G 124 -19.59 -2.71 21.70
C TYR G 124 -18.20 -2.08 21.85
N PHE G 125 -17.44 -2.61 22.82
CA PHE G 125 -16.07 -2.16 23.08
C PHE G 125 -15.09 -3.14 22.45
N GLN G 126 -14.32 -2.67 21.47
CA GLN G 126 -13.31 -3.48 20.82
C GLN G 126 -12.37 -2.55 20.07
N ASP G 127 -11.10 -2.98 19.95
CA ASP G 127 -10.05 -2.13 19.37
C ASP G 127 -9.84 -0.87 20.21
N GLY G 128 -10.18 -0.94 21.49
CA GLY G 128 -10.23 0.23 22.33
C GLY G 128 -11.47 1.05 22.04
N SER G 129 -11.56 1.57 20.83
CA SER G 129 -12.65 2.46 20.44
C SER G 129 -14.00 1.78 20.65
N ILE G 130 -15.00 2.59 21.00
CA ILE G 130 -16.37 2.10 21.10
C ILE G 130 -17.01 2.17 19.72
N MET G 131 -17.60 1.06 19.29
CA MET G 131 -18.16 0.92 17.96
C MET G 131 -19.61 0.46 18.07
N SER G 132 -20.29 0.38 16.94
CA SER G 132 -21.74 0.18 16.97
C SER G 132 -22.20 -0.79 15.89
N PHE G 133 -22.92 -1.81 16.31
CA PHE G 133 -23.73 -2.62 15.40
C PHE G 133 -24.90 -1.78 14.89
N ASP G 134 -25.45 -2.21 13.75
CA ASP G 134 -26.61 -1.53 13.15
C ASP G 134 -27.70 -2.56 12.88
N CYS G 135 -28.44 -2.90 13.93
CA CYS G 135 -29.53 -3.86 13.81
C CYS G 135 -30.81 -3.16 13.36
N LEU G 136 -31.56 -3.82 12.48
CA LEU G 136 -32.79 -3.27 11.91
C LEU G 136 -33.91 -4.28 12.15
N PHE G 137 -34.94 -3.87 12.88
CA PHE G 137 -36.04 -4.74 13.26
C PHE G 137 -37.29 -4.36 12.49
N ALA G 138 -38.08 -5.38 12.12
CA ALA G 138 -39.36 -5.19 11.47
C ALA G 138 -40.31 -6.28 11.92
N VAL G 139 -41.61 -6.05 11.68
CA VAL G 139 -42.65 -6.99 12.10
C VAL G 139 -43.05 -7.93 10.98
N ASN G 140 -43.36 -7.39 9.79
CA ASN G 140 -43.76 -8.21 8.66
C ASN G 140 -42.99 -7.75 7.42
N ASP G 141 -42.79 -8.68 6.49
CA ASP G 141 -42.02 -8.38 5.28
C ASP G 141 -42.72 -7.37 4.39
N GLU G 142 -44.03 -7.21 4.54
CA GLU G 142 -44.78 -6.27 3.70
C GLU G 142 -44.37 -4.83 3.99
N LYS G 143 -44.39 -4.44 5.27
CA LYS G 143 -44.02 -3.08 5.64
C LYS G 143 -42.55 -2.81 5.34
N MET G 144 -41.70 -3.82 5.52
CA MET G 144 -40.27 -3.64 5.30
C MET G 144 -39.99 -3.23 3.84
N ARG G 145 -40.65 -3.90 2.89
CA ARG G 145 -40.42 -3.59 1.48
C ARG G 145 -40.78 -2.15 1.16
N ALA G 146 -41.90 -1.66 1.72
CA ALA G 146 -42.30 -0.28 1.48
C ALA G 146 -41.29 0.70 2.07
N PHE G 147 -40.73 0.37 3.24
CA PHE G 147 -39.76 1.27 3.88
C PHE G 147 -38.54 1.46 3.00
N LEU G 148 -37.97 0.36 2.49
CA LEU G 148 -36.80 0.46 1.62
C LEU G 148 -37.13 1.27 0.37
N GLU G 149 -38.33 1.05 -0.20
CA GLU G 149 -38.71 1.78 -1.40
C GLU G 149 -39.05 3.23 -1.09
N GLY G 150 -39.45 3.53 0.14
CA GLY G 150 -39.68 4.90 0.54
C GLY G 150 -38.45 5.67 0.97
N VAL G 151 -37.32 4.97 1.17
CA VAL G 151 -36.11 5.63 1.61
C VAL G 151 -35.51 6.46 0.48
N ARG G 152 -35.56 5.96 -0.74
CA ARG G 152 -35.00 6.73 -1.86
C ARG G 152 -35.75 8.04 -2.10
N PRO G 153 -37.09 8.12 -2.01
CA PRO G 153 -37.76 9.43 -2.11
C PRO G 153 -37.19 10.51 -1.20
N ARG G 154 -37.11 10.24 0.11
CA ARG G 154 -36.77 11.29 1.07
C ARG G 154 -35.38 11.87 0.85
N LEU G 155 -34.44 11.07 0.33
CA LEU G 155 -33.13 11.62 0.00
C LEU G 155 -33.25 12.66 -1.11
N TRP G 156 -34.08 12.38 -2.12
CA TRP G 156 -34.30 13.36 -3.18
C TRP G 156 -35.26 14.46 -2.73
N GLU G 157 -36.18 14.15 -1.80
CA GLU G 157 -37.08 15.17 -1.28
C GLU G 157 -36.33 16.20 -0.44
N LYS G 158 -35.43 15.72 0.43
CA LYS G 158 -34.73 16.63 1.34
C LYS G 158 -33.85 17.63 0.59
N SER G 159 -33.38 17.26 -0.60
CA SER G 159 -32.51 18.15 -1.35
C SER G 159 -33.27 18.77 -2.53
N ILE H 6 19.27 -38.48 26.20
CA ILE H 6 19.32 -37.04 25.99
C ILE H 6 18.05 -36.47 26.61
N PRO H 7 18.18 -35.34 27.29
CA PRO H 7 17.08 -34.82 28.09
C PRO H 7 16.17 -33.93 27.25
N PHE H 8 15.15 -33.41 27.92
CA PHE H 8 14.19 -32.48 27.35
C PHE H 8 14.02 -31.31 28.29
N ILE H 9 14.05 -30.10 27.72
CA ILE H 9 13.95 -28.88 28.53
C ILE H 9 12.56 -28.78 29.16
N TYR H 10 11.53 -28.74 28.32
CA TYR H 10 10.14 -28.64 28.79
C TYR H 10 9.71 -29.98 29.37
N GLN H 11 9.61 -30.04 30.70
CA GLN H 11 9.23 -31.27 31.40
C GLN H 11 7.77 -31.24 31.86
N TYR H 12 6.99 -30.26 31.42
CA TYR H 12 5.59 -30.16 31.78
C TYR H 12 4.76 -31.03 30.85
N GLU H 13 4.19 -32.12 31.38
CA GLU H 13 3.23 -32.89 30.61
C GLU H 13 1.96 -32.06 30.46
N GLU H 14 1.61 -31.73 29.22
CA GLU H 14 0.45 -30.88 28.99
C GLU H 14 -0.79 -31.46 29.65
N LYS H 15 -1.53 -30.59 30.32
CA LYS H 15 -2.58 -31.09 31.15
C LYS H 15 -3.75 -31.49 30.24
N GLU H 16 -4.51 -32.49 30.66
CA GLU H 16 -5.62 -33.04 29.87
C GLU H 16 -6.60 -31.99 29.35
N ASN H 17 -7.06 -31.10 30.23
CA ASN H 17 -7.94 -30.03 29.80
C ASN H 17 -7.32 -29.22 28.66
N GLU H 18 -5.99 -29.14 28.63
CA GLU H 18 -5.28 -28.32 27.66
C GLU H 18 -5.15 -28.98 26.29
N ARG H 19 -5.57 -30.23 26.15
CA ARG H 19 -5.28 -30.97 24.92
C ARG H 19 -6.27 -30.68 23.80
N ALA H 20 -7.49 -30.28 24.13
CA ALA H 20 -8.50 -30.00 23.10
C ALA H 20 -8.09 -28.82 22.23
N ALA H 21 -8.63 -28.81 21.02
CA ALA H 21 -8.44 -27.71 20.09
C ALA H 21 -9.55 -26.67 20.28
N ALA H 22 -9.30 -25.48 19.74
CA ALA H 22 -10.20 -24.34 19.89
C ALA H 22 -11.05 -24.17 18.64
N GLY H 23 -12.37 -24.14 18.82
CA GLY H 23 -13.31 -23.94 17.75
C GLY H 23 -13.93 -25.21 17.22
N TYR H 24 -13.23 -26.34 17.30
CA TYR H 24 -13.76 -27.59 16.79
C TYR H 24 -14.99 -28.05 17.57
N GLY H 25 -15.05 -27.74 18.86
CA GLY H 25 -16.22 -28.10 19.64
C GLY H 25 -17.48 -27.43 19.14
N THR H 26 -17.40 -26.13 18.84
CA THR H 26 -18.53 -25.43 18.24
C THR H 26 -18.76 -25.91 16.80
N PHE H 27 -17.67 -26.00 16.03
CA PHE H 27 -17.79 -26.43 14.64
C PHE H 27 -18.30 -27.87 14.56
N GLY H 28 -17.82 -28.74 15.44
CA GLY H 28 -18.29 -30.12 15.44
C GLY H 28 -19.76 -30.22 15.82
N TYR H 29 -20.20 -29.40 16.80
CA TYR H 29 -21.60 -29.37 17.17
C TYR H 29 -22.48 -28.99 15.97
N LEU H 30 -22.10 -27.92 15.26
CA LEU H 30 -22.95 -27.41 14.19
C LEU H 30 -23.01 -28.38 13.01
N ILE H 31 -21.87 -28.96 12.64
CA ILE H 31 -21.86 -29.92 11.54
C ILE H 31 -22.62 -31.19 11.92
N THR H 32 -22.40 -31.69 13.14
CA THR H 32 -23.13 -32.88 13.57
C THR H 32 -24.62 -32.63 13.62
N ARG H 33 -25.04 -31.45 14.08
CA ARG H 33 -26.46 -31.14 14.16
C ARG H 33 -27.06 -30.92 12.78
N ILE H 34 -26.30 -30.28 11.87
CA ILE H 34 -26.78 -30.06 10.51
C ILE H 34 -26.97 -31.39 9.79
N GLU H 35 -25.95 -32.26 9.87
CA GLU H 35 -26.07 -33.58 9.24
C GLU H 35 -27.28 -34.33 9.75
N GLU H 36 -27.48 -34.33 11.08
CA GLU H 36 -28.65 -34.98 11.66
C GLU H 36 -29.94 -34.33 11.20
N THR H 37 -29.94 -33.00 11.08
CA THR H 37 -31.14 -32.28 10.65
C THR H 37 -31.55 -32.69 9.24
N LEU H 38 -30.58 -32.85 8.34
CA LEU H 38 -30.88 -33.23 6.97
C LEU H 38 -31.32 -34.69 6.86
N TYR H 39 -30.95 -35.54 7.83
CA TYR H 39 -31.30 -36.95 7.74
C TYR H 39 -32.81 -37.15 7.89
N ASP H 40 -33.43 -36.46 8.85
CA ASP H 40 -34.88 -36.53 8.98
C ASP H 40 -35.57 -35.84 7.80
N GLN H 41 -35.00 -34.73 7.33
CA GLN H 41 -35.65 -33.98 6.26
C GLN H 41 -35.48 -34.61 4.88
N TYR H 42 -34.47 -35.45 4.66
CA TYR H 42 -34.30 -36.02 3.33
C TYR H 42 -33.91 -37.50 3.33
N GLY H 43 -33.93 -38.17 4.48
CA GLY H 43 -33.79 -39.60 4.53
C GLY H 43 -32.46 -40.16 4.03
N VAL H 44 -31.49 -39.28 3.77
CA VAL H 44 -30.20 -39.69 3.26
C VAL H 44 -29.11 -39.05 4.12
N PHE H 45 -27.91 -39.62 4.03
CA PHE H 45 -26.75 -39.10 4.76
C PHE H 45 -26.03 -38.05 3.93
N TYR H 46 -25.91 -36.85 4.48
CA TYR H 46 -25.15 -35.77 3.89
C TYR H 46 -23.80 -35.67 4.60
N GLU H 47 -22.76 -35.32 3.85
CA GLU H 47 -21.43 -35.24 4.43
C GLU H 47 -20.70 -34.02 3.87
N LEU H 48 -19.74 -33.53 4.65
CA LEU H 48 -19.08 -32.26 4.35
C LEU H 48 -18.11 -32.40 3.19
N TYR H 49 -18.21 -31.46 2.24
CA TYR H 49 -17.29 -31.41 1.10
C TYR H 49 -16.51 -30.11 1.02
N ALA H 50 -16.93 -29.07 1.73
CA ALA H 50 -16.20 -27.82 1.81
C ALA H 50 -16.50 -27.18 3.15
N SER H 51 -15.46 -26.81 3.90
CA SER H 51 -15.60 -26.28 5.25
C SER H 51 -15.60 -24.76 5.29
N ASP H 52 -14.73 -24.12 4.51
CA ASP H 52 -14.77 -22.67 4.28
C ASP H 52 -14.63 -22.47 2.78
N ASP H 53 -15.73 -22.70 2.06
CA ASP H 53 -15.77 -22.67 0.60
C ASP H 53 -15.32 -21.32 0.07
N PRO H 54 -14.16 -21.26 -0.60
CA PRO H 54 -13.71 -19.99 -1.19
C PRO H 54 -14.44 -19.63 -2.48
N ASN H 55 -15.19 -20.56 -3.06
CA ASN H 55 -15.84 -20.31 -4.34
C ASN H 55 -17.03 -19.38 -4.16
N THR H 56 -17.34 -18.64 -5.22
CA THR H 56 -18.42 -17.66 -5.21
C THR H 56 -19.55 -18.00 -6.16
N GLU H 57 -19.30 -18.77 -7.22
CA GLU H 57 -20.27 -18.89 -8.31
C GLU H 57 -21.51 -19.64 -7.89
N TYR H 58 -21.35 -20.81 -7.24
CA TYR H 58 -22.55 -21.53 -6.83
C TYR H 58 -23.20 -20.93 -5.59
N TRP H 59 -22.44 -20.16 -4.79
CA TRP H 59 -23.05 -19.46 -3.67
C TRP H 59 -23.85 -18.24 -4.14
N GLU H 60 -23.32 -17.51 -5.12
CA GLU H 60 -24.07 -16.38 -5.67
C GLU H 60 -25.29 -16.86 -6.45
N LEU H 61 -25.28 -18.09 -6.95
CA LEU H 61 -26.46 -18.64 -7.60
C LEU H 61 -27.53 -19.00 -6.58
N LEU H 62 -27.11 -19.46 -5.40
CA LEU H 62 -28.07 -19.79 -4.36
C LEU H 62 -28.88 -18.56 -3.96
N VAL H 63 -28.21 -17.44 -3.71
CA VAL H 63 -28.91 -16.24 -3.25
C VAL H 63 -29.86 -15.73 -4.33
N GLU H 64 -29.49 -15.92 -5.60
CA GLU H 64 -30.40 -15.55 -6.68
C GLU H 64 -31.58 -16.52 -6.76
N ASP H 65 -31.35 -17.79 -6.42
CA ASP H 65 -32.43 -18.78 -6.44
C ASP H 65 -33.47 -18.47 -5.37
N VAL H 66 -33.02 -18.18 -4.15
CA VAL H 66 -33.93 -17.79 -3.08
C VAL H 66 -34.58 -16.45 -3.41
N ARG H 67 -33.81 -15.52 -3.97
CA ARG H 67 -34.37 -14.23 -4.36
C ARG H 67 -35.49 -14.39 -5.38
N SER H 68 -35.24 -15.18 -6.42
CA SER H 68 -36.21 -15.34 -7.50
C SER H 68 -37.48 -16.06 -7.06
N GLY H 69 -37.51 -16.61 -5.85
CA GLY H 69 -38.63 -17.44 -5.46
C GLY H 69 -38.63 -18.82 -6.08
N SER H 70 -37.48 -19.27 -6.60
CA SER H 70 -37.37 -20.58 -7.21
C SER H 70 -37.77 -21.66 -6.21
N LEU H 71 -38.23 -22.79 -6.75
CA LEU H 71 -38.75 -23.88 -5.96
C LEU H 71 -37.71 -24.97 -5.72
N GLU H 72 -36.56 -24.87 -6.39
CA GLU H 72 -35.50 -25.86 -6.22
C GLU H 72 -34.87 -25.82 -4.83
N PRO H 73 -34.45 -24.66 -4.29
CA PRO H 73 -33.80 -24.66 -2.98
C PRO H 73 -34.79 -24.65 -1.83
N GLU H 74 -34.57 -25.52 -0.85
CA GLU H 74 -35.49 -25.71 0.25
C GLU H 74 -34.82 -25.35 1.57
N HIS H 75 -35.51 -24.58 2.40
CA HIS H 75 -34.98 -24.19 3.69
C HIS H 75 -35.13 -25.34 4.68
N VAL H 76 -34.05 -25.69 5.35
CA VAL H 76 -34.03 -26.82 6.27
C VAL H 76 -34.10 -26.36 7.72
N ALA H 77 -33.20 -25.47 8.13
CA ALA H 77 -33.14 -25.02 9.51
C ALA H 77 -32.44 -23.68 9.59
N TYR H 78 -32.60 -23.02 10.72
CA TYR H 78 -31.88 -21.79 11.05
C TYR H 78 -30.79 -22.14 12.06
N ILE H 79 -29.60 -21.58 11.87
CA ILE H 79 -28.46 -21.97 12.71
C ILE H 79 -28.59 -21.38 14.11
N PHE H 80 -28.66 -20.06 14.21
CA PHE H 80 -28.83 -19.38 15.49
C PHE H 80 -30.23 -18.83 15.61
N GLU H 81 -30.80 -18.92 16.82
CA GLU H 81 -32.21 -18.57 17.01
C GLU H 81 -32.43 -17.07 16.88
N LYS H 82 -31.59 -16.27 17.52
CA LYS H 82 -31.82 -14.83 17.62
C LYS H 82 -31.11 -14.03 16.55
N LEU H 83 -30.49 -14.68 15.57
CA LEU H 83 -29.94 -13.96 14.43
C LEU H 83 -31.04 -13.78 13.38
N GLU H 84 -30.66 -13.28 12.21
CA GLU H 84 -31.64 -12.94 11.19
C GLU H 84 -32.36 -14.19 10.68
N LYS H 85 -33.66 -14.02 10.40
CA LYS H 85 -34.44 -15.04 9.73
C LYS H 85 -34.98 -14.57 8.38
N LYS H 86 -34.81 -13.29 8.06
CA LYS H 86 -35.14 -12.73 6.77
C LYS H 86 -34.07 -11.69 6.43
N THR H 87 -34.07 -11.24 5.17
CA THR H 87 -33.11 -10.24 4.73
C THR H 87 -33.62 -9.64 3.42
N PHE H 88 -32.89 -8.61 2.96
CA PHE H 88 -33.24 -7.91 1.73
C PHE H 88 -31.98 -7.70 0.90
N ALA H 89 -32.18 -7.57 -0.42
CA ALA H 89 -31.09 -7.48 -1.37
C ALA H 89 -30.76 -6.04 -1.76
N TYR H 90 -31.20 -5.07 -0.96
CA TYR H 90 -30.95 -3.66 -1.26
C TYR H 90 -29.46 -3.35 -1.13
N ASP H 91 -28.87 -2.82 -2.20
CA ASP H 91 -27.52 -2.27 -2.17
C ASP H 91 -27.59 -0.85 -2.72
N GLU H 92 -27.45 0.13 -1.83
CA GLU H 92 -27.47 1.53 -2.26
C GLU H 92 -26.39 1.83 -3.28
N ASP H 93 -25.30 1.07 -3.28
CA ASP H 93 -24.26 1.24 -4.30
C ASP H 93 -24.76 0.86 -5.68
N GLU H 94 -25.66 -0.12 -5.77
CA GLU H 94 -26.05 -0.68 -7.05
C GLU H 94 -26.94 0.31 -7.82
N LYS H 95 -26.59 0.52 -9.09
CA LYS H 95 -27.39 1.40 -9.94
C LYS H 95 -28.76 0.79 -10.23
N GLU H 96 -28.82 -0.54 -10.35
CA GLU H 96 -30.07 -1.27 -10.55
C GLU H 96 -30.67 -1.62 -9.20
N PRO H 97 -31.65 -0.85 -8.72
CA PRO H 97 -32.18 -1.09 -7.38
C PRO H 97 -33.02 -2.36 -7.32
N ASP H 98 -32.88 -3.07 -6.20
CA ASP H 98 -33.71 -4.23 -5.93
C ASP H 98 -34.17 -4.17 -4.48
N TYR H 99 -35.48 -4.33 -4.28
CA TYR H 99 -36.08 -4.17 -2.97
C TYR H 99 -36.77 -5.45 -2.52
N THR H 100 -36.30 -6.59 -3.01
CA THR H 100 -36.89 -7.87 -2.65
C THR H 100 -36.58 -8.22 -1.20
N VAL H 101 -37.59 -8.69 -0.47
CA VAL H 101 -37.42 -9.24 0.87
C VAL H 101 -37.54 -10.75 0.76
N HIS H 102 -36.45 -11.45 1.04
CA HIS H 102 -36.42 -12.91 0.94
C HIS H 102 -35.90 -13.50 2.24
N LYS H 103 -35.93 -14.83 2.30
CA LYS H 103 -35.37 -15.53 3.44
C LYS H 103 -33.85 -15.36 3.48
N SER H 104 -33.28 -15.60 4.65
CA SER H 104 -31.88 -15.31 4.90
C SER H 104 -30.99 -16.43 4.36
N ILE H 105 -29.94 -16.05 3.63
CA ILE H 105 -28.89 -17.00 3.30
C ILE H 105 -28.00 -17.23 4.51
N ARG H 106 -27.57 -16.14 5.15
CA ARG H 106 -26.87 -16.23 6.43
C ARG H 106 -27.81 -16.77 7.49
N ASN H 107 -27.27 -17.60 8.39
CA ASN H 107 -27.99 -18.24 9.49
C ASN H 107 -28.95 -19.33 9.03
N SER H 108 -28.79 -19.83 7.80
CA SER H 108 -29.73 -20.81 7.27
C SER H 108 -29.00 -21.96 6.58
N VAL H 109 -29.63 -23.13 6.63
CA VAL H 109 -29.17 -24.32 5.91
C VAL H 109 -30.14 -24.55 4.76
N TYR H 110 -29.62 -24.55 3.54
CA TYR H 110 -30.41 -24.74 2.34
C TYR H 110 -30.00 -26.03 1.67
N ALA H 111 -30.89 -26.58 0.84
CA ALA H 111 -30.62 -27.83 0.16
C ALA H 111 -31.27 -27.84 -1.22
N TYR H 112 -30.56 -28.44 -2.18
CA TYR H 112 -31.10 -28.77 -3.49
C TYR H 112 -31.39 -30.26 -3.50
N PRO H 113 -32.53 -30.71 -2.97
CA PRO H 113 -32.68 -32.13 -2.59
C PRO H 113 -32.54 -33.10 -3.75
N GLU H 114 -33.00 -32.76 -4.95
CA GLU H 114 -32.79 -33.66 -6.08
C GLU H 114 -31.31 -33.74 -6.45
N LYS H 115 -30.64 -32.59 -6.49
CA LYS H 115 -29.24 -32.54 -6.89
C LYS H 115 -28.31 -33.14 -5.85
N GLY H 116 -28.79 -33.32 -4.62
CA GLY H 116 -28.02 -33.97 -3.58
C GLY H 116 -27.01 -33.10 -2.88
N VAL H 117 -27.20 -31.77 -2.90
CA VAL H 117 -26.23 -30.82 -2.39
C VAL H 117 -26.92 -29.93 -1.37
N ALA H 118 -26.24 -29.67 -0.26
CA ALA H 118 -26.75 -28.80 0.80
C ALA H 118 -25.74 -27.68 1.07
N PHE H 119 -26.28 -26.52 1.44
CA PHE H 119 -25.47 -25.35 1.74
C PHE H 119 -25.77 -24.87 3.15
N ALA H 120 -24.77 -24.26 3.78
CA ALA H 120 -24.96 -23.69 5.11
C ALA H 120 -23.99 -22.52 5.28
N ARG H 121 -24.53 -21.37 5.67
CA ARG H 121 -23.75 -20.16 5.94
C ARG H 121 -23.77 -19.92 7.44
N ILE H 122 -22.77 -20.45 8.13
CA ILE H 122 -22.72 -20.42 9.60
C ILE H 122 -22.17 -19.08 10.06
N PRO H 123 -22.94 -18.29 10.80
CA PRO H 123 -22.45 -16.98 11.24
C PRO H 123 -21.52 -17.09 12.44
N TYR H 124 -20.55 -16.18 12.49
CA TYR H 124 -19.64 -16.11 13.61
C TYR H 124 -19.20 -14.67 13.82
N PHE H 125 -18.78 -14.37 15.05
CA PHE H 125 -18.37 -13.03 15.46
C PHE H 125 -16.86 -13.00 15.62
N GLN H 126 -16.18 -12.16 14.84
CA GLN H 126 -14.75 -11.99 14.97
C GLN H 126 -14.41 -10.52 14.85
N ASP H 127 -13.65 -10.00 15.82
CA ASP H 127 -13.15 -8.61 15.79
C ASP H 127 -14.28 -7.62 15.56
N GLY H 128 -15.41 -7.83 16.24
CA GLY H 128 -16.51 -6.90 16.17
C GLY H 128 -17.56 -7.27 15.14
N SER H 129 -17.21 -7.15 13.86
CA SER H 129 -18.17 -7.35 12.79
C SER H 129 -18.64 -8.80 12.73
N ILE H 130 -19.75 -9.01 12.00
CA ILE H 130 -20.37 -10.31 11.84
C ILE H 130 -19.91 -10.90 10.52
N MET H 131 -19.50 -12.17 10.55
CA MET H 131 -18.92 -12.86 9.41
C MET H 131 -19.57 -14.24 9.26
N SER H 132 -19.14 -14.97 8.23
CA SER H 132 -19.86 -16.18 7.84
C SER H 132 -18.90 -17.29 7.42
N PHE H 133 -19.26 -18.52 7.79
CA PHE H 133 -18.60 -19.73 7.32
C PHE H 133 -19.45 -20.31 6.20
N ASP H 134 -18.84 -20.53 5.03
CA ASP H 134 -19.53 -21.15 3.91
C ASP H 134 -19.21 -22.64 3.90
N CYS H 135 -20.24 -23.45 4.15
CA CYS H 135 -20.10 -24.89 4.26
C CYS H 135 -20.97 -25.57 3.22
N LEU H 136 -20.42 -26.58 2.54
CA LEU H 136 -21.09 -27.28 1.46
C LEU H 136 -21.21 -28.76 1.80
N PHE H 137 -22.40 -29.31 1.64
CA PHE H 137 -22.66 -30.73 1.90
C PHE H 137 -23.15 -31.42 0.63
N ALA H 138 -22.89 -32.72 0.54
CA ALA H 138 -23.33 -33.52 -0.59
C ALA H 138 -23.49 -34.97 -0.16
N VAL H 139 -24.40 -35.68 -0.83
CA VAL H 139 -24.69 -37.06 -0.45
C VAL H 139 -23.62 -38.00 -0.94
N ASN H 140 -23.15 -37.82 -2.17
CA ASN H 140 -22.11 -38.67 -2.73
C ASN H 140 -21.31 -37.88 -3.77
N ASP H 141 -20.15 -38.43 -4.14
CA ASP H 141 -19.23 -37.72 -5.02
C ASP H 141 -19.88 -37.43 -6.37
N GLU H 142 -20.69 -38.36 -6.85
CA GLU H 142 -21.35 -38.20 -8.14
C GLU H 142 -22.28 -37.00 -8.13
N LYS H 143 -23.05 -36.87 -7.04
CA LYS H 143 -23.89 -35.69 -6.86
C LYS H 143 -23.05 -34.42 -6.89
N MET H 144 -21.89 -34.44 -6.22
CA MET H 144 -21.02 -33.28 -6.18
C MET H 144 -20.47 -32.97 -7.57
N ARG H 145 -19.97 -34.00 -8.26
CA ARG H 145 -19.47 -33.82 -9.62
C ARG H 145 -20.57 -33.33 -10.56
N ALA H 146 -21.80 -33.78 -10.35
CA ALA H 146 -22.90 -33.33 -11.20
C ALA H 146 -23.28 -31.89 -10.90
N PHE H 147 -23.35 -31.52 -9.62
CA PHE H 147 -23.61 -30.14 -9.25
C PHE H 147 -22.54 -29.20 -9.81
N LEU H 148 -21.27 -29.58 -9.65
CA LEU H 148 -20.17 -28.73 -10.08
C LEU H 148 -20.18 -28.54 -11.59
N GLU H 149 -20.50 -29.59 -12.35
CA GLU H 149 -20.48 -29.50 -13.80
C GLU H 149 -21.66 -28.71 -14.35
N GLY H 150 -22.72 -28.55 -13.56
CA GLY H 150 -23.87 -27.75 -13.94
C GLY H 150 -23.91 -26.36 -13.37
N VAL H 151 -22.86 -25.94 -12.64
CA VAL H 151 -22.85 -24.60 -12.07
C VAL H 151 -22.72 -23.54 -13.16
N ARG H 152 -21.69 -23.67 -14.00
CA ARG H 152 -21.40 -22.67 -15.02
C ARG H 152 -22.49 -22.60 -16.09
N PRO H 153 -23.05 -23.73 -16.56
CA PRO H 153 -24.21 -23.61 -17.45
C PRO H 153 -25.38 -22.86 -16.83
N ARG H 154 -25.64 -23.07 -15.54
CA ARG H 154 -26.69 -22.32 -14.86
C ARG H 154 -26.39 -20.83 -14.88
N LEU H 155 -25.12 -20.45 -14.76
CA LEU H 155 -24.74 -19.05 -14.70
C LEU H 155 -25.02 -18.35 -16.02
N TRP H 156 -24.75 -19.02 -17.14
CA TRP H 156 -25.02 -18.43 -18.46
C TRP H 156 -26.49 -18.51 -18.83
N GLU H 157 -27.30 -19.22 -18.05
CA GLU H 157 -28.73 -19.32 -18.35
C GLU H 157 -29.44 -18.01 -18.05
N LYS H 158 -29.08 -17.35 -16.94
CA LYS H 158 -29.71 -16.08 -16.60
C LYS H 158 -29.25 -14.94 -17.49
N SER H 159 -28.31 -15.17 -18.40
CA SER H 159 -27.85 -14.14 -19.33
C SER H 159 -27.84 -14.67 -20.76
N ILE I 6 21.08 -5.45 41.43
CA ILE I 6 20.99 -6.78 42.03
C ILE I 6 19.57 -7.26 42.41
N PRO I 7 18.66 -6.38 42.86
CA PRO I 7 17.33 -6.87 43.23
C PRO I 7 16.50 -7.20 42.00
N PHE I 8 15.40 -7.92 42.26
CA PHE I 8 14.41 -8.25 41.24
C PHE I 8 13.06 -7.72 41.66
N ILE I 9 12.40 -7.01 40.76
CA ILE I 9 11.13 -6.36 41.07
C ILE I 9 10.00 -7.38 41.10
N TYR I 10 10.00 -8.35 40.19
CA TYR I 10 8.90 -9.30 40.06
C TYR I 10 9.02 -10.35 41.16
N GLN I 11 8.02 -10.39 42.06
CA GLN I 11 8.07 -11.23 43.25
C GLN I 11 6.86 -12.15 43.35
N TYR I 12 6.33 -12.58 42.21
CA TYR I 12 5.23 -13.54 42.18
C TYR I 12 5.75 -14.85 41.60
N GLU I 13 5.53 -15.94 42.33
CA GLU I 13 6.01 -17.26 41.91
C GLU I 13 4.92 -17.98 41.15
N GLU I 14 5.20 -18.30 39.89
CA GLU I 14 4.22 -18.93 39.01
C GLU I 14 3.82 -20.30 39.52
N LYS I 15 2.57 -20.67 39.26
CA LYS I 15 2.11 -22.03 39.51
C LYS I 15 2.36 -22.89 38.27
N GLU I 16 2.18 -24.20 38.43
CA GLU I 16 2.53 -25.12 37.34
C GLU I 16 1.65 -24.92 36.12
N ASN I 17 0.36 -24.68 36.32
CA ASN I 17 -0.53 -24.38 35.21
C ASN I 17 -0.05 -23.18 34.41
N GLU I 18 0.57 -22.21 35.09
CA GLU I 18 1.01 -20.98 34.45
C GLU I 18 2.23 -21.19 33.57
N ARG I 19 2.93 -22.31 33.74
CA ARG I 19 4.12 -22.64 32.95
C ARG I 19 3.79 -23.11 31.54
N ALA I 20 2.51 -23.31 31.22
CA ALA I 20 2.14 -23.99 29.99
C ALA I 20 2.51 -23.17 28.77
N ALA I 21 3.12 -23.85 27.79
CA ALA I 21 3.34 -23.27 26.46
C ALA I 21 2.07 -23.44 25.65
N ALA I 22 1.40 -22.32 25.36
CA ALA I 22 0.10 -22.37 24.70
C ALA I 22 0.21 -22.98 23.30
N GLY I 23 -0.62 -23.99 23.04
CA GLY I 23 -0.68 -24.64 21.75
C GLY I 23 0.09 -25.93 21.65
N TYR I 24 1.10 -26.16 22.52
CA TYR I 24 1.88 -27.38 22.42
C TYR I 24 1.09 -28.61 22.82
N GLY I 25 -0.01 -28.46 23.56
CA GLY I 25 -0.79 -29.62 23.96
C GLY I 25 -1.50 -30.26 22.79
N THR I 26 -2.28 -29.48 22.06
CA THR I 26 -2.98 -30.00 20.89
C THR I 26 -2.00 -30.46 19.82
N PHE I 27 -0.96 -29.66 19.56
CA PHE I 27 0.05 -30.03 18.58
C PHE I 27 0.74 -31.33 18.96
N GLY I 28 1.02 -31.50 20.26
CA GLY I 28 1.67 -32.72 20.73
C GLY I 28 0.76 -33.94 20.66
N TYR I 29 -0.50 -33.80 21.05
CA TYR I 29 -1.46 -34.88 20.85
C TYR I 29 -1.54 -35.29 19.39
N LEU I 30 -1.64 -34.31 18.48
CA LEU I 30 -1.78 -34.64 17.07
C LEU I 30 -0.53 -35.34 16.54
N ILE I 31 0.66 -34.83 16.90
CA ILE I 31 1.89 -35.45 16.42
C ILE I 31 2.05 -36.85 17.01
N THR I 32 1.78 -37.02 18.31
CA THR I 32 1.92 -38.32 18.94
C THR I 32 0.95 -39.33 18.33
N ARG I 33 -0.30 -38.92 18.12
CA ARG I 33 -1.30 -39.84 17.58
C ARG I 33 -1.01 -40.18 16.13
N ILE I 34 -0.56 -39.20 15.34
CA ILE I 34 -0.17 -39.47 13.96
C ILE I 34 0.99 -40.46 13.91
N GLU I 35 2.00 -40.24 14.76
CA GLU I 35 3.14 -41.14 14.82
C GLU I 35 2.71 -42.55 15.21
N GLU I 36 1.84 -42.65 16.21
CA GLU I 36 1.38 -43.96 16.68
C GLU I 36 0.57 -44.69 15.62
N THR I 37 -0.30 -43.96 14.91
CA THR I 37 -1.09 -44.56 13.85
C THR I 37 -0.21 -45.03 12.70
N LEU I 38 0.80 -44.22 12.33
CA LEU I 38 1.72 -44.64 11.28
C LEU I 38 2.49 -45.88 11.70
N TYR I 39 2.89 -45.95 12.98
CA TYR I 39 3.54 -47.16 13.48
C TYR I 39 2.61 -48.37 13.36
N ASP I 40 1.35 -48.22 13.77
CA ASP I 40 0.42 -49.34 13.72
C ASP I 40 0.16 -49.79 12.28
N GLN I 41 0.18 -48.86 11.33
CA GLN I 41 -0.13 -49.25 9.95
C GLN I 41 1.09 -49.85 9.25
N TYR I 42 2.27 -49.24 9.39
CA TYR I 42 3.44 -49.66 8.65
C TYR I 42 4.55 -50.24 9.53
N GLY I 43 4.25 -50.57 10.77
CA GLY I 43 5.20 -51.26 11.64
C GLY I 43 6.52 -50.57 11.85
N VAL I 44 6.65 -49.34 11.37
CA VAL I 44 7.89 -48.58 11.43
C VAL I 44 7.63 -47.32 12.26
N PHE I 45 8.69 -46.64 12.64
CA PHE I 45 8.61 -45.46 13.48
C PHE I 45 8.80 -44.21 12.64
N TYR I 46 7.75 -43.39 12.54
CA TYR I 46 7.84 -42.11 11.86
C TYR I 46 8.16 -41.00 12.87
N GLU I 47 8.65 -39.88 12.36
CA GLU I 47 9.13 -38.80 13.20
C GLU I 47 8.99 -37.49 12.44
N LEU I 48 8.66 -36.43 13.16
CA LEU I 48 8.43 -35.13 12.54
C LEU I 48 9.74 -34.56 12.00
N TYR I 49 9.71 -34.10 10.75
CA TYR I 49 10.87 -33.47 10.11
C TYR I 49 10.61 -32.03 9.70
N ALA I 50 9.36 -31.58 9.68
CA ALA I 50 9.02 -30.20 9.34
C ALA I 50 7.74 -29.84 10.07
N SER I 51 7.80 -28.81 10.92
CA SER I 51 6.68 -28.49 11.79
C SER I 51 5.62 -27.65 11.05
N ASP I 52 6.04 -26.60 10.35
CA ASP I 52 5.15 -25.77 9.54
C ASP I 52 5.87 -25.55 8.21
N ASP I 53 5.78 -26.54 7.33
CA ASP I 53 6.52 -26.57 6.08
C ASP I 53 6.20 -25.38 5.20
N PRO I 54 7.18 -24.49 4.97
CA PRO I 54 6.95 -23.37 4.03
C PRO I 54 7.08 -23.78 2.57
N ASN I 55 7.47 -25.01 2.29
CA ASN I 55 7.72 -25.47 0.93
C ASN I 55 6.44 -26.03 0.32
N THR I 56 6.21 -25.70 -0.95
CA THR I 56 4.95 -26.00 -1.61
C THR I 56 5.04 -27.07 -2.69
N GLU I 57 6.24 -27.38 -3.18
CA GLU I 57 6.37 -28.21 -4.38
C GLU I 57 5.86 -29.63 -4.14
N TYR I 58 6.46 -30.32 -3.17
CA TYR I 58 6.05 -31.71 -2.92
C TYR I 58 4.63 -31.81 -2.38
N TRP I 59 4.10 -30.73 -1.78
CA TRP I 59 2.70 -30.75 -1.36
C TRP I 59 1.79 -30.65 -2.57
N GLU I 60 2.13 -29.80 -3.54
CA GLU I 60 1.42 -29.79 -4.81
C GLU I 60 1.50 -31.15 -5.50
N LEU I 61 2.63 -31.85 -5.38
CA LEU I 61 2.73 -33.17 -5.98
C LEU I 61 1.86 -34.18 -5.25
N LEU I 62 1.76 -34.07 -3.93
CA LEU I 62 0.79 -34.86 -3.18
C LEU I 62 -0.62 -34.62 -3.71
N VAL I 63 -0.97 -33.35 -3.95
CA VAL I 63 -2.30 -33.02 -4.47
C VAL I 63 -2.51 -33.65 -5.84
N GLU I 64 -1.49 -33.57 -6.70
CA GLU I 64 -1.59 -34.19 -8.02
C GLU I 64 -1.83 -35.69 -7.91
N ASP I 65 -1.03 -36.38 -7.09
CA ASP I 65 -1.12 -37.83 -6.98
C ASP I 65 -2.47 -38.25 -6.42
N VAL I 66 -3.00 -37.51 -5.45
CA VAL I 66 -4.31 -37.84 -4.90
C VAL I 66 -5.40 -37.57 -5.94
N ARG I 67 -5.27 -36.50 -6.71
CA ARG I 67 -6.27 -36.17 -7.72
C ARG I 67 -6.34 -37.25 -8.79
N SER I 68 -5.20 -37.81 -9.17
CA SER I 68 -5.14 -38.81 -10.24
C SER I 68 -5.20 -40.24 -9.70
N GLY I 69 -5.61 -40.43 -8.45
CA GLY I 69 -5.69 -41.75 -7.88
C GLY I 69 -4.40 -42.54 -7.91
N SER I 70 -3.25 -41.88 -7.97
CA SER I 70 -1.97 -42.58 -8.05
C SER I 70 -1.78 -43.50 -6.84
N LEU I 71 -1.24 -44.69 -7.09
CA LEU I 71 -1.10 -45.69 -6.04
C LEU I 71 -0.09 -45.26 -4.99
N GLU I 72 0.89 -44.42 -5.36
CA GLU I 72 1.99 -44.10 -4.45
C GLU I 72 1.51 -43.48 -3.13
N PRO I 73 0.69 -42.43 -3.12
CA PRO I 73 0.16 -41.94 -1.84
C PRO I 73 -0.93 -42.86 -1.32
N GLU I 74 -0.85 -43.19 -0.03
CA GLU I 74 -1.81 -44.07 0.60
C GLU I 74 -2.41 -43.37 1.80
N HIS I 75 -3.74 -43.29 1.84
CA HIS I 75 -4.45 -42.61 2.90
C HIS I 75 -4.29 -43.37 4.21
N VAL I 76 -3.69 -42.73 5.21
CA VAL I 76 -3.46 -43.35 6.51
C VAL I 76 -4.56 -43.03 7.49
N ALA I 77 -4.95 -41.76 7.60
CA ALA I 77 -5.97 -41.43 8.60
C ALA I 77 -6.62 -40.09 8.30
N TYR I 78 -7.66 -39.79 9.08
CA TYR I 78 -8.31 -38.49 9.09
C TYR I 78 -8.07 -37.84 10.45
N ILE I 79 -7.76 -36.56 10.46
CA ILE I 79 -7.40 -35.89 11.71
C ILE I 79 -8.64 -35.60 12.56
N PHE I 80 -9.60 -34.86 12.01
CA PHE I 80 -10.80 -34.48 12.75
C PHE I 80 -12.02 -35.20 12.20
N GLU I 81 -12.90 -35.64 13.11
CA GLU I 81 -14.02 -36.48 12.73
C GLU I 81 -15.01 -35.75 11.82
N LYS I 82 -15.47 -34.58 12.25
CA LYS I 82 -16.55 -33.88 11.57
C LYS I 82 -16.06 -32.90 10.51
N LEU I 83 -14.78 -32.88 10.21
CA LEU I 83 -14.28 -32.07 9.10
C LEU I 83 -14.36 -32.87 7.81
N GLU I 84 -13.98 -32.24 6.70
CA GLU I 84 -14.23 -32.82 5.39
C GLU I 84 -13.39 -34.08 5.18
N LYS I 85 -14.03 -35.13 4.67
CA LYS I 85 -13.34 -36.33 4.24
C LYS I 85 -13.03 -36.32 2.75
N LYS I 86 -13.71 -35.48 1.99
CA LYS I 86 -13.53 -35.39 0.55
C LYS I 86 -13.47 -33.92 0.16
N THR I 87 -13.06 -33.67 -1.08
CA THR I 87 -12.95 -32.31 -1.59
C THR I 87 -12.99 -32.36 -3.11
N PHE I 88 -13.05 -31.18 -3.72
CA PHE I 88 -13.05 -31.05 -5.17
C PHE I 88 -12.01 -30.03 -5.58
N ALA I 89 -11.71 -29.99 -6.88
CA ALA I 89 -10.65 -29.14 -7.41
C ALA I 89 -11.19 -28.12 -8.42
N TYR I 90 -12.19 -27.35 -8.02
CA TYR I 90 -12.85 -26.40 -8.90
C TYR I 90 -12.36 -24.98 -8.60
N ASP I 91 -11.90 -24.29 -9.63
CA ASP I 91 -11.48 -22.89 -9.51
C ASP I 91 -12.14 -22.08 -10.62
N GLU I 92 -13.04 -21.18 -10.25
CA GLU I 92 -13.62 -20.24 -11.20
C GLU I 92 -12.52 -19.45 -11.92
N ASP I 93 -11.45 -19.11 -11.19
CA ASP I 93 -10.40 -18.26 -11.73
C ASP I 93 -9.75 -18.89 -12.96
N GLU I 94 -9.60 -20.20 -12.96
CA GLU I 94 -8.98 -20.89 -14.08
C GLU I 94 -10.01 -21.06 -15.20
N LYS I 95 -9.62 -20.64 -16.41
CA LYS I 95 -10.55 -20.66 -17.54
C LYS I 95 -11.10 -22.05 -17.78
N GLU I 96 -10.22 -23.05 -17.89
CA GLU I 96 -10.66 -24.43 -18.04
C GLU I 96 -10.65 -25.11 -16.68
N PRO I 97 -11.76 -25.64 -16.20
CA PRO I 97 -11.80 -26.15 -14.83
C PRO I 97 -11.82 -27.66 -14.70
N ASP I 98 -11.25 -28.17 -13.60
CA ASP I 98 -11.35 -29.56 -13.23
C ASP I 98 -12.45 -29.74 -12.21
N TYR I 99 -13.27 -30.78 -12.38
CA TYR I 99 -14.38 -31.07 -11.49
C TYR I 99 -14.12 -32.30 -10.63
N THR I 100 -12.88 -32.79 -10.61
CA THR I 100 -12.58 -34.04 -9.94
C THR I 100 -12.87 -33.96 -8.44
N VAL I 101 -13.50 -35.01 -7.93
CA VAL I 101 -13.80 -35.14 -6.51
C VAL I 101 -12.92 -36.25 -5.95
N HIS I 102 -12.09 -35.92 -4.96
CA HIS I 102 -11.18 -36.89 -4.38
C HIS I 102 -11.25 -36.80 -2.86
N LYS I 103 -10.38 -37.58 -2.20
CA LYS I 103 -10.25 -37.48 -0.76
C LYS I 103 -9.59 -36.16 -0.39
N SER I 104 -9.92 -35.66 0.81
CA SER I 104 -9.42 -34.37 1.24
C SER I 104 -7.94 -34.44 1.59
N ILE I 105 -7.18 -33.48 1.10
CA ILE I 105 -5.79 -33.34 1.54
C ILE I 105 -5.75 -32.80 2.97
N ARG I 106 -6.42 -31.67 3.20
CA ARG I 106 -6.60 -31.18 4.56
C ARG I 106 -7.44 -32.17 5.35
N ASN I 107 -7.18 -32.23 6.65
CA ASN I 107 -7.80 -33.16 7.61
C ASN I 107 -7.38 -34.61 7.39
N SER I 108 -6.31 -34.86 6.65
CA SER I 108 -5.91 -36.22 6.32
C SER I 108 -4.41 -36.40 6.47
N VAL I 109 -4.02 -37.61 6.85
CA VAL I 109 -2.64 -38.05 6.91
C VAL I 109 -2.43 -39.09 5.83
N TYR I 110 -1.56 -38.78 4.88
CA TYR I 110 -1.17 -39.63 3.76
C TYR I 110 0.27 -40.10 3.98
N ALA I 111 0.68 -41.11 3.22
CA ALA I 111 2.05 -41.61 3.35
C ALA I 111 2.47 -42.33 2.08
N TYR I 112 3.67 -41.99 1.58
CA TYR I 112 4.33 -42.73 0.51
C TYR I 112 5.12 -43.87 1.16
N PRO I 113 4.60 -45.11 1.14
CA PRO I 113 5.21 -46.14 1.99
C PRO I 113 6.57 -46.63 1.54
N GLU I 114 6.86 -46.63 0.24
CA GLU I 114 8.22 -46.95 -0.20
C GLU I 114 9.19 -45.79 0.04
N LYS I 115 8.76 -44.56 -0.20
CA LYS I 115 9.66 -43.43 0.02
C LYS I 115 9.98 -43.23 1.49
N GLY I 116 9.15 -43.76 2.39
CA GLY I 116 9.36 -43.55 3.81
C GLY I 116 9.01 -42.16 4.29
N VAL I 117 8.15 -41.46 3.57
CA VAL I 117 7.80 -40.07 3.88
C VAL I 117 6.29 -39.97 4.02
N ALA I 118 5.84 -39.32 5.09
CA ALA I 118 4.43 -39.13 5.36
C ALA I 118 4.10 -37.64 5.34
N PHE I 119 2.86 -37.34 4.96
CA PHE I 119 2.36 -35.97 4.89
C PHE I 119 1.13 -35.84 5.77
N ALA I 120 1.01 -34.70 6.45
CA ALA I 120 -0.20 -34.40 7.20
C ALA I 120 -0.49 -32.91 7.07
N ARG I 121 -1.76 -32.57 6.92
CA ARG I 121 -2.18 -31.17 6.82
C ARG I 121 -3.20 -30.92 7.92
N ILE I 122 -2.71 -30.62 9.11
CA ILE I 122 -3.56 -30.47 10.29
C ILE I 122 -4.35 -29.17 10.20
N PRO I 123 -5.67 -29.22 10.24
CA PRO I 123 -6.45 -27.98 10.29
C PRO I 123 -6.46 -27.38 11.69
N TYR I 124 -6.59 -26.06 11.73
CA TYR I 124 -6.81 -25.34 12.97
C TYR I 124 -7.71 -24.15 12.72
N PHE I 125 -8.51 -23.81 13.73
CA PHE I 125 -9.41 -22.68 13.69
C PHE I 125 -8.74 -21.50 14.40
N GLN I 126 -8.50 -20.42 13.68
CA GLN I 126 -7.93 -19.23 14.30
C GLN I 126 -8.56 -17.98 13.72
N ASP I 127 -9.00 -17.10 14.61
CA ASP I 127 -9.61 -15.81 14.27
C ASP I 127 -10.57 -15.93 13.09
N GLY I 128 -11.47 -16.91 13.20
CA GLY I 128 -12.53 -17.07 12.24
C GLY I 128 -12.14 -17.68 10.91
N SER I 129 -11.01 -18.36 10.85
CA SER I 129 -10.60 -19.00 9.60
C SER I 129 -10.10 -20.40 9.87
N ILE I 130 -10.32 -21.27 8.88
CA ILE I 130 -9.79 -22.63 8.86
C ILE I 130 -8.47 -22.61 8.11
N MET I 131 -7.37 -22.89 8.80
CA MET I 131 -6.04 -22.86 8.22
C MET I 131 -5.37 -24.21 8.45
N SER I 132 -4.17 -24.38 7.90
CA SER I 132 -3.56 -25.70 7.85
C SER I 132 -2.08 -25.66 8.14
N PHE I 133 -1.67 -26.47 9.12
CA PHE I 133 -0.25 -26.76 9.37
C PHE I 133 0.17 -27.89 8.44
N ASP I 134 1.13 -27.62 7.55
CA ASP I 134 1.69 -28.64 6.69
C ASP I 134 2.86 -29.30 7.43
N CYS I 135 2.64 -30.52 7.90
CA CYS I 135 3.63 -31.28 8.67
C CYS I 135 4.18 -32.41 7.82
N LEU I 136 5.50 -32.59 7.87
CA LEU I 136 6.20 -33.63 7.14
C LEU I 136 6.78 -34.63 8.13
N PHE I 137 6.72 -35.91 7.75
CA PHE I 137 7.17 -37.01 8.61
C PHE I 137 8.08 -37.92 7.82
N ALA I 138 9.02 -38.56 8.52
CA ALA I 138 9.89 -39.54 7.89
C ALA I 138 10.47 -40.46 8.94
N VAL I 139 10.96 -41.61 8.49
CA VAL I 139 11.56 -42.59 9.40
C VAL I 139 13.05 -42.34 9.56
N ASN I 140 13.78 -42.09 8.48
CA ASN I 140 15.21 -41.88 8.55
C ASN I 140 15.61 -40.77 7.58
N ASP I 141 16.76 -40.15 7.87
CA ASP I 141 17.16 -38.97 7.11
C ASP I 141 17.59 -39.30 5.69
N GLU I 142 18.00 -40.54 5.44
CA GLU I 142 18.48 -40.85 4.10
C GLU I 142 17.31 -40.99 3.13
N LYS I 143 16.19 -41.53 3.60
CA LYS I 143 14.97 -41.59 2.79
C LYS I 143 14.41 -40.20 2.54
N MET I 144 14.43 -39.33 3.56
CA MET I 144 14.03 -37.94 3.39
C MET I 144 14.90 -37.25 2.34
N ARG I 145 16.22 -37.49 2.41
CA ARG I 145 17.13 -36.90 1.42
C ARG I 145 16.81 -37.38 0.01
N ALA I 146 16.52 -38.68 -0.14
CA ALA I 146 16.17 -39.21 -1.45
C ALA I 146 14.89 -38.57 -1.98
N PHE I 147 13.88 -38.42 -1.12
CA PHE I 147 12.63 -37.80 -1.53
C PHE I 147 12.84 -36.35 -1.98
N LEU I 148 13.56 -35.58 -1.17
CA LEU I 148 13.83 -34.19 -1.52
C LEU I 148 14.63 -34.09 -2.81
N GLU I 149 15.55 -35.05 -3.04
CA GLU I 149 16.32 -35.07 -4.27
C GLU I 149 15.41 -35.34 -5.47
N GLY I 150 14.46 -36.25 -5.31
CA GLY I 150 13.55 -36.59 -6.40
C GLY I 150 12.41 -35.61 -6.64
N VAL I 151 12.23 -34.63 -5.74
CA VAL I 151 11.15 -33.64 -5.91
C VAL I 151 11.14 -33.04 -7.31
N ARG I 152 12.21 -32.31 -7.67
CA ARG I 152 12.26 -31.63 -8.96
C ARG I 152 12.10 -32.62 -10.12
N PRO I 153 12.78 -33.80 -10.12
CA PRO I 153 12.50 -34.81 -11.13
C PRO I 153 11.02 -35.09 -11.32
N ARG I 154 10.29 -35.35 -10.23
CA ARG I 154 8.84 -35.54 -10.32
C ARG I 154 8.16 -34.34 -10.95
N LEU I 155 8.56 -33.13 -10.51
CA LEU I 155 7.95 -31.89 -10.97
C LEU I 155 7.93 -31.80 -12.49
N TRP I 156 9.05 -32.10 -13.14
CA TRP I 156 9.01 -32.11 -14.60
C TRP I 156 8.79 -33.48 -15.20
N GLU I 157 8.60 -34.51 -14.38
CA GLU I 157 8.09 -35.78 -14.88
C GLU I 157 6.64 -35.65 -15.28
N LYS I 158 5.83 -34.99 -14.44
CA LYS I 158 4.42 -34.85 -14.77
C LYS I 158 4.21 -34.00 -16.02
N SER I 159 5.12 -33.07 -16.29
CA SER I 159 4.93 -32.10 -17.35
C SER I 159 5.51 -32.58 -18.68
N PHE J 8 -9.15 8.58 44.24
CA PHE J 8 -8.89 7.70 43.12
C PHE J 8 -10.18 7.02 42.64
N ILE J 9 -10.37 6.99 41.32
CA ILE J 9 -11.60 6.48 40.75
C ILE J 9 -11.65 4.95 40.85
N TYR J 10 -10.56 4.28 40.47
CA TYR J 10 -10.52 2.83 40.39
C TYR J 10 -10.04 2.28 41.74
N GLN J 11 -10.93 1.56 42.43
CA GLN J 11 -10.64 1.04 43.76
C GLN J 11 -10.70 -0.48 43.85
N TYR J 12 -10.81 -1.19 42.73
CA TYR J 12 -10.76 -2.64 42.77
C TYR J 12 -9.34 -3.10 43.09
N GLU J 13 -9.19 -3.91 44.12
CA GLU J 13 -7.89 -4.42 44.51
C GLU J 13 -7.63 -5.75 43.80
N GLU J 14 -6.61 -5.77 42.96
CA GLU J 14 -6.31 -6.96 42.15
C GLU J 14 -5.68 -8.03 43.03
N LYS J 15 -6.08 -9.28 42.76
CA LYS J 15 -5.51 -10.42 43.48
C LYS J 15 -4.07 -10.66 43.01
N GLU J 16 -3.35 -11.46 43.81
CA GLU J 16 -1.97 -11.80 43.43
C GLU J 16 -1.93 -12.57 42.12
N ASN J 17 -2.95 -13.39 41.86
CA ASN J 17 -3.04 -14.06 40.56
C ASN J 17 -3.27 -13.06 39.44
N GLU J 18 -3.98 -11.97 39.70
CA GLU J 18 -4.21 -10.97 38.67
C GLU J 18 -2.93 -10.23 38.30
N ARG J 19 -1.99 -10.12 39.25
CA ARG J 19 -0.74 -9.42 38.98
C ARG J 19 0.18 -10.19 38.05
N ALA J 20 -0.15 -11.44 37.72
CA ALA J 20 0.73 -12.26 36.89
C ALA J 20 0.92 -11.62 35.52
N ALA J 21 2.17 -11.65 35.06
CA ALA J 21 2.53 -11.12 33.74
C ALA J 21 2.40 -12.24 32.71
N ALA J 22 1.67 -11.96 31.63
CA ALA J 22 1.45 -12.95 30.58
C ALA J 22 2.77 -13.31 29.91
N GLY J 23 2.97 -14.61 29.69
CA GLY J 23 4.13 -15.07 28.96
C GLY J 23 5.36 -15.31 29.79
N TYR J 24 5.53 -14.59 30.90
CA TYR J 24 6.74 -14.74 31.68
C TYR J 24 6.82 -16.08 32.40
N GLY J 25 5.69 -16.71 32.67
CA GLY J 25 5.75 -18.04 33.28
C GLY J 25 6.47 -19.03 32.40
N THR J 26 6.05 -19.13 31.13
CA THR J 26 6.67 -20.07 30.20
C THR J 26 8.11 -19.70 29.91
N PHE J 27 8.39 -18.41 29.70
CA PHE J 27 9.75 -17.97 29.43
C PHE J 27 10.66 -18.27 30.61
N GLY J 28 10.17 -18.01 31.83
CA GLY J 28 10.98 -18.30 33.01
C GLY J 28 11.24 -19.78 33.19
N TYR J 29 10.21 -20.60 32.99
CA TYR J 29 10.41 -22.05 33.09
C TYR J 29 11.46 -22.52 32.08
N LEU J 30 11.31 -22.10 30.82
CA LEU J 30 12.23 -22.56 29.77
C LEU J 30 13.65 -22.07 30.02
N ILE J 31 13.81 -20.82 30.45
CA ILE J 31 15.14 -20.28 30.71
C ILE J 31 15.79 -20.99 31.89
N THR J 32 15.04 -21.17 32.98
CA THR J 32 15.56 -21.88 34.14
C THR J 32 16.01 -23.29 33.77
N ARG J 33 15.21 -24.00 32.97
CA ARG J 33 15.56 -25.37 32.64
C ARG J 33 16.77 -25.42 31.70
N ILE J 34 16.85 -24.49 30.75
CA ILE J 34 17.98 -24.44 29.83
C ILE J 34 19.27 -24.19 30.60
N GLU J 35 19.28 -23.19 31.48
CA GLU J 35 20.48 -22.89 32.25
C GLU J 35 20.82 -24.02 33.21
N GLU J 36 19.81 -24.68 33.79
CA GLU J 36 20.07 -25.80 34.68
C GLU J 36 20.74 -26.94 33.94
N THR J 37 20.25 -27.25 32.73
CA THR J 37 20.88 -28.30 31.92
C THR J 37 22.30 -27.91 31.54
N LEU J 38 22.51 -26.64 31.16
CA LEU J 38 23.86 -26.20 30.82
C LEU J 38 24.81 -26.36 31.99
N TYR J 39 24.36 -26.01 33.20
CA TYR J 39 25.20 -26.20 34.38
C TYR J 39 25.50 -27.67 34.62
N ASP J 40 24.48 -28.52 34.59
CA ASP J 40 24.69 -29.94 34.89
C ASP J 40 25.59 -30.60 33.86
N GLN J 41 25.58 -30.11 32.62
CA GLN J 41 26.40 -30.75 31.59
C GLN J 41 27.83 -30.20 31.55
N TYR J 42 28.02 -28.89 31.72
CA TYR J 42 29.34 -28.30 31.57
C TYR J 42 29.89 -27.68 32.85
N GLY J 43 29.17 -27.77 33.97
CA GLY J 43 29.70 -27.38 35.25
C GLY J 43 29.86 -25.89 35.48
N VAL J 44 29.36 -25.05 34.57
CA VAL J 44 29.48 -23.60 34.71
C VAL J 44 28.09 -22.98 34.68
N PHE J 45 28.00 -21.76 35.21
CA PHE J 45 26.73 -21.02 35.24
C PHE J 45 26.60 -20.18 33.98
N TYR J 46 25.62 -20.50 33.15
CA TYR J 46 25.30 -19.71 31.98
C TYR J 46 24.18 -18.73 32.32
N GLU J 47 24.11 -17.65 31.56
CA GLU J 47 23.05 -16.66 31.77
C GLU J 47 22.70 -15.95 30.47
N LEU J 48 21.49 -15.41 30.45
CA LEU J 48 20.91 -14.82 29.24
C LEU J 48 21.58 -13.50 28.90
N TYR J 49 21.95 -13.32 27.64
CA TYR J 49 22.45 -12.06 27.12
C TYR J 49 21.58 -11.50 26.00
N ALA J 50 20.64 -12.31 25.48
CA ALA J 50 19.69 -11.87 24.46
C ALA J 50 18.44 -12.70 24.59
N SER J 51 17.28 -12.04 24.61
CA SER J 51 16.00 -12.72 24.79
C SER J 51 15.24 -12.94 23.49
N ASP J 52 15.38 -12.05 22.51
CA ASP J 52 14.87 -12.23 21.15
C ASP J 52 15.85 -11.51 20.23
N ASP J 53 17.02 -12.12 20.06
CA ASP J 53 18.15 -11.52 19.37
C ASP J 53 17.79 -11.11 17.95
N PRO J 54 17.67 -9.81 17.68
CA PRO J 54 17.34 -9.36 16.32
C PRO J 54 18.43 -9.62 15.32
N ASN J 55 19.65 -9.93 15.77
CA ASN J 55 20.78 -10.12 14.88
C ASN J 55 20.74 -11.52 14.26
N THR J 56 21.38 -11.65 13.09
CA THR J 56 21.27 -12.84 12.26
C THR J 56 22.60 -13.52 11.97
N GLU J 57 23.71 -12.78 11.93
CA GLU J 57 24.98 -13.29 11.39
C GLU J 57 25.42 -14.56 12.11
N TYR J 58 25.68 -14.46 13.42
CA TYR J 58 26.16 -15.62 14.17
C TYR J 58 25.14 -16.74 14.27
N TRP J 59 23.85 -16.41 14.12
CA TRP J 59 22.85 -17.48 14.05
C TRP J 59 23.01 -18.28 12.76
N GLU J 60 23.25 -17.57 11.65
CA GLU J 60 23.64 -18.25 10.42
C GLU J 60 24.91 -19.07 10.63
N LEU J 61 25.87 -18.55 11.39
CA LEU J 61 27.08 -19.31 11.63
C LEU J 61 26.78 -20.64 12.32
N LEU J 62 25.92 -20.62 13.34
CA LEU J 62 25.48 -21.87 13.96
C LEU J 62 24.87 -22.80 12.94
N VAL J 63 23.93 -22.28 12.12
CA VAL J 63 23.20 -23.13 11.19
C VAL J 63 24.15 -23.81 10.22
N GLU J 64 25.10 -23.03 9.67
CA GLU J 64 26.11 -23.60 8.77
C GLU J 64 27.04 -24.59 9.48
N ASP J 65 27.39 -24.32 10.74
CA ASP J 65 28.25 -25.26 11.45
C ASP J 65 27.56 -26.61 11.65
N VAL J 66 26.25 -26.60 11.88
CA VAL J 66 25.53 -27.87 11.97
C VAL J 66 25.34 -28.48 10.58
N ARG J 67 25.10 -27.63 9.57
CA ARG J 67 24.93 -28.11 8.21
C ARG J 67 26.22 -28.72 7.68
N SER J 68 27.35 -28.08 7.95
CA SER J 68 28.65 -28.61 7.58
C SER J 68 29.17 -29.65 8.57
N GLY J 69 28.32 -30.08 9.50
CA GLY J 69 28.69 -31.10 10.47
C GLY J 69 29.97 -30.83 11.22
N SER J 70 30.28 -29.56 11.45
CA SER J 70 31.45 -29.22 12.24
C SER J 70 31.30 -29.76 13.65
N LEU J 71 32.40 -30.25 14.20
CA LEU J 71 32.39 -30.65 15.60
C LEU J 71 32.38 -29.46 16.54
N GLU J 72 32.29 -28.25 15.98
CA GLU J 72 32.38 -27.03 16.79
C GLU J 72 31.19 -26.85 17.73
N PRO J 73 29.93 -26.96 17.27
CA PRO J 73 28.81 -26.82 18.21
C PRO J 73 28.36 -28.17 18.75
N GLU J 74 28.12 -28.20 20.06
CA GLU J 74 27.64 -29.39 20.73
C GLU J 74 26.14 -29.26 20.96
N HIS J 75 25.39 -30.28 20.53
CA HIS J 75 23.96 -30.33 20.75
C HIS J 75 23.71 -30.68 22.21
N VAL J 76 23.18 -29.72 22.96
CA VAL J 76 22.94 -29.92 24.39
C VAL J 76 21.58 -30.54 24.64
N ALA J 77 20.51 -29.94 24.11
CA ALA J 77 19.19 -30.41 24.51
C ALA J 77 18.15 -30.14 23.43
N TYR J 78 16.98 -30.75 23.61
CA TYR J 78 15.80 -30.47 22.81
C TYR J 78 14.76 -29.82 23.71
N ILE J 79 14.17 -28.71 23.25
CA ILE J 79 13.28 -27.95 24.11
C ILE J 79 11.93 -28.63 24.25
N PHE J 80 11.31 -29.04 23.14
CA PHE J 80 10.00 -29.68 23.16
C PHE J 80 10.09 -31.09 22.60
N GLU J 81 9.39 -32.01 23.26
CA GLU J 81 9.49 -33.42 22.92
C GLU J 81 8.98 -33.71 21.51
N LYS J 82 7.76 -33.26 21.21
CA LYS J 82 7.08 -33.65 19.98
C LYS J 82 7.31 -32.71 18.82
N LEU J 83 8.16 -31.69 18.97
CA LEU J 83 8.51 -30.85 17.83
C LEU J 83 9.71 -31.44 17.11
N GLU J 84 10.13 -30.79 16.03
CA GLU J 84 11.12 -31.39 15.13
C GLU J 84 12.46 -31.59 15.85
N LYS J 85 13.00 -32.79 15.71
CA LYS J 85 14.35 -33.08 16.14
C LYS J 85 15.35 -33.04 14.98
N LYS J 86 14.85 -33.07 13.75
CA LYS J 86 15.65 -33.03 12.54
C LYS J 86 15.09 -31.93 11.64
N THR J 87 15.81 -31.62 10.56
CA THR J 87 15.34 -30.66 9.57
C THR J 87 16.25 -30.74 8.35
N PHE J 88 15.83 -30.06 7.30
CA PHE J 88 16.55 -30.07 6.03
C PHE J 88 16.64 -28.65 5.49
N ALA J 89 17.52 -28.46 4.50
CA ALA J 89 17.85 -27.15 3.98
C ALA J 89 17.35 -26.93 2.55
N TYR J 90 16.46 -27.78 2.05
CA TYR J 90 15.91 -27.58 0.72
C TYR J 90 15.11 -26.28 0.68
N ASP J 91 15.43 -25.43 -0.29
CA ASP J 91 14.65 -24.23 -0.56
C ASP J 91 14.30 -24.22 -2.05
N GLU J 92 13.02 -24.39 -2.35
CA GLU J 92 12.55 -24.47 -3.73
C GLU J 92 12.99 -23.26 -4.54
N ASP J 93 13.01 -22.09 -3.93
CA ASP J 93 13.36 -20.87 -4.65
C ASP J 93 14.84 -20.81 -5.00
N GLU J 94 15.69 -21.43 -4.18
CA GLU J 94 17.11 -21.48 -4.49
C GLU J 94 17.35 -22.39 -5.69
N LYS J 95 18.03 -21.87 -6.71
CA LYS J 95 18.24 -22.65 -7.93
C LYS J 95 19.14 -23.84 -7.67
N GLU J 96 20.22 -23.65 -6.92
CA GLU J 96 21.11 -24.75 -6.54
C GLU J 96 20.64 -25.31 -5.21
N PRO J 97 20.07 -26.51 -5.16
CA PRO J 97 19.43 -26.97 -3.92
C PRO J 97 20.32 -27.83 -3.04
N ASP J 98 20.38 -27.49 -1.76
CA ASP J 98 21.12 -28.26 -0.77
C ASP J 98 20.16 -29.20 -0.05
N TYR J 99 20.38 -30.51 -0.20
CA TYR J 99 19.51 -31.53 0.37
C TYR J 99 20.05 -32.09 1.68
N THR J 100 21.06 -31.47 2.26
CA THR J 100 21.62 -31.96 3.52
C THR J 100 20.56 -31.98 4.60
N VAL J 101 20.47 -33.10 5.31
CA VAL J 101 19.56 -33.25 6.43
C VAL J 101 20.38 -33.13 7.71
N HIS J 102 20.13 -32.09 8.48
CA HIS J 102 20.86 -31.87 9.72
C HIS J 102 19.87 -31.90 10.89
N LYS J 103 20.41 -31.79 12.09
CA LYS J 103 19.54 -31.68 13.24
C LYS J 103 18.94 -30.28 13.30
N SER J 104 17.85 -30.16 14.04
CA SER J 104 17.06 -28.93 14.00
C SER J 104 17.71 -27.83 14.80
N ILE J 105 17.79 -26.63 14.21
CA ILE J 105 18.21 -25.46 14.98
C ILE J 105 17.08 -25.03 15.91
N ARG J 106 15.89 -24.81 15.35
CA ARG J 106 14.71 -24.61 16.18
C ARG J 106 14.41 -25.87 16.98
N ASN J 107 13.96 -25.68 18.22
CA ASN J 107 13.61 -26.72 19.19
C ASN J 107 14.86 -27.31 19.86
N SER J 108 16.03 -26.71 19.67
CA SER J 108 17.27 -27.28 20.17
C SER J 108 18.14 -26.23 20.84
N VAL J 109 18.89 -26.67 21.85
CA VAL J 109 19.88 -25.86 22.55
C VAL J 109 21.25 -26.42 22.21
N TYR J 110 22.10 -25.55 21.64
CA TYR J 110 23.44 -25.88 21.16
C TYR J 110 24.46 -25.03 21.90
N ALA J 111 25.63 -25.59 22.20
CA ALA J 111 26.63 -24.84 22.95
C ALA J 111 28.01 -25.00 22.34
N TYR J 112 28.74 -23.87 22.23
CA TYR J 112 30.16 -23.85 21.92
C TYR J 112 30.91 -23.82 23.24
N PRO J 113 31.19 -24.97 23.86
CA PRO J 113 31.61 -24.96 25.27
C PRO J 113 32.93 -24.27 25.54
N GLU J 114 33.91 -24.36 24.64
CA GLU J 114 35.16 -23.63 24.84
C GLU J 114 34.96 -22.13 24.69
N LYS J 115 34.13 -21.73 23.73
CA LYS J 115 33.87 -20.31 23.50
C LYS J 115 32.94 -19.70 24.55
N GLY J 116 32.35 -20.53 25.42
CA GLY J 116 31.52 -20.03 26.51
C GLY J 116 30.23 -19.39 26.05
N VAL J 117 29.59 -19.94 25.02
CA VAL J 117 28.40 -19.34 24.43
C VAL J 117 27.41 -20.45 24.12
N ALA J 118 26.12 -20.16 24.34
CA ALA J 118 25.05 -21.11 24.09
C ALA J 118 23.96 -20.43 23.28
N PHE J 119 23.28 -21.21 22.45
CA PHE J 119 22.22 -20.74 21.58
C PHE J 119 20.99 -21.59 21.82
N ALA J 120 19.81 -20.98 21.73
CA ALA J 120 18.57 -21.73 21.85
C ALA J 120 17.48 -21.04 21.04
N ARG J 121 16.93 -21.75 20.05
CA ARG J 121 15.82 -21.22 19.26
C ARG J 121 14.54 -21.86 19.80
N ILE J 122 13.88 -21.15 20.70
CA ILE J 122 12.71 -21.69 21.40
C ILE J 122 11.47 -21.47 20.54
N PRO J 123 10.68 -22.50 20.27
CA PRO J 123 9.46 -22.31 19.47
C PRO J 123 8.26 -21.88 20.29
N TYR J 124 7.46 -21.00 19.70
CA TYR J 124 6.19 -20.59 20.28
C TYR J 124 5.13 -20.56 19.18
N PHE J 125 3.88 -20.80 19.57
CA PHE J 125 2.77 -20.74 18.64
C PHE J 125 1.97 -19.46 18.87
N GLN J 126 1.92 -18.61 17.84
CA GLN J 126 1.08 -17.43 17.83
C GLN J 126 0.25 -17.43 16.55
N ASP J 127 -1.05 -17.17 16.67
CA ASP J 127 -1.99 -17.30 15.55
C ASP J 127 -1.87 -18.69 14.91
N GLY J 128 -1.59 -19.68 15.74
CA GLY J 128 -1.27 -21.01 15.24
C GLY J 128 0.17 -21.11 14.78
N SER J 129 0.50 -20.36 13.72
CA SER J 129 1.80 -20.47 13.06
C SER J 129 2.95 -20.45 14.05
N ILE J 130 3.91 -21.35 13.84
CA ILE J 130 5.03 -21.55 14.76
C ILE J 130 6.14 -20.58 14.40
N MET J 131 6.56 -19.78 15.39
CA MET J 131 7.66 -18.85 15.26
C MET J 131 8.69 -19.16 16.33
N SER J 132 9.83 -18.47 16.29
CA SER J 132 10.95 -18.87 17.13
C SER J 132 11.63 -17.68 17.79
N PHE J 133 11.72 -17.74 19.11
CA PHE J 133 12.51 -16.82 19.92
C PHE J 133 13.97 -17.25 19.85
N ASP J 134 14.84 -16.40 19.33
CA ASP J 134 16.27 -16.68 19.39
C ASP J 134 16.83 -16.16 20.72
N CYS J 135 17.45 -17.04 21.48
CA CYS J 135 17.99 -16.74 22.81
C CYS J 135 19.48 -17.08 22.84
N LEU J 136 20.24 -16.22 23.50
CA LEU J 136 21.69 -16.33 23.55
C LEU J 136 22.14 -16.32 25.00
N PHE J 137 23.08 -17.22 25.33
CA PHE J 137 23.57 -17.39 26.69
C PHE J 137 25.08 -17.31 26.70
N ALA J 138 25.63 -16.90 27.83
CA ALA J 138 27.09 -16.86 28.00
C ALA J 138 27.43 -17.07 29.46
N VAL J 139 28.67 -17.54 29.70
CA VAL J 139 29.14 -17.71 31.07
C VAL J 139 29.58 -16.39 31.65
N ASN J 140 30.35 -15.62 30.90
CA ASN J 140 30.88 -14.34 31.36
C ASN J 140 30.93 -13.36 30.20
N ASP J 141 30.89 -12.07 30.54
CA ASP J 141 30.83 -11.02 29.52
C ASP J 141 32.03 -11.07 28.60
N GLU J 142 33.17 -11.52 29.11
CA GLU J 142 34.40 -11.50 28.32
C GLU J 142 34.37 -12.57 27.24
N LYS J 143 33.82 -13.74 27.58
CA LYS J 143 33.60 -14.78 26.57
C LYS J 143 32.65 -14.29 25.48
N MET J 144 31.63 -13.51 25.87
CA MET J 144 30.69 -12.97 24.90
C MET J 144 31.38 -11.98 23.97
N ARG J 145 32.19 -11.08 24.54
CA ARG J 145 32.98 -10.17 23.73
C ARG J 145 33.85 -10.95 22.74
N ALA J 146 34.52 -12.01 23.21
CA ALA J 146 35.40 -12.77 22.34
C ALA J 146 34.62 -13.46 21.22
N PHE J 147 33.44 -14.00 21.54
CA PHE J 147 32.63 -14.65 20.50
C PHE J 147 32.19 -13.66 19.44
N LEU J 148 31.63 -12.52 19.87
CA LEU J 148 31.24 -11.49 18.92
C LEU J 148 32.44 -11.01 18.11
N GLU J 149 33.62 -10.96 18.74
CA GLU J 149 34.84 -10.57 18.04
C GLU J 149 35.17 -11.54 16.92
N GLY J 150 35.09 -12.84 17.21
CA GLY J 150 35.39 -13.86 16.22
C GLY J 150 34.30 -14.10 15.19
N VAL J 151 33.10 -13.56 15.40
CA VAL J 151 31.99 -13.80 14.47
C VAL J 151 32.37 -13.43 13.04
N ARG J 152 32.81 -12.18 12.82
CA ARG J 152 33.07 -11.71 11.47
C ARG J 152 34.25 -12.44 10.80
N PRO J 153 35.36 -12.69 11.52
CA PRO J 153 36.39 -13.56 10.93
C PRO J 153 35.89 -14.94 10.56
N ARG J 154 34.89 -15.48 11.27
CA ARG J 154 34.31 -16.76 10.88
C ARG J 154 33.63 -16.65 9.53
N LEU J 155 32.88 -15.57 9.30
CA LEU J 155 32.31 -15.32 7.97
C LEU J 155 33.40 -15.22 6.91
N TRP J 156 34.48 -14.51 7.23
CA TRP J 156 35.57 -14.38 6.26
C TRP J 156 36.17 -15.75 5.93
N GLU J 157 36.29 -16.62 6.94
CA GLU J 157 36.81 -17.96 6.69
C GLU J 157 35.87 -18.77 5.80
N LYS J 158 34.57 -18.71 6.07
CA LYS J 158 33.63 -19.39 5.19
C LYS J 158 33.69 -18.83 3.78
N SER J 159 34.03 -17.54 3.63
CA SER J 159 34.12 -16.95 2.30
C SER J 159 35.30 -17.54 1.52
N LYS J 160 36.43 -17.77 2.19
CA LYS J 160 37.63 -18.28 1.52
C LYS J 160 37.42 -19.71 1.03
N PRO K 7 -36.93 1.01 29.65
CA PRO K 7 -35.81 1.30 30.54
C PRO K 7 -34.46 1.04 29.87
N PHE K 8 -33.70 0.10 30.41
CA PHE K 8 -32.38 -0.26 29.89
C PHE K 8 -32.44 -1.68 29.33
N ILE K 9 -32.04 -1.84 28.07
CA ILE K 9 -32.09 -3.14 27.43
C ILE K 9 -31.17 -4.13 28.15
N TYR K 10 -29.96 -3.68 28.49
CA TYR K 10 -28.98 -4.54 29.14
C TYR K 10 -29.24 -4.52 30.65
N GLN K 11 -29.52 -5.70 31.21
CA GLN K 11 -29.90 -5.81 32.62
C GLN K 11 -29.16 -6.96 33.30
N TYR K 12 -27.87 -7.10 33.01
CA TYR K 12 -27.00 -8.05 33.69
C TYR K 12 -26.08 -7.28 34.62
N GLU K 13 -26.07 -7.66 35.90
CA GLU K 13 -25.27 -6.96 36.89
C GLU K 13 -23.89 -7.58 37.00
N GLU K 14 -22.88 -6.73 36.97
CA GLU K 14 -21.49 -7.19 36.94
C GLU K 14 -21.08 -7.82 38.27
N LYS K 15 -20.36 -8.93 38.18
CA LYS K 15 -19.58 -9.39 39.31
C LYS K 15 -18.33 -8.54 39.43
N GLU K 16 -17.71 -8.55 40.62
CA GLU K 16 -16.58 -7.66 40.84
C GLU K 16 -15.36 -8.07 40.01
N ASN K 17 -15.24 -9.35 39.69
CA ASN K 17 -14.10 -9.79 38.88
C ASN K 17 -14.17 -9.19 37.48
N GLU K 18 -15.37 -9.02 36.94
CA GLU K 18 -15.54 -8.44 35.62
C GLU K 18 -15.23 -6.94 35.62
N ARG K 19 -15.24 -6.30 36.79
CA ARG K 19 -14.93 -4.88 36.88
C ARG K 19 -13.47 -4.57 36.58
N ALA K 20 -12.59 -5.56 36.68
CA ALA K 20 -11.16 -5.31 36.61
C ALA K 20 -10.75 -4.78 35.24
N ALA K 21 -9.55 -4.21 35.19
CA ALA K 21 -8.96 -3.68 33.97
C ALA K 21 -7.79 -4.54 33.54
N ALA K 22 -7.69 -4.81 32.25
CA ALA K 22 -6.61 -5.65 31.73
C ALA K 22 -5.29 -4.90 31.78
N GLY K 23 -4.28 -5.53 32.39
CA GLY K 23 -2.93 -5.01 32.38
C GLY K 23 -2.59 -4.09 33.53
N TYR K 24 -3.57 -3.38 34.11
CA TYR K 24 -3.26 -2.46 35.20
C TYR K 24 -2.78 -3.18 36.44
N GLY K 25 -3.32 -4.38 36.69
CA GLY K 25 -2.87 -5.13 37.86
C GLY K 25 -1.39 -5.40 37.84
N THR K 26 -0.87 -5.83 36.69
CA THR K 26 0.57 -6.03 36.55
C THR K 26 1.31 -4.70 36.55
N PHE K 27 0.77 -3.70 35.84
CA PHE K 27 1.43 -2.40 35.78
C PHE K 27 1.52 -1.77 37.16
N GLY K 28 0.41 -1.75 37.89
CA GLY K 28 0.43 -1.19 39.24
C GLY K 28 1.42 -1.89 40.15
N TYR K 29 1.45 -3.23 40.08
CA TYR K 29 2.40 -3.99 40.90
C TYR K 29 3.84 -3.62 40.59
N LEU K 30 4.18 -3.54 39.30
CA LEU K 30 5.55 -3.23 38.91
C LEU K 30 5.91 -1.78 39.26
N ILE K 31 5.01 -0.85 38.98
CA ILE K 31 5.26 0.56 39.30
C ILE K 31 5.41 0.74 40.81
N THR K 32 4.51 0.11 41.58
CA THR K 32 4.58 0.21 43.04
C THR K 32 5.91 -0.30 43.55
N ARG K 33 6.35 -1.45 43.06
CA ARG K 33 7.57 -2.07 43.56
C ARG K 33 8.83 -1.38 43.04
N ILE K 34 8.74 -0.69 41.89
CA ILE K 34 9.85 0.17 41.46
C ILE K 34 9.96 1.37 42.38
N GLU K 35 8.82 2.01 42.69
CA GLU K 35 8.81 3.13 43.62
C GLU K 35 9.30 2.72 45.00
N GLU K 36 8.88 1.54 45.46
CA GLU K 36 9.36 1.03 46.74
C GLU K 36 10.86 0.79 46.71
N THR K 37 11.37 0.21 45.62
CA THR K 37 12.80 -0.12 45.54
C THR K 37 13.65 1.13 45.50
N LEU K 38 13.18 2.19 44.84
CA LEU K 38 13.95 3.42 44.75
C LEU K 38 13.98 4.13 46.10
N TYR K 39 12.86 4.15 46.82
CA TYR K 39 12.83 4.72 48.16
C TYR K 39 13.80 4.01 49.09
N ASP K 40 13.79 2.68 49.07
CA ASP K 40 14.59 1.91 50.03
C ASP K 40 16.07 1.84 49.65
N GLN K 41 16.48 2.50 48.59
CA GLN K 41 17.90 2.67 48.27
C GLN K 41 18.36 4.12 48.35
N TYR K 42 17.54 5.06 47.89
CA TYR K 42 17.91 6.47 47.89
C TYR K 42 17.23 7.29 48.98
N GLY K 43 16.25 6.72 49.68
CA GLY K 43 15.58 7.43 50.75
C GLY K 43 14.59 8.48 50.32
N VAL K 44 14.36 8.66 49.03
CA VAL K 44 13.46 9.69 48.51
C VAL K 44 12.34 9.03 47.73
N PHE K 45 11.12 9.53 47.92
CA PHE K 45 9.97 9.03 47.19
C PHE K 45 10.05 9.44 45.72
N TYR K 46 9.93 8.47 44.83
CA TYR K 46 9.88 8.71 43.39
C TYR K 46 8.45 8.50 42.92
N GLU K 47 8.08 9.18 41.83
CA GLU K 47 6.73 9.06 41.30
C GLU K 47 6.77 9.07 39.78
N LEU K 48 5.76 8.44 39.19
CA LEU K 48 5.70 8.28 37.75
C LEU K 48 5.31 9.60 37.07
N TYR K 49 6.10 9.98 36.06
CA TYR K 49 5.81 11.15 35.24
C TYR K 49 5.52 10.82 33.78
N ALA K 50 5.91 9.64 33.31
CA ALA K 50 5.58 9.16 31.97
C ALA K 50 5.48 7.64 32.03
N SER K 51 4.41 7.10 31.45
CA SER K 51 4.13 5.67 31.52
C SER K 51 4.66 4.90 30.32
N ASP K 52 4.58 5.47 29.11
CA ASP K 52 5.22 4.91 27.92
C ASP K 52 5.80 6.09 27.15
N ASP K 53 6.94 6.59 27.64
CA ASP K 53 7.55 7.79 27.11
C ASP K 53 7.80 7.69 25.61
N PRO K 54 7.15 8.52 24.79
CA PRO K 54 7.48 8.55 23.37
C PRO K 54 8.81 9.22 23.08
N ASN K 55 9.35 9.97 24.04
CA ASN K 55 10.59 10.72 23.82
C ASN K 55 11.78 9.76 23.79
N THR K 56 12.75 10.08 22.95
CA THR K 56 13.88 9.19 22.71
C THR K 56 15.25 9.82 22.95
N GLU K 57 15.35 11.15 23.06
CA GLU K 57 16.66 11.78 23.15
C GLU K 57 17.37 11.40 24.45
N TYR K 58 16.68 11.50 25.59
CA TYR K 58 17.35 11.20 26.84
C TYR K 58 17.42 9.71 27.15
N TRP K 59 16.61 8.89 26.48
CA TRP K 59 16.78 7.44 26.61
C TRP K 59 18.04 6.97 25.88
N GLU K 60 18.35 7.59 24.75
CA GLU K 60 19.58 7.27 24.03
C GLU K 60 20.80 7.67 24.84
N LEU K 61 20.75 8.84 25.49
CA LEU K 61 21.85 9.27 26.35
C LEU K 61 22.08 8.30 27.49
N LEU K 62 21.01 7.68 28.00
CA LEU K 62 21.16 6.74 29.10
C LEU K 62 21.91 5.48 28.66
N VAL K 63 21.60 4.96 27.47
CA VAL K 63 22.27 3.73 27.03
C VAL K 63 23.75 3.98 26.76
N GLU K 64 24.11 5.19 26.34
CA GLU K 64 25.52 5.50 26.11
C GLU K 64 26.26 5.67 27.43
N ASP K 65 25.61 6.31 28.41
CA ASP K 65 26.22 6.46 29.73
C ASP K 65 26.47 5.10 30.37
N VAL K 66 25.56 4.14 30.14
CA VAL K 66 25.80 2.78 30.62
C VAL K 66 26.87 2.09 29.78
N ARG K 67 26.89 2.37 28.48
CA ARG K 67 27.89 1.74 27.60
C ARG K 67 29.28 2.31 27.85
N SER K 68 29.38 3.59 28.18
CA SER K 68 30.68 4.20 28.44
C SER K 68 31.26 3.85 29.79
N GLY K 69 30.63 2.93 30.52
CA GLY K 69 31.01 2.70 31.91
C GLY K 69 30.86 3.91 32.82
N SER K 70 30.16 4.95 32.39
CA SER K 70 30.03 6.18 33.19
C SER K 70 29.42 5.89 34.56
N LEU K 71 29.95 6.54 35.59
CA LEU K 71 29.41 6.44 36.93
C LEU K 71 28.26 7.42 37.15
N GLU K 72 27.84 8.14 36.11
CA GLU K 72 26.68 9.02 36.21
C GLU K 72 25.40 8.25 36.53
N PRO K 73 25.02 7.19 35.79
CA PRO K 73 23.80 6.48 36.13
C PRO K 73 24.06 5.28 37.04
N GLU K 74 23.14 5.07 37.97
CA GLU K 74 23.25 4.03 38.99
C GLU K 74 22.22 2.95 38.73
N HIS K 75 22.67 1.71 38.65
CA HIS K 75 21.82 0.57 38.33
C HIS K 75 21.15 0.08 39.59
N VAL K 76 19.82 0.17 39.64
CA VAL K 76 19.09 -0.07 40.88
C VAL K 76 18.60 -1.52 40.98
N ALA K 77 17.88 -2.00 39.96
CA ALA K 77 17.24 -3.30 40.08
C ALA K 77 16.97 -3.88 38.70
N TYR K 78 16.56 -5.15 38.70
CA TYR K 78 16.11 -5.84 37.50
C TYR K 78 14.62 -6.11 37.65
N ILE K 79 13.87 -5.97 36.57
CA ILE K 79 12.41 -6.13 36.65
C ILE K 79 12.03 -7.60 36.74
N PHE K 80 12.39 -8.40 35.74
CA PHE K 80 12.05 -9.81 35.71
C PHE K 80 13.30 -10.65 35.98
N GLU K 81 13.12 -11.68 36.79
CA GLU K 81 14.27 -12.43 37.32
C GLU K 81 15.05 -13.12 36.22
N LYS K 82 14.36 -13.83 35.32
CA LYS K 82 15.01 -14.72 34.37
C LYS K 82 15.09 -14.14 32.97
N LEU K 83 14.80 -12.85 32.78
CA LEU K 83 15.01 -12.21 31.50
C LEU K 83 16.46 -11.73 31.41
N GLU K 84 16.77 -10.98 30.36
CA GLU K 84 18.14 -10.56 30.09
C GLU K 84 18.68 -9.72 31.25
N LYS K 85 19.98 -9.87 31.49
CA LYS K 85 20.69 -9.07 32.47
C LYS K 85 21.92 -8.39 31.91
N LYS K 86 22.33 -8.73 30.68
CA LYS K 86 23.38 -8.05 29.94
C LYS K 86 22.94 -7.98 28.48
N THR K 87 23.62 -7.15 27.70
CA THR K 87 23.29 -7.02 26.27
C THR K 87 24.46 -6.38 25.55
N PHE K 88 24.35 -6.32 24.23
CA PHE K 88 25.38 -5.71 23.37
C PHE K 88 24.69 -4.96 22.24
N ALA K 89 25.43 -4.03 21.64
CA ALA K 89 24.89 -3.12 20.64
C ALA K 89 25.28 -3.51 19.21
N TYR K 90 25.65 -4.78 18.98
CA TYR K 90 26.05 -5.24 17.66
C TYR K 90 24.93 -5.05 16.66
N ASP K 91 25.04 -4.03 15.82
CA ASP K 91 24.11 -3.77 14.72
C ASP K 91 24.83 -4.09 13.43
N GLU K 92 24.48 -5.24 12.82
CA GLU K 92 25.15 -5.65 11.58
C GLU K 92 24.98 -4.60 10.49
N ASP K 93 23.91 -3.80 10.54
CA ASP K 93 23.69 -2.78 9.54
C ASP K 93 24.86 -1.81 9.47
N GLU K 94 25.46 -1.49 10.62
CA GLU K 94 26.57 -0.55 10.67
C GLU K 94 27.87 -1.22 10.23
N LYS K 95 28.71 -0.42 9.58
CA LYS K 95 30.01 -0.93 9.14
C LYS K 95 30.92 -1.22 10.31
N GLU K 96 30.73 -0.54 11.43
CA GLU K 96 31.56 -0.70 12.62
C GLU K 96 30.85 -1.61 13.60
N PRO K 97 31.28 -2.87 13.76
CA PRO K 97 30.70 -3.70 14.82
C PRO K 97 31.20 -3.27 16.19
N ASP K 98 30.27 -3.16 17.13
CA ASP K 98 30.59 -2.87 18.52
C ASP K 98 30.55 -4.15 19.33
N TYR K 99 31.64 -4.44 20.04
CA TYR K 99 31.75 -5.60 20.89
C TYR K 99 31.54 -5.26 22.36
N THR K 100 31.22 -4.00 22.66
CA THR K 100 31.04 -3.58 24.05
C THR K 100 29.88 -4.31 24.69
N VAL K 101 30.16 -5.04 25.77
CA VAL K 101 29.12 -5.69 26.56
C VAL K 101 28.79 -4.76 27.72
N HIS K 102 27.58 -4.18 27.69
CA HIS K 102 27.14 -3.28 28.75
C HIS K 102 25.93 -3.88 29.47
N LYS K 103 25.58 -3.26 30.59
CA LYS K 103 24.43 -3.70 31.35
C LYS K 103 23.15 -3.43 30.56
N SER K 104 22.11 -4.19 30.88
CA SER K 104 20.88 -4.17 30.11
C SER K 104 20.07 -2.93 30.43
N ILE K 105 19.68 -2.18 29.39
CA ILE K 105 18.71 -1.11 29.56
C ILE K 105 17.33 -1.71 29.81
N ARG K 106 16.91 -2.64 28.95
CA ARG K 106 15.65 -3.33 29.13
C ARG K 106 15.79 -4.37 30.24
N ASN K 107 14.73 -4.48 31.05
CA ASN K 107 14.66 -5.32 32.26
C ASN K 107 15.44 -4.74 33.42
N SER K 108 15.70 -3.43 33.45
CA SER K 108 16.48 -2.82 34.51
C SER K 108 15.94 -1.45 34.85
N VAL K 109 16.23 -1.02 36.07
CA VAL K 109 15.82 0.29 36.58
C VAL K 109 17.08 1.09 36.88
N TYR K 110 17.26 2.20 36.17
CA TYR K 110 18.38 3.10 36.37
C TYR K 110 17.90 4.36 37.07
N ALA K 111 18.84 5.08 37.67
CA ALA K 111 18.50 6.29 38.41
C ALA K 111 19.68 7.24 38.47
N TYR K 112 19.44 8.51 38.15
CA TYR K 112 20.40 9.59 38.35
C TYR K 112 20.08 10.23 39.69
N PRO K 113 20.79 9.88 40.78
CA PRO K 113 20.37 10.39 42.10
C PRO K 113 20.53 11.89 42.24
N GLU K 114 21.62 12.47 41.73
CA GLU K 114 21.78 13.92 41.77
C GLU K 114 20.66 14.61 40.99
N LYS K 115 20.42 14.16 39.76
CA LYS K 115 19.37 14.76 38.94
C LYS K 115 17.98 14.41 39.44
N GLY K 116 17.85 13.36 40.25
CA GLY K 116 16.56 12.98 40.81
C GLY K 116 15.62 12.32 39.84
N VAL K 117 16.14 11.69 38.79
CA VAL K 117 15.32 11.09 37.73
C VAL K 117 15.71 9.62 37.59
N ALA K 118 14.71 8.78 37.36
CA ALA K 118 14.93 7.35 37.17
C ALA K 118 14.33 6.92 35.83
N PHE K 119 14.81 5.78 35.34
CA PHE K 119 14.35 5.21 34.08
C PHE K 119 14.05 3.73 34.28
N ALA K 120 13.02 3.24 33.59
CA ALA K 120 12.65 1.83 33.64
C ALA K 120 12.17 1.38 32.28
N ARG K 121 12.77 0.30 31.77
CA ARG K 121 12.35 -0.36 30.54
C ARG K 121 11.70 -1.68 30.95
N ILE K 122 10.37 -1.66 31.10
CA ILE K 122 9.62 -2.78 31.64
C ILE K 122 9.26 -3.72 30.49
N PRO K 123 9.76 -4.97 30.49
CA PRO K 123 9.42 -5.90 29.41
C PRO K 123 8.00 -6.46 29.57
N TYR K 124 7.33 -6.63 28.45
CA TYR K 124 6.03 -7.29 28.42
C TYR K 124 5.99 -8.27 27.27
N PHE K 125 5.36 -9.42 27.50
CA PHE K 125 5.19 -10.44 26.48
C PHE K 125 3.83 -10.24 25.83
N GLN K 126 3.82 -9.64 24.64
CA GLN K 126 2.64 -9.53 23.82
C GLN K 126 3.10 -9.63 22.37
N ASP K 127 2.15 -9.90 21.47
CA ASP K 127 2.52 -10.22 20.09
C ASP K 127 3.43 -11.45 20.14
N GLY K 128 4.39 -11.54 19.21
CA GLY K 128 5.40 -12.56 19.28
C GLY K 128 6.61 -12.08 20.05
N SER K 129 7.27 -11.05 19.53
CA SER K 129 8.49 -10.53 20.12
C SER K 129 8.22 -9.89 21.47
N ILE K 130 9.30 -9.58 22.19
CA ILE K 130 9.25 -8.89 23.48
C ILE K 130 9.50 -7.41 23.23
N MET K 131 8.57 -6.57 23.67
CA MET K 131 8.70 -5.12 23.61
C MET K 131 8.79 -4.58 25.04
N SER K 132 8.67 -3.27 25.19
CA SER K 132 8.92 -2.69 26.51
C SER K 132 8.16 -1.39 26.72
N PHE K 133 7.73 -1.19 27.96
CA PHE K 133 7.28 0.11 28.44
C PHE K 133 8.51 0.93 28.81
N ASP K 134 8.55 2.19 28.38
CA ASP K 134 9.59 3.12 28.84
C ASP K 134 8.95 4.12 29.79
N CYS K 135 9.30 4.02 31.07
CA CYS K 135 8.72 4.83 32.12
C CYS K 135 9.74 5.81 32.67
N LEU K 136 9.28 7.03 32.97
CA LEU K 136 10.09 8.03 33.64
C LEU K 136 9.59 8.24 35.07
N PHE K 137 10.51 8.36 36.00
CA PHE K 137 10.22 8.67 37.39
C PHE K 137 11.02 9.89 37.81
N ALA K 138 10.50 10.60 38.81
CA ALA K 138 11.19 11.79 39.30
C ALA K 138 10.76 12.06 40.73
N VAL K 139 11.68 12.67 41.49
CA VAL K 139 11.39 13.00 42.88
C VAL K 139 10.33 14.10 42.96
N ASN K 140 10.51 15.17 42.19
CA ASN K 140 9.60 16.30 42.24
C ASN K 140 9.56 16.95 40.86
N ASP K 141 8.74 18.01 40.73
CA ASP K 141 8.57 18.68 39.44
C ASP K 141 9.84 19.42 39.02
N GLU K 142 10.52 20.07 39.97
CA GLU K 142 11.66 20.89 39.61
C GLU K 142 12.85 20.04 39.17
N LYS K 143 13.07 18.90 39.82
CA LYS K 143 14.12 17.99 39.39
C LYS K 143 13.86 17.51 37.96
N MET K 144 12.61 17.23 37.64
CA MET K 144 12.25 16.85 36.27
C MET K 144 12.54 17.97 35.29
N ARG K 145 12.11 19.19 35.61
CA ARG K 145 12.33 20.31 34.72
C ARG K 145 13.81 20.55 34.47
N ALA K 146 14.63 20.43 35.53
CA ALA K 146 16.06 20.63 35.37
C ALA K 146 16.69 19.52 34.52
N PHE K 147 16.30 18.27 34.78
CA PHE K 147 16.78 17.16 33.96
C PHE K 147 16.38 17.33 32.50
N LEU K 148 15.09 17.57 32.26
CA LEU K 148 14.61 17.75 30.89
C LEU K 148 15.41 18.81 30.15
N GLU K 149 15.87 19.85 30.86
CA GLU K 149 16.59 20.91 30.20
C GLU K 149 18.06 20.55 29.96
N GLY K 150 18.60 19.61 30.73
CA GLY K 150 19.97 19.16 30.56
C GLY K 150 20.19 18.21 29.41
N VAL K 151 19.11 17.76 28.75
CA VAL K 151 19.26 16.81 27.65
C VAL K 151 19.97 17.48 26.47
N ARG K 152 19.48 18.65 26.05
CA ARG K 152 20.09 19.34 24.92
C ARG K 152 21.55 19.70 25.15
N PRO K 153 21.98 20.15 26.33
CA PRO K 153 23.42 20.36 26.55
C PRO K 153 24.25 19.10 26.33
N ARG K 154 23.89 17.98 26.98
CA ARG K 154 24.70 16.77 26.88
C ARG K 154 24.75 16.25 25.46
N LEU K 155 23.68 16.46 24.68
CA LEU K 155 23.68 16.05 23.28
C LEU K 155 24.72 16.82 22.48
N TRP K 156 25.01 18.06 22.87
CA TRP K 156 26.01 18.88 22.18
C TRP K 156 27.41 18.35 22.44
N GLU K 157 27.68 17.88 23.66
CA GLU K 157 29.02 17.38 23.99
C GLU K 157 29.34 16.11 23.21
N LYS K 158 28.43 15.14 23.22
CA LYS K 158 28.65 13.90 22.48
C LYS K 158 28.77 14.12 20.99
N SER K 159 28.21 15.23 20.48
CA SER K 159 28.30 15.52 19.06
C SER K 159 29.68 16.04 18.69
N LYS K 160 30.26 16.90 19.52
CA LYS K 160 31.57 17.48 19.22
C LYS K 160 32.68 16.54 19.64
N ASN L 5 -43.33 -25.03 13.23
CA ASN L 5 -42.20 -25.26 14.13
C ASN L 5 -41.03 -25.87 13.37
N ILE L 6 -40.04 -25.05 13.05
CA ILE L 6 -38.87 -25.50 12.29
C ILE L 6 -37.70 -25.65 13.26
N PRO L 7 -36.70 -26.46 12.94
CA PRO L 7 -35.61 -26.70 13.87
C PRO L 7 -34.59 -25.56 13.90
N PHE L 8 -33.79 -25.57 14.96
CA PHE L 8 -32.64 -24.69 15.10
C PHE L 8 -31.41 -25.54 15.37
N ILE L 9 -30.31 -25.20 14.70
CA ILE L 9 -29.09 -25.98 14.85
C ILE L 9 -28.45 -25.74 16.21
N TYR L 10 -28.47 -24.49 16.68
CA TYR L 10 -27.86 -24.15 17.97
C TYR L 10 -28.87 -24.42 19.08
N GLN L 11 -28.75 -25.59 19.71
CA GLN L 11 -29.55 -25.91 20.89
C GLN L 11 -28.78 -25.68 22.19
N TYR L 12 -27.54 -25.17 22.11
CA TYR L 12 -26.81 -24.83 23.31
C TYR L 12 -27.37 -23.56 23.92
N GLU L 13 -27.27 -23.47 25.24
CA GLU L 13 -27.94 -22.44 26.02
C GLU L 13 -26.96 -21.73 26.93
N GLU L 14 -26.98 -20.40 26.86
CA GLU L 14 -25.89 -19.54 27.33
C GLU L 14 -25.84 -19.47 28.84
N LYS L 15 -24.65 -19.65 29.40
CA LYS L 15 -24.43 -19.29 30.80
C LYS L 15 -24.68 -17.79 30.96
N GLU L 16 -25.24 -17.39 32.11
CA GLU L 16 -25.56 -15.97 32.31
C GLU L 16 -24.31 -15.10 32.21
N ASN L 17 -23.13 -15.67 32.37
CA ASN L 17 -21.91 -14.88 32.26
C ASN L 17 -21.69 -14.45 30.82
N GLU L 18 -21.95 -15.36 29.89
CA GLU L 18 -21.79 -15.09 28.47
C GLU L 18 -22.74 -13.98 28.01
N ARG L 19 -23.76 -13.66 28.80
CA ARG L 19 -24.59 -12.50 28.52
C ARG L 19 -23.81 -11.20 28.62
N ALA L 20 -22.76 -11.19 29.45
CA ALA L 20 -22.03 -9.95 29.72
C ALA L 20 -21.28 -9.48 28.48
N ALA L 21 -21.41 -8.19 28.19
CA ALA L 21 -20.61 -7.58 27.15
C ALA L 21 -19.16 -7.48 27.60
N ALA L 22 -18.26 -7.42 26.61
CA ALA L 22 -16.83 -7.35 26.88
C ALA L 22 -16.39 -5.90 26.98
N GLY L 23 -15.82 -5.53 28.12
CA GLY L 23 -15.30 -4.20 28.34
C GLY L 23 -16.26 -3.24 29.01
N TYR L 24 -17.56 -3.51 28.97
CA TYR L 24 -18.52 -2.59 29.57
C TYR L 24 -18.40 -2.53 31.08
N GLY L 25 -18.01 -3.64 31.72
CA GLY L 25 -17.90 -3.66 33.17
C GLY L 25 -16.91 -2.63 33.69
N THR L 26 -15.70 -2.60 33.10
CA THR L 26 -14.72 -1.59 33.48
C THR L 26 -15.19 -0.18 33.13
N PHE L 27 -15.71 -0.02 31.91
CA PHE L 27 -16.18 1.29 31.48
C PHE L 27 -17.34 1.78 32.34
N GLY L 28 -18.24 0.86 32.73
CA GLY L 28 -19.36 1.25 33.57
C GLY L 28 -18.94 1.60 34.99
N TYR L 29 -18.06 0.78 35.57
CA TYR L 29 -17.51 1.10 36.89
C TYR L 29 -16.88 2.49 36.92
N LEU L 30 -16.08 2.80 35.90
CA LEU L 30 -15.40 4.09 35.85
C LEU L 30 -16.39 5.24 35.67
N ILE L 31 -17.31 5.10 34.72
CA ILE L 31 -18.32 6.14 34.50
C ILE L 31 -19.15 6.34 35.75
N THR L 32 -19.52 5.25 36.42
CA THR L 32 -20.30 5.36 37.65
C THR L 32 -19.49 6.07 38.74
N ARG L 33 -18.22 5.67 38.91
CA ARG L 33 -17.41 6.27 39.96
C ARG L 33 -17.06 7.72 39.64
N ILE L 34 -16.76 8.02 38.38
CA ILE L 34 -16.49 9.40 37.98
C ILE L 34 -17.70 10.27 38.26
N GLU L 35 -18.89 9.78 37.89
CA GLU L 35 -20.13 10.51 38.18
C GLU L 35 -20.29 10.74 39.67
N GLU L 36 -20.16 9.67 40.46
CA GLU L 36 -20.30 9.79 41.91
C GLU L 36 -19.29 10.77 42.48
N THR L 37 -18.06 10.76 41.96
CA THR L 37 -17.04 11.68 42.45
C THR L 37 -17.38 13.12 42.08
N LEU L 38 -17.88 13.34 40.86
CA LEU L 38 -18.34 14.67 40.49
C LEU L 38 -19.56 15.08 41.32
N TYR L 39 -20.38 14.10 41.72
CA TYR L 39 -21.56 14.40 42.53
C TYR L 39 -21.16 14.84 43.93
N ASP L 40 -20.16 14.18 44.54
CA ASP L 40 -19.72 14.55 45.87
C ASP L 40 -18.96 15.87 45.89
N GLN L 41 -18.30 16.22 44.79
CA GLN L 41 -17.46 17.42 44.81
C GLN L 41 -18.26 18.68 44.55
N TYR L 42 -19.18 18.65 43.58
CA TYR L 42 -19.96 19.83 43.21
C TYR L 42 -21.43 19.71 43.55
N GLY L 43 -21.85 18.64 44.24
CA GLY L 43 -23.20 18.54 44.75
C GLY L 43 -24.28 18.42 43.71
N VAL L 44 -23.95 18.19 42.44
CA VAL L 44 -24.93 18.09 41.37
C VAL L 44 -24.71 16.80 40.60
N PHE L 45 -25.68 16.46 39.76
CA PHE L 45 -25.62 15.25 38.95
C PHE L 45 -24.95 15.55 37.62
N TYR L 46 -23.81 14.89 37.38
CA TYR L 46 -23.06 15.01 36.14
C TYR L 46 -23.27 13.73 35.35
N GLU L 47 -23.48 13.85 34.04
CA GLU L 47 -23.76 12.67 33.23
C GLU L 47 -22.97 12.71 31.93
N LEU L 48 -22.77 11.51 31.37
CA LEU L 48 -21.96 11.35 30.18
C LEU L 48 -22.68 11.88 28.95
N TYR L 49 -21.93 12.51 28.04
CA TYR L 49 -22.47 12.97 26.77
C TYR L 49 -21.63 12.47 25.60
N ALA L 50 -20.33 12.29 25.82
CA ALA L 50 -19.43 11.76 24.80
C ALA L 50 -18.59 10.63 25.41
N SER L 51 -18.56 9.48 24.74
CA SER L 51 -17.88 8.31 25.27
C SER L 51 -16.48 8.12 24.69
N ASP L 52 -16.23 8.58 23.45
CA ASP L 52 -14.89 8.63 22.87
C ASP L 52 -14.90 9.81 21.90
N ASP L 53 -14.74 11.01 22.47
CA ASP L 53 -14.91 12.26 21.73
C ASP L 53 -13.98 12.32 20.52
N PRO L 54 -14.51 12.44 19.30
CA PRO L 54 -13.66 12.64 18.13
C PRO L 54 -13.22 14.08 17.91
N ASN L 55 -13.56 14.98 18.83
CA ASN L 55 -13.28 16.40 18.68
C ASN L 55 -12.08 16.76 19.54
N THR L 56 -11.09 17.43 18.93
CA THR L 56 -9.85 17.77 19.61
C THR L 56 -9.82 19.18 20.16
N GLU L 57 -10.69 20.07 19.67
CA GLU L 57 -10.54 21.49 19.96
C GLU L 57 -10.72 21.80 21.44
N TYR L 58 -11.85 21.35 22.03
CA TYR L 58 -12.06 21.65 23.43
C TYR L 58 -11.19 20.79 24.35
N TRP L 59 -10.57 19.73 23.82
CA TRP L 59 -9.63 18.97 24.63
C TRP L 59 -8.24 19.60 24.64
N GLU L 60 -7.80 20.14 23.52
CA GLU L 60 -6.53 20.86 23.52
C GLU L 60 -6.64 22.22 24.18
N LEU L 61 -7.84 22.80 24.24
CA LEU L 61 -8.09 23.92 25.13
C LEU L 61 -7.83 23.53 26.58
N LEU L 62 -8.26 22.32 26.96
CA LEU L 62 -8.07 21.85 28.33
C LEU L 62 -6.59 21.70 28.65
N VAL L 63 -5.80 21.21 27.70
CA VAL L 63 -4.39 20.94 27.97
C VAL L 63 -3.63 22.24 28.21
N GLU L 64 -3.84 23.25 27.36
CA GLU L 64 -3.11 24.51 27.50
C GLU L 64 -3.54 25.27 28.75
N ASP L 65 -4.84 25.22 29.09
CA ASP L 65 -5.29 25.83 30.33
C ASP L 65 -4.60 25.23 31.54
N VAL L 66 -4.50 23.90 31.58
CA VAL L 66 -3.78 23.22 32.66
C VAL L 66 -2.30 23.58 32.62
N ARG L 67 -1.72 23.61 31.42
CA ARG L 67 -0.30 23.94 31.29
C ARG L 67 -0.01 25.36 31.76
N SER L 68 -0.88 26.31 31.42
CA SER L 68 -0.66 27.71 31.75
C SER L 68 -1.00 28.05 33.19
N GLY L 69 -1.36 27.07 34.01
CA GLY L 69 -1.77 27.34 35.37
C GLY L 69 -3.08 28.08 35.51
N SER L 70 -3.84 28.23 34.42
CA SER L 70 -5.12 28.93 34.46
C SER L 70 -6.03 28.33 35.50
N LEU L 71 -6.69 29.20 36.27
CA LEU L 71 -7.58 28.77 37.35
C LEU L 71 -8.87 28.13 36.84
N GLU L 72 -9.16 28.27 35.55
CA GLU L 72 -10.46 27.85 35.02
C GLU L 72 -10.74 26.36 35.20
N PRO L 73 -9.81 25.43 34.90
CA PRO L 73 -10.12 24.00 35.10
C PRO L 73 -9.70 23.47 36.46
N GLU L 74 -10.56 22.68 37.09
CA GLU L 74 -10.28 22.07 38.38
C GLU L 74 -10.08 20.57 38.22
N HIS L 75 -9.20 20.01 39.04
CA HIS L 75 -8.81 18.61 38.95
C HIS L 75 -9.59 17.83 40.02
N VAL L 76 -10.57 17.05 39.59
CA VAL L 76 -11.45 16.37 40.54
C VAL L 76 -10.73 15.19 41.19
N ALA L 77 -10.21 14.27 40.40
CA ALA L 77 -9.60 13.06 40.94
C ALA L 77 -8.70 12.44 39.88
N TYR L 78 -8.06 11.34 40.27
CA TYR L 78 -7.21 10.54 39.40
C TYR L 78 -7.88 9.20 39.15
N ILE L 79 -7.77 8.69 37.92
CA ILE L 79 -8.41 7.41 37.59
C ILE L 79 -7.72 6.26 38.30
N PHE L 80 -6.42 6.10 38.08
CA PHE L 80 -5.68 4.96 38.60
C PHE L 80 -4.58 5.42 39.54
N GLU L 81 -4.32 4.61 40.56
CA GLU L 81 -3.36 4.98 41.60
C GLU L 81 -1.95 5.05 41.06
N LYS L 82 -1.44 3.92 40.54
CA LYS L 82 -0.04 3.81 40.16
C LYS L 82 0.22 4.20 38.71
N LEU L 83 -0.73 4.84 38.05
CA LEU L 83 -0.48 5.44 36.76
C LEU L 83 0.00 6.88 36.94
N GLU L 84 0.18 7.57 35.82
CA GLU L 84 0.79 8.90 35.85
C GLU L 84 -0.09 9.89 36.63
N LYS L 85 0.55 10.64 37.53
CA LYS L 85 -0.10 11.72 38.25
C LYS L 85 0.35 13.08 37.78
N LYS L 86 1.39 13.15 36.95
CA LYS L 86 1.91 14.40 36.41
C LYS L 86 2.56 14.10 35.08
N THR L 87 2.91 15.15 34.34
CA THR L 87 3.46 14.99 33.01
C THR L 87 4.19 16.27 32.61
N PHE L 88 4.85 16.21 31.44
CA PHE L 88 5.55 17.35 30.88
C PHE L 88 5.20 17.47 29.40
N ALA L 89 5.60 18.61 28.81
CA ALA L 89 5.25 18.91 27.43
C ALA L 89 6.48 19.06 26.54
N TYR L 90 7.38 18.10 26.60
CA TYR L 90 8.64 18.14 25.84
C TYR L 90 8.47 17.33 24.57
N ASP L 91 8.60 17.99 23.41
CA ASP L 91 8.58 17.32 22.11
C ASP L 91 9.92 17.57 21.44
N GLU L 92 10.69 16.49 21.25
CA GLU L 92 11.98 16.59 20.60
C GLU L 92 11.87 17.18 19.20
N ASP L 93 10.73 16.94 18.53
CA ASP L 93 10.53 17.49 17.19
C ASP L 93 10.47 19.01 17.21
N GLU L 94 9.85 19.58 18.26
CA GLU L 94 9.64 21.01 18.32
C GLU L 94 10.96 21.76 18.53
N LYS L 95 11.21 22.74 17.66
CA LYS L 95 12.35 23.62 17.85
C LYS L 95 12.15 24.55 19.05
N GLU L 96 10.92 24.67 19.54
CA GLU L 96 10.57 25.43 20.73
C GLU L 96 10.50 24.48 21.92
N PRO L 97 11.60 24.27 22.65
CA PRO L 97 11.59 23.26 23.72
C PRO L 97 10.77 23.73 24.90
N ASP L 98 9.68 23.01 25.19
CA ASP L 98 8.82 23.31 26.31
C ASP L 98 9.21 22.43 27.48
N TYR L 99 9.44 23.04 28.64
CA TYR L 99 9.93 22.32 29.82
C TYR L 99 8.96 22.46 30.99
N THR L 100 7.66 22.39 30.73
CA THR L 100 6.65 22.65 31.73
C THR L 100 6.12 21.34 32.31
N VAL L 101 6.15 21.23 33.64
CA VAL L 101 5.63 20.07 34.34
C VAL L 101 4.31 20.46 34.98
N HIS L 102 3.22 19.87 34.50
CA HIS L 102 1.88 20.12 35.03
C HIS L 102 1.22 18.79 35.39
N LYS L 103 0.05 18.88 36.00
CA LYS L 103 -0.71 17.68 36.32
C LYS L 103 -1.19 17.01 35.04
N SER L 104 -1.29 15.69 35.08
CA SER L 104 -1.53 14.92 33.88
C SER L 104 -2.93 15.16 33.32
N ILE L 105 -3.02 15.08 31.99
CA ILE L 105 -4.32 15.05 31.33
C ILE L 105 -4.91 13.64 31.38
N ARG L 106 -4.11 12.66 30.97
CA ARG L 106 -4.48 11.27 31.10
C ARG L 106 -4.42 10.86 32.57
N ASN L 107 -5.29 9.92 32.95
CA ASN L 107 -5.44 9.45 34.32
C ASN L 107 -6.01 10.52 35.26
N SER L 108 -6.65 11.56 34.71
CA SER L 108 -7.14 12.67 35.51
C SER L 108 -8.48 13.15 35.01
N VAL L 109 -9.35 13.56 35.93
CA VAL L 109 -10.66 14.12 35.62
C VAL L 109 -10.58 15.62 35.86
N TYR L 110 -10.89 16.41 34.84
CA TYR L 110 -10.91 17.86 34.94
C TYR L 110 -12.33 18.36 34.72
N ALA L 111 -12.65 19.50 35.35
CA ALA L 111 -14.00 20.03 35.26
C ALA L 111 -13.98 21.54 35.40
N TYR L 112 -14.74 22.21 34.52
CA TYR L 112 -15.02 23.63 34.61
C TYR L 112 -16.34 23.79 35.34
N PRO L 113 -16.36 24.00 36.67
CA PRO L 113 -17.64 24.09 37.39
C PRO L 113 -18.49 25.28 36.97
N GLU L 114 -17.87 26.33 36.42
CA GLU L 114 -18.62 27.48 35.93
C GLU L 114 -19.56 27.08 34.80
N LYS L 115 -19.05 26.33 33.83
CA LYS L 115 -19.76 25.98 32.62
C LYS L 115 -20.57 24.69 32.76
N GLY L 116 -20.52 24.03 33.91
CA GLY L 116 -21.32 22.84 34.13
C GLY L 116 -20.90 21.66 33.28
N VAL L 117 -19.60 21.48 33.09
CA VAL L 117 -19.06 20.41 32.25
C VAL L 117 -17.89 19.76 32.98
N ALA L 118 -17.53 18.56 32.52
CA ALA L 118 -16.44 17.80 33.11
C ALA L 118 -15.69 17.04 32.01
N PHE L 119 -14.38 16.93 32.18
CA PHE L 119 -13.49 16.27 31.23
C PHE L 119 -12.82 15.09 31.90
N ALA L 120 -12.74 13.96 31.19
CA ALA L 120 -12.09 12.77 31.70
C ALA L 120 -11.41 12.04 30.55
N ARG L 121 -10.09 11.89 30.64
CA ARG L 121 -9.30 11.13 29.67
C ARG L 121 -8.88 9.84 30.36
N ILE L 122 -9.67 8.79 30.15
CA ILE L 122 -9.50 7.55 30.92
C ILE L 122 -8.45 6.68 30.24
N PRO L 123 -7.48 6.15 30.98
CA PRO L 123 -6.44 5.31 30.37
C PRO L 123 -6.84 3.85 30.33
N TYR L 124 -6.52 3.21 29.21
CA TYR L 124 -6.81 1.79 29.01
C TYR L 124 -5.61 1.11 28.36
N PHE L 125 -5.39 -0.14 28.75
CA PHE L 125 -4.27 -0.95 28.28
C PHE L 125 -4.73 -1.82 27.12
N GLN L 126 -4.02 -1.74 25.99
CA GLN L 126 -4.33 -2.59 24.85
C GLN L 126 -3.13 -2.64 23.91
N ASP L 127 -2.75 -3.86 23.52
CA ASP L 127 -1.64 -4.08 22.59
C ASP L 127 -0.35 -3.45 23.09
N GLY L 128 -0.08 -3.58 24.39
CA GLY L 128 1.13 -3.04 24.96
C GLY L 128 1.05 -1.58 25.28
N SER L 129 1.19 -0.74 24.25
CA SER L 129 1.17 0.71 24.44
C SER L 129 -0.12 1.16 25.11
N ILE L 130 0.01 2.12 26.03
CA ILE L 130 -1.15 2.65 26.73
C ILE L 130 -1.87 3.64 25.83
N MET L 131 -3.19 3.51 25.76
CA MET L 131 -4.05 4.41 25.00
C MET L 131 -5.08 5.01 25.95
N SER L 132 -5.89 5.94 25.44
CA SER L 132 -6.78 6.69 26.31
C SER L 132 -8.12 6.97 25.64
N PHE L 133 -9.18 6.83 26.42
CA PHE L 133 -10.50 7.34 26.06
C PHE L 133 -10.55 8.83 26.41
N ASP L 134 -11.24 9.61 25.59
CA ASP L 134 -11.61 10.98 25.95
C ASP L 134 -13.13 11.02 26.13
N CYS L 135 -13.57 11.12 27.39
CA CYS L 135 -14.97 11.14 27.74
C CYS L 135 -15.37 12.53 28.21
N LEU L 136 -16.55 12.98 27.78
CA LEU L 136 -17.06 14.29 28.15
C LEU L 136 -18.31 14.14 29.01
N PHE L 137 -18.47 15.07 29.94
CA PHE L 137 -19.56 15.03 30.91
C PHE L 137 -20.26 16.39 30.95
N ALA L 138 -21.45 16.40 31.52
CA ALA L 138 -22.22 17.63 31.70
C ALA L 138 -23.38 17.36 32.66
N VAL L 139 -23.75 18.39 33.41
CA VAL L 139 -24.88 18.27 34.32
C VAL L 139 -26.18 18.11 33.53
N ASN L 140 -26.44 19.03 32.61
CA ASN L 140 -27.60 18.94 31.75
C ASN L 140 -27.25 19.49 30.38
N ASP L 141 -28.00 19.05 29.37
CA ASP L 141 -27.73 19.46 28.00
C ASP L 141 -27.84 20.97 27.82
N GLU L 142 -28.68 21.62 28.65
CA GLU L 142 -28.77 23.08 28.61
C GLU L 142 -27.45 23.71 29.00
N LYS L 143 -26.76 23.14 29.99
CA LYS L 143 -25.42 23.59 30.33
C LYS L 143 -24.44 23.30 29.20
N MET L 144 -24.53 22.11 28.61
CA MET L 144 -23.56 21.67 27.61
C MET L 144 -23.63 22.53 26.35
N ARG L 145 -24.84 22.91 25.94
CA ARG L 145 -25.00 23.69 24.71
C ARG L 145 -24.25 25.02 24.81
N ALA L 146 -24.25 25.64 25.99
CA ALA L 146 -23.50 26.87 26.18
C ALA L 146 -22.00 26.64 26.06
N PHE L 147 -21.50 25.54 26.65
CA PHE L 147 -20.08 25.22 26.53
C PHE L 147 -19.69 25.00 25.08
N LEU L 148 -20.47 24.20 24.35
CA LEU L 148 -20.21 23.98 22.94
C LEU L 148 -20.25 25.30 22.17
N GLU L 149 -21.22 26.15 22.48
CA GLU L 149 -21.21 27.51 21.94
C GLU L 149 -19.96 28.26 22.38
N GLY L 150 -19.50 28.01 23.60
CA GLY L 150 -18.41 28.78 24.16
C GLY L 150 -17.03 28.41 23.64
N VAL L 151 -16.91 27.25 22.98
CA VAL L 151 -15.60 26.79 22.52
C VAL L 151 -15.02 27.78 21.51
N ARG L 152 -15.81 28.16 20.51
CA ARG L 152 -15.29 29.01 19.44
C ARG L 152 -14.86 30.40 19.92
N PRO L 153 -15.58 31.09 20.81
CA PRO L 153 -15.07 32.38 21.28
C PRO L 153 -13.75 32.27 22.03
N ARG L 154 -13.54 31.21 22.80
CA ARG L 154 -12.29 31.08 23.54
C ARG L 154 -11.13 30.76 22.60
N LEU L 155 -11.37 29.90 21.62
CA LEU L 155 -10.36 29.62 20.60
C LEU L 155 -10.00 30.87 19.81
N TRP L 156 -10.88 31.87 19.80
CA TRP L 156 -10.66 33.07 19.00
C TRP L 156 -9.62 33.99 19.60
N GLU L 157 -9.65 34.20 20.93
CA GLU L 157 -8.73 35.14 21.54
C GLU L 157 -7.28 34.75 21.29
N LYS L 158 -7.00 33.44 21.27
CA LYS L 158 -5.65 32.97 20.98
C LYS L 158 -5.23 33.37 19.56
N SER L 159 -6.17 33.34 18.62
CA SER L 159 -5.91 33.74 17.24
C SER L 159 -5.54 35.22 17.16
#